data_5TH9
#
_entry.id   5TH9
#
_cell.length_a   168.167
_cell.length_b   168.167
_cell.length_c   234.735
_cell.angle_alpha   90.000
_cell.angle_beta   90.000
_cell.angle_gamma   90.000
#
_symmetry.space_group_name_H-M   'P 43 21 2'
#
loop_
_entity.id
_entity.type
_entity.pdbx_description
1 polymer 'GS-5745 Fab light chain'
2 polymer 'GS-5745 Fab heavy chain'
3 polymer 'Matrix metalloproteinase-9,Matrix metalloproteinase-9'
4 non-polymer 'ZINC ION'
5 non-polymer 'CALCIUM ION'
6 non-polymer 'COBALT HEXAMMINE(III)'
7 water water
#
loop_
_entity_poly.entity_id
_entity_poly.type
_entity_poly.pdbx_seq_one_letter_code
_entity_poly.pdbx_strand_id
1 'polypeptide(L)'
;DIQMTQSPSSLSASVGDRVTITCKASQDVRNTVAWYQQKPGKAPKLLIYSSSYRNTGVPDRFSGSGSGTDFTLTISSLQA
EDVAVYYCQQHYITPYTFGGGTKVEIKRTVAAPSVFIFPPSDEQLKSGTASVVCLLNNFYPREAKVQWKVDNALQSGNSQ
ESVTEQDSKDSTYSLSSTLTLSKADYEKHKVYACEVTHQGLSSPVTKSFNRGEC
;
L,M,N
2 'polypeptide(L)'
;QVQLQESGPGLVKPSETLSLTCTVSGFSLLSYGVHWVRQPPGKGLEWLGVIWTGGTTNYNSALMSRFTISKDDSKNTVYL
KMNSLKTEDTAIYYCARYYYGMDYWGQGTLVTVSSASTKGPSVFPLAPCSRSTSESTAALGCLVKDYFPEPVTVSWNSGA
LTSGVHTFPAVLQSSGLYSLSSVVTVPSSSLGTKTYTCNVDHKPSNTKVDKRVESKYGPPCPPCPAPEFL
;
H,I,J
3 'polypeptide(L)'
;MATDRQLAEEYLYRYGYTRVAEMRGESKSLGPALLLLQKQLSLPETGELDSATLKAMRTPRCGVPDLGRFQTFEGDLKWH
HHNITYWIQNYSEDLPRAVIDDAFARAFALWSAVTPLTFTRVYSRDADIVIQFGVAEHGDGYPFDGKDGLLAHAFPPGPG
IQGDAHFDDDELWSLGKGQGYSLFLVAAHEFGHALGLDHSSVPEALMYPMYRFTEGPPLHKDDVNGIRHLY
;
A,B,C
#
# COMPACT_ATOMS: atom_id res chain seq x y z
N ASP A 1 -3.36 1.41 13.97
CA ASP A 1 -3.94 0.68 12.86
C ASP A 1 -4.55 1.61 11.86
N ILE A 2 -4.51 1.20 10.60
CA ILE A 2 -5.12 1.95 9.51
C ILE A 2 -6.49 1.35 9.21
N GLN A 3 -7.51 2.19 9.18
CA GLN A 3 -8.85 1.73 8.86
C GLN A 3 -9.12 1.93 7.39
N MET A 4 -9.81 0.97 6.79
CA MET A 4 -10.24 1.04 5.40
C MET A 4 -11.75 0.97 5.38
N THR A 5 -12.39 1.97 4.80
CA THR A 5 -13.85 2.08 4.82
C THR A 5 -14.38 1.95 3.42
N GLN A 6 -15.05 0.83 3.14
CA GLN A 6 -15.64 0.59 1.84
C GLN A 6 -17.08 1.04 1.78
N SER A 7 -17.44 1.70 0.69
CA SER A 7 -18.80 2.18 0.47
C SER A 7 -19.20 1.92 -0.96
N PRO A 8 -20.41 1.39 -1.17
CA PRO A 8 -21.41 1.00 -0.18
C PRO A 8 -21.19 -0.38 0.34
N SER A 9 -21.91 -0.78 1.37
CA SER A 9 -21.75 -2.14 1.85
C SER A 9 -22.40 -3.14 0.93
N SER A 10 -23.35 -2.72 0.09
CA SER A 10 -23.88 -3.57 -0.95
C SER A 10 -24.48 -2.69 -2.04
N LEU A 11 -24.65 -3.27 -3.22
CA LEU A 11 -25.29 -2.52 -4.28
C LEU A 11 -25.93 -3.49 -5.27
N SER A 12 -27.00 -3.05 -5.90
CA SER A 12 -27.73 -3.82 -6.88
C SER A 12 -27.77 -3.04 -8.18
N ALA A 13 -27.31 -3.65 -9.26
CA ALA A 13 -27.24 -3.00 -10.55
C ALA A 13 -27.64 -3.99 -11.64
N SER A 14 -27.73 -3.50 -12.87
CA SER A 14 -28.14 -4.32 -14.00
C SER A 14 -26.94 -4.62 -14.89
N VAL A 15 -27.08 -5.68 -15.69
CA VAL A 15 -26.03 -6.01 -16.64
C VAL A 15 -25.85 -4.86 -17.61
N GLY A 16 -24.62 -4.37 -17.71
CA GLY A 16 -24.29 -3.25 -18.56
C GLY A 16 -24.07 -1.95 -17.83
N ASP A 17 -24.65 -1.81 -16.65
CA ASP A 17 -24.43 -0.62 -15.86
C ASP A 17 -22.97 -0.50 -15.47
N ARG A 18 -22.55 0.71 -15.15
CA ARG A 18 -21.22 0.95 -14.64
C ARG A 18 -21.29 1.12 -13.14
N VAL A 19 -20.49 0.34 -12.41
CA VAL A 19 -20.54 0.26 -10.96
C VAL A 19 -19.28 0.90 -10.40
N THR A 20 -19.41 1.53 -9.23
CA THR A 20 -18.28 2.19 -8.59
C THR A 20 -18.31 1.89 -7.10
N ILE A 21 -17.23 1.29 -6.59
CA ILE A 21 -17.00 1.03 -5.17
C ILE A 21 -15.84 1.89 -4.72
N THR A 22 -15.93 2.46 -3.52
CA THR A 22 -14.83 3.25 -2.99
C THR A 22 -14.28 2.61 -1.73
N CYS A 23 -13.10 3.08 -1.32
CA CYS A 23 -12.41 2.52 -0.16
C CYS A 23 -11.55 3.63 0.41
N LYS A 24 -11.92 4.19 1.56
CA LYS A 24 -11.20 5.30 2.15
C LYS A 24 -10.27 4.80 3.23
N ALA A 25 -9.07 5.35 3.24
CA ALA A 25 -8.06 4.95 4.19
C ALA A 25 -7.92 6.01 5.28
N SER A 26 -7.83 5.56 6.52
CA SER A 26 -7.80 6.52 7.61
C SER A 26 -6.55 7.38 7.59
N GLN A 27 -5.51 6.96 6.88
CA GLN A 27 -4.32 7.77 6.73
C GLN A 27 -3.65 7.40 5.41
N ASP A 28 -2.67 8.21 5.03
CA ASP A 28 -2.00 8.05 3.74
C ASP A 28 -1.38 6.67 3.62
N VAL A 29 -1.64 6.02 2.50
CA VAL A 29 -1.42 4.60 2.31
C VAL A 29 -0.80 4.44 0.93
N ARG A 30 -0.49 5.57 0.30
CA ARG A 30 0.22 5.68 -0.96
C ARG A 30 -0.52 4.96 -2.08
N ASN A 31 0.15 4.06 -2.79
CA ASN A 31 -0.47 3.35 -3.87
C ASN A 31 -0.62 1.88 -3.55
N THR A 32 -0.42 1.49 -2.31
CA THR A 32 -0.33 0.09 -1.97
C THR A 32 -1.69 -0.52 -1.66
N VAL A 33 -2.68 -0.33 -2.50
CA VAL A 33 -4.01 -0.86 -2.25
C VAL A 33 -4.31 -1.90 -3.30
N ALA A 34 -4.93 -2.99 -2.89
CA ALA A 34 -5.27 -4.08 -3.79
C ALA A 34 -6.73 -4.41 -3.59
N TRP A 35 -7.36 -4.88 -4.66
CA TRP A 35 -8.78 -5.21 -4.66
C TRP A 35 -8.94 -6.71 -4.89
N TYR A 36 -9.77 -7.36 -4.08
CA TYR A 36 -10.02 -8.78 -4.23
C TYR A 36 -11.49 -9.00 -4.52
N GLN A 37 -11.76 -10.02 -5.32
CA GLN A 37 -13.10 -10.46 -5.65
C GLN A 37 -13.28 -11.85 -5.08
N GLN A 38 -14.32 -12.05 -4.28
CA GLN A 38 -14.51 -13.34 -3.61
C GLN A 38 -15.92 -13.86 -3.86
N LYS A 39 -16.01 -14.97 -4.54
CA LYS A 39 -17.24 -15.66 -4.90
C LYS A 39 -17.58 -16.72 -3.85
N PRO A 40 -18.86 -16.98 -3.58
CA PRO A 40 -19.21 -17.73 -2.37
C PRO A 40 -18.60 -19.12 -2.34
N GLY A 41 -18.14 -19.53 -1.17
CA GLY A 41 -17.50 -20.82 -1.03
C GLY A 41 -16.12 -20.90 -1.61
N LYS A 42 -15.57 -19.80 -2.10
CA LYS A 42 -14.26 -19.78 -2.75
C LYS A 42 -13.37 -18.76 -2.07
N ALA A 43 -12.08 -18.90 -2.30
CA ALA A 43 -11.13 -17.96 -1.74
C ALA A 43 -11.14 -16.70 -2.57
N PRO A 44 -10.62 -15.60 -2.03
CA PRO A 44 -10.57 -14.37 -2.80
C PRO A 44 -9.59 -14.47 -3.97
N LYS A 45 -9.82 -13.60 -4.95
CA LYS A 45 -9.01 -13.57 -6.15
C LYS A 45 -8.42 -12.18 -6.23
N LEU A 46 -7.11 -12.08 -6.45
CA LEU A 46 -6.51 -10.79 -6.67
C LEU A 46 -7.03 -10.20 -7.96
N LEU A 47 -7.61 -9.01 -7.88
CA LEU A 47 -8.24 -8.34 -9.00
C LEU A 47 -7.43 -7.16 -9.50
N ILE A 48 -7.10 -6.24 -8.60
CA ILE A 48 -6.28 -5.07 -8.89
C ILE A 48 -5.14 -5.09 -7.87
N TYR A 49 -3.98 -4.58 -8.28
CA TYR A 49 -2.89 -4.37 -7.35
C TYR A 49 -2.25 -3.02 -7.63
N SER A 50 -1.57 -2.50 -6.63
CA SER A 50 -0.92 -1.18 -6.68
C SER A 50 -1.87 -0.09 -7.20
N SER A 51 -3.09 -0.09 -6.65
CA SER A 51 -4.18 0.82 -6.94
C SER A 51 -4.79 0.56 -8.30
N SER A 52 -3.97 0.51 -9.34
CA SER A 52 -4.45 0.65 -10.70
C SER A 52 -4.05 -0.46 -11.66
N TYR A 53 -3.29 -1.45 -11.22
CA TYR A 53 -2.81 -2.50 -12.09
C TYR A 53 -3.75 -3.67 -12.04
N ARG A 54 -3.98 -4.27 -13.18
CA ARG A 54 -4.96 -5.33 -13.35
C ARG A 54 -4.21 -6.67 -13.39
N ASN A 55 -4.52 -7.54 -12.44
CA ASN A 55 -3.84 -8.83 -12.35
C ASN A 55 -4.07 -9.64 -13.61
N THR A 56 -3.24 -10.66 -13.81
CA THR A 56 -3.32 -11.39 -15.07
C THR A 56 -4.65 -12.10 -15.17
N GLY A 57 -5.23 -12.07 -16.37
CA GLY A 57 -6.49 -12.74 -16.60
C GLY A 57 -7.72 -12.02 -16.09
N VAL A 58 -7.66 -10.72 -15.92
CA VAL A 58 -8.77 -9.94 -15.39
C VAL A 58 -9.30 -9.07 -16.53
N PRO A 59 -10.60 -9.10 -16.80
CA PRO A 59 -11.12 -8.40 -17.98
C PRO A 59 -10.94 -6.90 -17.88
N ASP A 60 -11.08 -6.24 -19.04
CA ASP A 60 -10.81 -4.81 -19.12
C ASP A 60 -11.85 -3.97 -18.39
N ARG A 61 -13.02 -4.53 -18.11
CA ARG A 61 -14.03 -3.77 -17.43
C ARG A 61 -13.66 -3.49 -15.98
N PHE A 62 -12.77 -4.28 -15.40
CA PHE A 62 -12.28 -4.02 -14.05
C PHE A 62 -11.13 -3.03 -14.11
N SER A 63 -11.23 -1.98 -13.30
CA SER A 63 -10.31 -0.87 -13.32
C SER A 63 -10.24 -0.31 -11.92
N GLY A 64 -9.05 0.13 -11.51
CA GLY A 64 -8.88 0.73 -10.22
C GLY A 64 -8.12 2.02 -10.35
N SER A 65 -8.42 2.95 -9.45
CA SER A 65 -7.74 4.23 -9.44
C SER A 65 -7.60 4.69 -8.01
N GLY A 66 -6.89 5.78 -7.84
CA GLY A 66 -6.81 6.39 -6.53
C GLY A 66 -5.40 6.35 -5.99
N SER A 67 -5.14 7.25 -5.04
CA SER A 67 -3.87 7.27 -4.35
C SER A 67 -4.02 8.12 -3.11
N GLY A 68 -3.23 7.78 -2.09
CA GLY A 68 -3.27 8.50 -0.84
C GLY A 68 -4.27 7.90 0.12
N THR A 69 -5.46 8.47 0.21
CA THR A 69 -6.48 7.93 1.10
C THR A 69 -7.73 7.44 0.40
N ASP A 70 -7.99 7.84 -0.84
CA ASP A 70 -9.26 7.52 -1.51
C ASP A 70 -9.01 6.71 -2.78
N PHE A 71 -9.57 5.49 -2.84
CA PHE A 71 -9.39 4.57 -3.94
C PHE A 71 -10.75 4.11 -4.45
N THR A 72 -10.83 3.84 -5.75
CA THR A 72 -12.07 3.51 -6.41
C THR A 72 -11.86 2.28 -7.26
N LEU A 73 -12.78 1.32 -7.17
CA LEU A 73 -12.86 0.21 -8.11
C LEU A 73 -14.07 0.44 -8.99
N THR A 74 -13.89 0.27 -10.29
CA THR A 74 -14.93 0.52 -11.27
C THR A 74 -15.12 -0.72 -12.12
N ILE A 75 -16.36 -1.17 -12.26
CA ILE A 75 -16.72 -2.13 -13.29
C ILE A 75 -17.47 -1.37 -14.36
N SER A 76 -16.90 -1.28 -15.56
CA SER A 76 -17.45 -0.39 -16.57
C SER A 76 -18.72 -0.94 -17.19
N SER A 77 -18.85 -2.26 -17.25
CA SER A 77 -20.04 -2.92 -17.78
C SER A 77 -20.24 -4.17 -16.93
N LEU A 78 -21.10 -4.09 -15.92
CA LEU A 78 -21.30 -5.21 -15.01
C LEU A 78 -21.90 -6.40 -15.75
N GLN A 79 -21.29 -7.57 -15.57
CA GLN A 79 -21.82 -8.79 -16.16
C GLN A 79 -22.29 -9.75 -15.08
N ALA A 80 -23.22 -10.62 -15.46
CA ALA A 80 -23.88 -11.48 -14.49
C ALA A 80 -22.88 -12.28 -13.66
N GLU A 81 -21.73 -12.59 -14.21
CA GLU A 81 -20.75 -13.40 -13.50
C GLU A 81 -19.95 -12.61 -12.49
N ASP A 82 -20.15 -11.31 -12.41
CA ASP A 82 -19.39 -10.45 -11.51
C ASP A 82 -19.99 -10.35 -10.12
N VAL A 83 -21.05 -11.09 -9.80
CA VAL A 83 -21.59 -11.10 -8.46
C VAL A 83 -20.59 -11.75 -7.51
N ALA A 84 -20.28 -11.04 -6.44
CA ALA A 84 -19.27 -11.41 -5.47
C ALA A 84 -19.21 -10.30 -4.44
N VAL A 85 -18.48 -10.54 -3.38
CA VAL A 85 -18.13 -9.51 -2.42
C VAL A 85 -16.74 -9.03 -2.80
N TYR A 86 -16.55 -7.72 -2.80
CA TYR A 86 -15.29 -7.11 -3.22
C TYR A 86 -14.64 -6.43 -2.04
N TYR A 87 -13.40 -6.81 -1.74
CA TYR A 87 -12.65 -6.26 -0.61
C TYR A 87 -11.46 -5.46 -1.13
N CYS A 88 -11.10 -4.41 -0.39
CA CYS A 88 -9.88 -3.64 -0.60
C CYS A 88 -8.96 -3.90 0.58
N GLN A 89 -7.66 -3.77 0.34
CA GLN A 89 -6.71 -3.94 1.40
C GLN A 89 -5.52 -3.03 1.16
N GLN A 90 -4.96 -2.48 2.23
CA GLN A 90 -3.75 -1.70 2.18
C GLN A 90 -2.58 -2.53 2.65
N HIS A 91 -1.45 -2.43 1.97
N HIS A 91 -1.44 -2.34 2.01
CA HIS A 91 -0.25 -3.09 2.46
CA HIS A 91 -0.21 -3.06 2.28
C HIS A 91 0.89 -2.10 2.55
C HIS A 91 0.93 -2.09 2.55
N TYR A 92 0.62 -0.97 3.18
CA TYR A 92 1.62 0.05 3.45
C TYR A 92 2.24 -0.09 4.83
N ILE A 93 1.46 -0.53 5.81
CA ILE A 93 1.89 -0.64 7.20
C ILE A 93 1.12 -1.77 7.84
N THR A 94 1.82 -2.63 8.58
CA THR A 94 1.16 -3.70 9.32
C THR A 94 0.39 -3.13 10.50
N PRO A 95 -0.79 -3.66 10.77
CA PRO A 95 -1.52 -4.72 10.10
C PRO A 95 -2.08 -4.31 8.76
N TYR A 96 -2.01 -5.24 7.83
CA TYR A 96 -2.40 -5.02 6.45
C TYR A 96 -3.92 -5.18 6.40
N THR A 97 -4.61 -4.16 6.88
CA THR A 97 -6.05 -4.23 7.12
C THR A 97 -6.87 -4.26 5.84
N PHE A 98 -8.04 -4.87 5.92
CA PHE A 98 -9.02 -5.01 4.84
C PHE A 98 -10.18 -4.05 5.06
N GLY A 99 -10.82 -3.69 3.97
CA GLY A 99 -12.12 -3.06 4.06
C GLY A 99 -13.16 -4.06 4.50
N GLY A 100 -14.37 -3.57 4.69
CA GLY A 100 -15.41 -4.44 5.18
C GLY A 100 -16.18 -5.19 4.12
N GLY A 101 -15.83 -5.01 2.87
CA GLY A 101 -16.54 -5.68 1.81
C GLY A 101 -17.61 -4.80 1.18
N THR A 102 -17.91 -5.11 -0.09
CA THR A 102 -19.02 -4.54 -0.82
C THR A 102 -19.67 -5.66 -1.62
N LYS A 103 -20.87 -6.06 -1.26
CA LYS A 103 -21.58 -7.12 -1.96
C LYS A 103 -22.25 -6.55 -3.20
N VAL A 104 -21.92 -7.09 -4.37
CA VAL A 104 -22.47 -6.64 -5.64
C VAL A 104 -23.46 -7.70 -6.13
N GLU A 105 -24.69 -7.28 -6.40
CA GLU A 105 -25.73 -8.17 -6.87
C GLU A 105 -26.31 -7.62 -8.16
N ILE A 106 -27.16 -8.39 -8.80
CA ILE A 106 -27.62 -8.10 -10.15
C ILE A 106 -29.12 -7.81 -10.13
N LYS A 107 -29.53 -6.78 -10.87
CA LYS A 107 -30.93 -6.61 -11.23
C LYS A 107 -31.22 -7.39 -12.50
N ARG A 108 -32.38 -8.03 -12.54
CA ARG A 108 -32.81 -8.67 -13.76
C ARG A 108 -34.33 -8.65 -13.80
N THR A 109 -34.86 -9.28 -14.85
CA THR A 109 -36.30 -9.35 -15.03
C THR A 109 -36.89 -10.33 -14.03
N VAL A 110 -38.17 -10.16 -13.74
CA VAL A 110 -38.81 -11.03 -12.77
C VAL A 110 -38.91 -12.43 -13.37
N ALA A 111 -38.60 -13.43 -12.55
CA ALA A 111 -38.58 -14.82 -12.96
C ALA A 111 -39.28 -15.64 -11.89
N ALA A 112 -40.36 -16.30 -12.26
CA ALA A 112 -41.17 -16.98 -11.28
C ALA A 112 -40.50 -18.29 -10.84
N PRO A 113 -40.68 -18.69 -9.60
CA PRO A 113 -40.03 -19.90 -9.11
C PRO A 113 -40.73 -21.15 -9.58
N SER A 114 -39.95 -22.20 -9.73
CA SER A 114 -40.45 -23.54 -9.99
C SER A 114 -40.51 -24.27 -8.66
N VAL A 115 -41.70 -24.71 -8.27
CA VAL A 115 -41.97 -25.20 -6.93
C VAL A 115 -42.08 -26.72 -6.99
N PHE A 116 -41.41 -27.39 -6.04
CA PHE A 116 -41.44 -28.83 -5.88
C PHE A 116 -41.57 -29.11 -4.40
N ILE A 117 -42.22 -30.22 -4.04
CA ILE A 117 -42.32 -30.65 -2.65
C ILE A 117 -41.90 -32.10 -2.55
N PHE A 118 -41.22 -32.45 -1.47
CA PHE A 118 -40.64 -33.77 -1.26
C PHE A 118 -41.16 -34.33 0.04
N PRO A 119 -41.90 -35.42 0.03
CA PRO A 119 -42.34 -36.02 1.27
C PRO A 119 -41.17 -36.63 2.00
N PRO A 120 -41.31 -36.93 3.28
CA PRO A 120 -40.23 -37.59 4.00
C PRO A 120 -39.97 -38.97 3.45
N SER A 121 -38.71 -39.39 3.50
CA SER A 121 -38.34 -40.72 3.06
C SER A 121 -38.67 -41.75 4.12
N ASP A 122 -39.00 -42.96 3.67
CA ASP A 122 -39.32 -44.03 4.62
C ASP A 122 -38.16 -44.28 5.55
N GLU A 123 -36.94 -44.24 5.02
CA GLU A 123 -35.77 -44.49 5.85
C GLU A 123 -35.71 -43.51 7.02
N GLN A 124 -36.15 -42.27 6.78
CA GLN A 124 -36.12 -41.28 7.85
C GLN A 124 -37.19 -41.55 8.88
N LEU A 125 -38.42 -41.84 8.45
CA LEU A 125 -39.50 -42.11 9.39
C LEU A 125 -39.12 -43.24 10.33
N LYS A 126 -38.27 -44.15 9.88
CA LYS A 126 -37.74 -45.22 10.72
C LYS A 126 -36.66 -44.67 11.67
N SER A 127 -37.04 -43.65 12.44
CA SER A 127 -36.12 -43.00 13.38
C SER A 127 -36.88 -42.00 14.23
N GLY A 128 -38.11 -41.68 13.83
CA GLY A 128 -39.00 -40.91 14.67
C GLY A 128 -39.22 -39.48 14.26
N THR A 129 -38.70 -39.05 13.10
CA THR A 129 -38.80 -37.67 12.68
C THR A 129 -39.06 -37.62 11.18
N ALA A 130 -39.84 -36.64 10.74
CA ALA A 130 -40.20 -36.48 9.33
C ALA A 130 -39.85 -35.07 8.87
N SER A 131 -39.11 -34.97 7.78
CA SER A 131 -38.72 -33.70 7.21
C SER A 131 -39.39 -33.56 5.86
N VAL A 132 -40.29 -32.60 5.73
CA VAL A 132 -40.95 -32.27 4.48
C VAL A 132 -40.26 -31.06 3.90
N VAL A 133 -39.78 -31.15 2.67
CA VAL A 133 -38.97 -30.11 2.07
C VAL A 133 -39.74 -29.50 0.90
N CYS A 134 -39.63 -28.19 0.74
CA CYS A 134 -40.25 -27.48 -0.36
C CYS A 134 -39.16 -26.70 -1.06
N LEU A 135 -39.20 -26.63 -2.38
CA LEU A 135 -38.11 -26.07 -3.16
C LEU A 135 -38.64 -25.03 -4.13
N LEU A 136 -38.12 -23.82 -4.05
CA LEU A 136 -38.39 -22.76 -5.01
C LEU A 136 -37.14 -22.59 -5.84
N ASN A 137 -37.24 -22.87 -7.14
CA ASN A 137 -36.05 -23.07 -7.96
C ASN A 137 -35.91 -21.92 -8.94
N ASN A 138 -34.77 -21.23 -8.88
CA ASN A 138 -34.41 -20.20 -9.84
C ASN A 138 -35.48 -19.15 -10.04
N PHE A 139 -35.59 -18.21 -9.10
CA PHE A 139 -36.54 -17.12 -9.16
C PHE A 139 -35.83 -15.79 -8.95
N TYR A 140 -36.51 -14.71 -9.30
CA TYR A 140 -36.04 -13.36 -9.02
C TYR A 140 -37.24 -12.42 -8.92
N PRO A 141 -37.24 -11.48 -7.95
CA PRO A 141 -36.25 -11.13 -6.93
C PRO A 141 -36.16 -12.10 -5.78
N ARG A 142 -35.33 -11.78 -4.78
CA ARG A 142 -35.09 -12.75 -3.72
C ARG A 142 -36.30 -12.92 -2.81
N GLU A 143 -37.15 -11.90 -2.69
CA GLU A 143 -38.22 -11.95 -1.70
C GLU A 143 -39.33 -12.88 -2.15
N ALA A 144 -39.64 -13.84 -1.30
CA ALA A 144 -40.63 -14.86 -1.58
C ALA A 144 -41.21 -15.32 -0.26
N LYS A 145 -42.51 -15.60 -0.26
CA LYS A 145 -43.21 -16.03 0.94
C LYS A 145 -43.53 -17.51 0.79
N VAL A 146 -43.08 -18.30 1.75
CA VAL A 146 -43.33 -19.75 1.77
C VAL A 146 -43.98 -20.07 3.10
N GLN A 147 -45.24 -20.46 3.09
CA GLN A 147 -45.87 -20.94 4.31
C GLN A 147 -46.44 -22.32 4.12
N TRP A 148 -46.28 -23.15 5.15
CA TRP A 148 -46.75 -24.52 5.15
C TRP A 148 -48.18 -24.60 5.62
N LYS A 149 -48.95 -25.51 5.03
CA LYS A 149 -50.33 -25.75 5.43
C LYS A 149 -50.51 -27.26 5.53
N VAL A 150 -50.69 -27.77 6.73
CA VAL A 150 -50.99 -29.18 6.98
C VAL A 150 -52.48 -29.31 7.25
N ASP A 151 -53.18 -30.08 6.42
CA ASP A 151 -54.64 -30.20 6.51
C ASP A 151 -55.27 -28.82 6.46
N ASN A 152 -54.78 -28.00 5.55
CA ASN A 152 -55.19 -26.62 5.33
C ASN A 152 -54.99 -25.74 6.55
N ALA A 153 -54.31 -26.23 7.59
CA ALA A 153 -54.03 -25.47 8.80
C ALA A 153 -52.63 -24.87 8.75
N LEU A 154 -52.55 -23.55 8.75
CA LEU A 154 -51.26 -22.87 8.63
C LEU A 154 -50.33 -23.25 9.78
N GLN A 155 -49.07 -23.53 9.44
CA GLN A 155 -48.03 -23.91 10.39
C GLN A 155 -47.10 -22.75 10.65
N SER A 156 -46.47 -22.77 11.82
CA SER A 156 -45.60 -21.67 12.21
C SER A 156 -44.57 -22.17 13.23
N GLY A 157 -43.33 -21.72 13.07
CA GLY A 157 -42.27 -22.04 13.99
C GLY A 157 -41.72 -23.44 13.90
N ASN A 158 -42.23 -24.27 12.99
CA ASN A 158 -41.71 -25.62 12.82
C ASN A 158 -41.05 -25.80 11.47
N SER A 159 -40.66 -24.71 10.82
CA SER A 159 -39.91 -24.76 9.58
C SER A 159 -38.72 -23.83 9.68
N GLN A 160 -37.83 -23.89 8.69
CA GLN A 160 -36.74 -22.93 8.54
C GLN A 160 -36.23 -22.97 7.10
N GLU A 161 -35.86 -21.82 6.56
CA GLU A 161 -35.49 -21.70 5.16
C GLU A 161 -33.97 -21.61 5.00
N SER A 162 -33.56 -21.53 3.74
CA SER A 162 -32.16 -21.38 3.36
C SER A 162 -32.16 -20.95 1.91
N VAL A 163 -31.35 -19.95 1.57
CA VAL A 163 -31.33 -19.36 0.23
C VAL A 163 -29.92 -19.41 -0.31
N THR A 164 -29.79 -19.82 -1.56
CA THR A 164 -28.49 -19.80 -2.20
C THR A 164 -28.08 -18.36 -2.46
N GLU A 165 -26.86 -18.20 -2.94
CA GLU A 165 -26.45 -16.89 -3.41
C GLU A 165 -26.85 -16.73 -4.87
N GLN A 166 -26.83 -15.49 -5.34
CA GLN A 166 -27.30 -15.22 -6.69
C GLN A 166 -26.48 -16.01 -7.69
N ASP A 167 -27.17 -16.72 -8.57
CA ASP A 167 -26.50 -17.57 -9.54
C ASP A 167 -25.69 -16.72 -10.49
N SER A 168 -24.50 -17.19 -10.82
CA SER A 168 -23.59 -16.40 -11.61
C SER A 168 -23.84 -16.53 -13.10
N LYS A 169 -24.90 -17.19 -13.51
CA LYS A 169 -25.25 -17.27 -14.92
C LYS A 169 -26.59 -16.64 -15.24
N ASP A 170 -27.64 -16.97 -14.49
CA ASP A 170 -28.95 -16.41 -14.74
C ASP A 170 -29.42 -15.39 -13.70
N SER A 171 -28.61 -15.09 -12.70
CA SER A 171 -28.94 -14.09 -11.68
C SER A 171 -30.18 -14.45 -10.87
N THR A 172 -30.41 -15.75 -10.64
CA THR A 172 -31.56 -16.21 -9.89
C THR A 172 -31.14 -16.73 -8.53
N TYR A 173 -32.11 -16.80 -7.63
CA TYR A 173 -31.96 -17.41 -6.32
C TYR A 173 -32.72 -18.72 -6.27
N SER A 174 -32.39 -19.55 -5.29
CA SER A 174 -33.17 -20.74 -5.01
C SER A 174 -33.26 -20.91 -3.51
N LEU A 175 -34.40 -21.41 -3.06
CA LEU A 175 -34.75 -21.40 -1.65
C LEU A 175 -35.32 -22.75 -1.26
N SER A 176 -34.99 -23.21 -0.07
CA SER A 176 -35.55 -24.45 0.46
C SER A 176 -36.12 -24.17 1.84
N SER A 177 -37.32 -24.68 2.10
CA SER A 177 -37.97 -24.58 3.38
C SER A 177 -38.25 -25.99 3.88
N THR A 178 -37.84 -26.30 5.10
CA THR A 178 -37.88 -27.65 5.62
C THR A 178 -38.79 -27.66 6.84
N LEU A 179 -39.94 -28.30 6.71
CA LEU A 179 -40.86 -28.52 7.81
C LEU A 179 -40.46 -29.80 8.53
N THR A 180 -40.38 -29.75 9.86
CA THR A 180 -39.93 -30.90 10.64
C THR A 180 -40.93 -31.20 11.72
N LEU A 181 -41.68 -32.29 11.55
CA LEU A 181 -42.57 -32.82 12.58
C LEU A 181 -42.01 -34.12 13.10
N SER A 182 -42.48 -34.52 14.28
CA SER A 182 -42.13 -35.84 14.74
C SER A 182 -42.94 -36.89 13.99
N LYS A 183 -42.50 -38.15 14.09
CA LYS A 183 -43.23 -39.23 13.45
C LYS A 183 -44.68 -39.24 13.91
N ALA A 184 -44.91 -39.14 15.21
CA ALA A 184 -46.27 -39.16 15.73
C ALA A 184 -47.09 -38.03 15.15
N ASP A 185 -46.53 -36.82 15.16
CA ASP A 185 -47.27 -35.66 14.67
C ASP A 185 -47.38 -35.68 13.16
N TYR A 186 -46.46 -36.33 12.48
CA TYR A 186 -46.58 -36.47 11.04
C TYR A 186 -47.79 -37.31 10.67
N GLU A 187 -48.03 -38.39 11.41
CA GLU A 187 -49.08 -39.34 11.07
C GLU A 187 -50.47 -38.91 11.54
N LYS A 188 -50.58 -37.81 12.26
CA LYS A 188 -51.90 -37.32 12.66
C LYS A 188 -52.64 -36.63 11.54
N HIS A 189 -52.02 -36.45 10.37
CA HIS A 189 -52.59 -35.59 9.34
C HIS A 189 -52.38 -36.20 7.98
N LYS A 190 -52.98 -35.56 6.98
CA LYS A 190 -53.10 -36.16 5.65
C LYS A 190 -52.47 -35.28 4.59
N VAL A 191 -53.01 -34.10 4.33
CA VAL A 191 -52.53 -33.25 3.26
C VAL A 191 -51.41 -32.35 3.77
N TYR A 192 -50.26 -32.40 3.09
CA TYR A 192 -49.11 -31.56 3.38
C TYR A 192 -48.90 -30.64 2.20
N ALA A 193 -49.10 -29.35 2.41
CA ALA A 193 -49.07 -28.39 1.34
C ALA A 193 -48.01 -27.34 1.58
N CYS A 194 -47.47 -26.81 0.48
CA CYS A 194 -46.46 -25.76 0.52
C CYS A 194 -46.99 -24.65 -0.38
N GLU A 195 -47.39 -23.53 0.22
CA GLU A 195 -47.94 -22.42 -0.55
C GLU A 195 -46.88 -21.35 -0.71
N VAL A 196 -46.67 -20.91 -1.94
CA VAL A 196 -45.56 -20.03 -2.31
C VAL A 196 -46.12 -18.77 -2.97
N THR A 197 -45.80 -17.61 -2.42
CA THR A 197 -46.17 -16.32 -3.00
C THR A 197 -44.92 -15.61 -3.48
N HIS A 198 -44.95 -15.11 -4.72
CA HIS A 198 -43.81 -14.43 -5.30
C HIS A 198 -44.32 -13.50 -6.38
N GLN A 199 -43.49 -12.50 -6.73
CA GLN A 199 -43.92 -11.46 -7.64
C GLN A 199 -44.15 -11.96 -9.05
N GLY A 200 -43.53 -13.07 -9.44
CA GLY A 200 -43.77 -13.61 -10.75
C GLY A 200 -44.94 -14.55 -10.83
N LEU A 201 -45.59 -14.80 -9.72
CA LEU A 201 -46.79 -15.62 -9.66
C LEU A 201 -47.97 -14.69 -9.44
N SER A 202 -48.86 -14.62 -10.41
CA SER A 202 -50.05 -13.81 -10.26
C SER A 202 -50.87 -14.24 -9.05
N SER A 203 -50.77 -15.52 -8.68
CA SER A 203 -51.55 -16.08 -7.58
C SER A 203 -50.74 -17.20 -6.95
N PRO A 204 -50.88 -17.41 -5.64
CA PRO A 204 -50.07 -18.41 -4.94
C PRO A 204 -50.07 -19.79 -5.59
N VAL A 205 -48.87 -20.32 -5.82
CA VAL A 205 -48.70 -21.69 -6.29
C VAL A 205 -48.60 -22.60 -5.08
N THR A 206 -49.44 -23.62 -5.05
CA THR A 206 -49.45 -24.62 -3.99
C THR A 206 -49.04 -25.97 -4.56
N LYS A 207 -48.17 -26.66 -3.83
CA LYS A 207 -47.73 -27.99 -4.20
C LYS A 207 -47.93 -28.87 -2.98
N SER A 208 -48.65 -29.98 -3.13
CA SER A 208 -49.03 -30.77 -1.98
C SER A 208 -48.92 -32.26 -2.27
N PHE A 209 -49.24 -33.06 -1.26
CA PHE A 209 -49.20 -34.50 -1.34
C PHE A 209 -49.98 -35.03 -0.14
N ASN A 210 -50.54 -36.22 -0.28
CA ASN A 210 -51.30 -36.83 0.80
C ASN A 210 -50.45 -37.93 1.42
N ARG A 211 -50.42 -37.95 2.75
CA ARG A 211 -49.42 -38.75 3.46
C ARG A 211 -49.48 -40.22 3.08
N GLY A 212 -50.60 -40.88 3.38
CA GLY A 212 -50.72 -42.31 3.18
C GLY A 212 -50.77 -42.77 1.73
N GLU A 213 -50.05 -42.08 0.85
CA GLU A 213 -49.96 -42.43 -0.56
C GLU A 213 -48.54 -42.16 -1.07
N CYS A 214 -48.18 -40.87 -1.15
CA CYS A 214 -46.87 -40.45 -1.62
C CYS A 214 -45.89 -40.31 -0.47
N GLN B 1 2.88 -24.46 -11.74
CA GLN B 1 1.57 -24.01 -11.26
C GLN B 1 1.60 -23.79 -9.77
N VAL B 2 1.32 -22.55 -9.36
CA VAL B 2 1.40 -22.17 -7.95
C VAL B 2 0.20 -22.72 -7.21
N GLN B 3 0.44 -23.37 -6.08
CA GLN B 3 -0.63 -23.90 -5.27
C GLN B 3 -0.30 -23.73 -3.79
N LEU B 4 -1.34 -23.52 -3.00
CA LEU B 4 -1.25 -23.53 -1.55
C LEU B 4 -2.42 -24.31 -0.98
N GLN B 5 -2.20 -25.05 0.09
CA GLN B 5 -3.29 -25.79 0.69
C GLN B 5 -3.11 -25.87 2.20
N GLU B 6 -4.19 -25.62 2.92
CA GLU B 6 -4.21 -25.67 4.37
C GLU B 6 -4.71 -27.02 4.83
N SER B 7 -4.13 -27.52 5.90
CA SER B 7 -4.59 -28.77 6.48
C SER B 7 -4.49 -28.66 7.99
N GLY B 8 -5.39 -29.36 8.66
CA GLY B 8 -5.42 -29.33 10.09
C GLY B 8 -6.79 -29.66 10.58
N PRO B 9 -6.91 -30.03 11.85
CA PRO B 9 -8.20 -30.41 12.39
C PRO B 9 -9.17 -29.25 12.40
N GLY B 10 -10.41 -29.54 12.03
CA GLY B 10 -11.47 -28.55 12.03
C GLY B 10 -12.01 -28.23 13.41
N LEU B 11 -12.22 -29.24 14.24
CA LEU B 11 -12.77 -29.03 15.57
C LEU B 11 -11.63 -28.92 16.58
N VAL B 12 -11.66 -27.86 17.39
CA VAL B 12 -10.72 -27.66 18.48
C VAL B 12 -11.49 -27.17 19.69
N LYS B 13 -10.96 -27.42 20.83
CA LYS B 13 -11.74 -27.10 22.02
C LYS B 13 -11.32 -25.76 22.60
N PRO B 14 -12.25 -25.03 23.21
CA PRO B 14 -11.91 -23.73 23.76
C PRO B 14 -10.72 -23.83 24.70
N SER B 15 -9.85 -22.83 24.62
CA SER B 15 -8.63 -22.70 25.42
C SER B 15 -7.54 -23.65 25.02
N GLU B 16 -7.73 -24.47 24.01
CA GLU B 16 -6.68 -25.33 23.55
C GLU B 16 -5.98 -24.68 22.37
N THR B 17 -5.13 -25.42 21.69
CA THR B 17 -4.25 -24.87 20.69
C THR B 17 -4.57 -25.45 19.32
N LEU B 18 -4.53 -24.59 18.32
CA LEU B 18 -4.77 -24.95 16.93
C LEU B 18 -3.46 -24.93 16.16
N SER B 19 -3.29 -25.90 15.27
CA SER B 19 -2.14 -25.94 14.37
C SER B 19 -2.64 -26.24 12.98
N LEU B 20 -2.43 -25.31 12.07
CA LEU B 20 -2.71 -25.50 10.66
C LEU B 20 -1.39 -25.50 9.91
N THR B 21 -1.30 -26.31 8.87
CA THR B 21 -0.12 -26.37 8.04
C THR B 21 -0.48 -25.93 6.63
N CYS B 22 0.29 -25.03 6.07
CA CYS B 22 0.10 -24.58 4.69
C CYS B 22 1.14 -25.25 3.84
N THR B 23 0.73 -26.14 2.94
CA THR B 23 1.66 -26.83 2.07
C THR B 23 1.68 -26.15 0.71
N VAL B 24 2.86 -25.73 0.31
CA VAL B 24 3.09 -24.85 -0.82
C VAL B 24 3.71 -25.65 -1.95
N SER B 25 3.39 -25.28 -3.18
CA SER B 25 4.04 -25.91 -4.31
C SER B 25 3.98 -24.98 -5.48
N GLY B 26 5.03 -24.97 -6.28
CA GLY B 26 5.08 -24.16 -7.45
C GLY B 26 5.89 -22.90 -7.29
N PHE B 27 6.34 -22.62 -6.08
CA PHE B 27 7.17 -21.47 -5.78
C PHE B 27 7.98 -21.78 -4.53
N SER B 28 8.89 -20.88 -4.21
CA SER B 28 9.84 -21.08 -3.13
C SER B 28 9.53 -20.12 -1.99
N LEU B 29 9.39 -20.66 -0.79
CA LEU B 29 9.25 -19.77 0.37
C LEU B 29 10.48 -18.94 0.63
N LEU B 30 11.56 -19.13 -0.13
CA LEU B 30 12.72 -18.29 -0.02
C LEU B 30 12.56 -17.02 -0.82
N SER B 31 11.55 -16.98 -1.68
CA SER B 31 11.33 -15.90 -2.60
C SER B 31 10.05 -15.13 -2.39
N TYR B 32 9.10 -15.66 -1.65
CA TYR B 32 7.81 -15.02 -1.43
C TYR B 32 7.45 -15.05 0.04
N GLY B 33 6.74 -14.04 0.47
CA GLY B 33 6.17 -14.06 1.80
C GLY B 33 4.85 -14.79 1.82
N VAL B 34 4.48 -15.29 2.98
CA VAL B 34 3.26 -16.05 3.12
C VAL B 34 2.46 -15.45 4.25
N HIS B 35 1.19 -15.17 3.99
CA HIS B 35 0.31 -14.48 4.93
C HIS B 35 -0.82 -15.40 5.34
N TRP B 36 -1.35 -15.16 6.53
CA TRP B 36 -2.54 -15.86 7.01
C TRP B 36 -3.68 -14.86 7.10
N VAL B 37 -4.84 -15.25 6.61
CA VAL B 37 -6.04 -14.43 6.60
C VAL B 37 -7.18 -15.30 7.08
N ARG B 38 -8.03 -14.79 7.94
CA ARG B 38 -9.19 -15.57 8.35
C ARG B 38 -10.48 -14.84 8.04
N GLN B 39 -11.56 -15.59 8.00
CA GLN B 39 -12.87 -15.03 7.68
C GLN B 39 -13.97 -15.80 8.38
N PRO B 40 -14.60 -15.25 9.40
CA PRO B 40 -15.73 -15.91 10.01
C PRO B 40 -16.83 -16.10 8.98
N PRO B 41 -17.52 -17.24 8.99
CA PRO B 41 -18.51 -17.48 7.94
C PRO B 41 -19.50 -16.33 7.81
N GLY B 42 -19.73 -15.90 6.58
CA GLY B 42 -20.64 -14.82 6.31
C GLY B 42 -20.14 -13.44 6.66
N LYS B 43 -18.98 -13.34 7.26
CA LYS B 43 -18.38 -12.06 7.63
C LYS B 43 -17.22 -11.78 6.68
N GLY B 44 -16.40 -10.80 7.03
CA GLY B 44 -15.32 -10.37 6.18
C GLY B 44 -13.94 -10.79 6.67
N LEU B 45 -12.95 -10.48 5.85
CA LEU B 45 -11.60 -10.99 6.03
C LEU B 45 -10.84 -10.18 7.07
N GLU B 46 -10.05 -10.87 7.88
CA GLU B 46 -9.19 -10.26 8.87
C GLU B 46 -7.78 -10.76 8.60
N TRP B 47 -6.82 -9.86 8.54
CA TRP B 47 -5.43 -10.23 8.38
C TRP B 47 -4.86 -10.66 9.73
N LEU B 48 -4.12 -11.77 9.74
CA LEU B 48 -3.55 -12.35 10.95
C LEU B 48 -2.05 -12.12 11.07
N GLY B 49 -1.28 -12.54 10.07
CA GLY B 49 0.15 -12.33 10.15
C GLY B 49 0.86 -12.68 8.86
N VAL B 50 2.17 -12.51 8.89
CA VAL B 50 3.04 -12.77 7.75
C VAL B 50 4.34 -13.34 8.27
N ILE B 51 4.90 -14.28 7.53
CA ILE B 51 6.27 -14.73 7.74
C ILE B 51 7.03 -14.41 6.47
N TRP B 52 8.06 -13.59 6.60
N TRP B 52 8.06 -13.59 6.61
CA TRP B 52 8.76 -13.13 5.42
CA TRP B 52 8.81 -13.11 5.45
C TRP B 52 9.82 -14.13 5.01
C TRP B 52 9.73 -14.20 4.93
N THR B 53 10.44 -13.88 3.85
CA THR B 53 11.34 -14.86 3.27
C THR B 53 12.50 -15.17 4.21
N GLY B 54 13.04 -14.15 4.84
CA GLY B 54 14.15 -14.37 5.75
C GLY B 54 13.75 -14.93 7.08
N GLY B 55 12.47 -15.13 7.33
CA GLY B 55 12.00 -15.85 8.50
C GLY B 55 11.44 -15.00 9.62
N THR B 56 11.58 -13.69 9.57
CA THR B 56 10.95 -12.85 10.58
C THR B 56 9.44 -12.80 10.35
N THR B 57 8.70 -12.53 11.42
CA THR B 57 7.25 -12.57 11.38
C THR B 57 6.69 -11.20 11.76
N ASN B 58 5.41 -11.02 11.50
CA ASN B 58 4.65 -9.92 12.08
C ASN B 58 3.22 -10.37 12.28
N TYR B 59 2.65 -10.06 13.44
CA TYR B 59 1.34 -10.56 13.81
C TYR B 59 0.40 -9.42 14.16
N ASN B 60 -0.88 -9.65 13.94
CA ASN B 60 -1.90 -8.67 14.24
C ASN B 60 -2.02 -8.52 15.75
N SER B 61 -1.85 -7.29 16.25
CA SER B 61 -1.87 -7.09 17.69
C SER B 61 -3.21 -7.46 18.30
N ALA B 62 -4.27 -7.54 17.49
CA ALA B 62 -5.59 -7.91 18.00
C ALA B 62 -5.60 -9.33 18.55
N LEU B 63 -4.82 -10.21 17.95
CA LEU B 63 -4.52 -11.52 18.53
C LEU B 63 -3.50 -11.30 19.63
N MET B 64 -3.91 -11.50 20.88
CA MET B 64 -3.11 -11.02 22.00
C MET B 64 -1.87 -11.90 22.19
N SER B 65 -1.04 -11.92 21.14
CA SER B 65 0.18 -12.72 21.07
C SER B 65 -0.08 -14.21 21.20
N ARG B 66 -1.29 -14.67 20.93
CA ARG B 66 -1.61 -16.08 20.98
C ARG B 66 -1.15 -16.82 19.74
N PHE B 67 -0.75 -16.11 18.72
CA PHE B 67 -0.66 -16.60 17.36
C PHE B 67 0.78 -16.46 16.88
N THR B 68 1.34 -17.51 16.30
CA THR B 68 2.70 -17.50 15.79
C THR B 68 2.76 -18.23 14.44
N ILE B 69 3.78 -17.89 13.64
CA ILE B 69 4.00 -18.46 12.32
C ILE B 69 5.45 -18.89 12.21
N SER B 70 5.68 -20.11 11.75
CA SER B 70 7.00 -20.60 11.42
C SER B 70 6.90 -21.30 10.09
N LYS B 71 8.05 -21.63 9.50
CA LYS B 71 8.06 -22.31 8.21
C LYS B 71 9.26 -23.21 8.10
N ASP B 72 9.25 -24.04 7.08
CA ASP B 72 10.34 -24.91 6.69
C ASP B 72 10.53 -24.71 5.20
N ASP B 73 11.58 -23.99 4.80
CA ASP B 73 11.72 -23.68 3.37
C ASP B 73 12.01 -24.91 2.55
N SER B 74 12.72 -25.87 3.12
CA SER B 74 12.98 -27.11 2.39
C SER B 74 11.70 -27.85 2.07
N LYS B 75 10.86 -28.09 3.06
CA LYS B 75 9.67 -28.91 2.89
C LYS B 75 8.48 -28.14 2.35
N ASN B 76 8.63 -26.87 2.06
CA ASN B 76 7.56 -26.08 1.46
C ASN B 76 6.33 -26.02 2.35
N THR B 77 6.51 -25.76 3.64
CA THR B 77 5.40 -25.69 4.58
C THR B 77 5.48 -24.44 5.45
N VAL B 78 4.32 -23.86 5.75
CA VAL B 78 4.16 -22.74 6.67
C VAL B 78 3.20 -23.17 7.76
N TYR B 79 3.53 -22.86 9.00
CA TYR B 79 2.83 -23.41 10.16
C TYR B 79 2.21 -22.29 10.96
N LEU B 80 0.93 -22.41 11.27
CA LEU B 80 0.21 -21.46 12.09
C LEU B 80 -0.14 -22.14 13.40
N LYS B 81 0.32 -21.57 14.50
CA LYS B 81 -0.01 -22.10 15.81
C LYS B 81 -0.69 -20.98 16.59
N MET B 82 -1.91 -21.23 17.04
CA MET B 82 -2.68 -20.26 17.80
C MET B 82 -3.21 -20.95 19.04
N ASN B 83 -2.84 -20.46 20.19
CA ASN B 83 -3.23 -21.11 21.43
C ASN B 83 -4.22 -20.23 22.19
N SER B 84 -4.75 -20.77 23.28
CA SER B 84 -5.78 -20.13 24.07
C SER B 84 -6.99 -19.79 23.22
N LEU B 85 -7.41 -20.73 22.39
CA LEU B 85 -8.50 -20.49 21.46
C LEU B 85 -9.76 -20.06 22.18
N LYS B 86 -10.41 -19.03 21.63
CA LYS B 86 -11.70 -18.53 22.07
C LYS B 86 -12.75 -18.91 21.03
N THR B 87 -14.03 -18.81 21.41
CA THR B 87 -15.08 -19.05 20.43
C THR B 87 -14.93 -18.13 19.23
N GLU B 88 -14.47 -16.89 19.46
CA GLU B 88 -14.35 -15.88 18.42
C GLU B 88 -13.41 -16.30 17.31
N ASP B 89 -12.69 -17.38 17.48
CA ASP B 89 -11.66 -17.80 16.55
C ASP B 89 -12.22 -18.73 15.49
N THR B 90 -13.48 -19.12 15.60
CA THR B 90 -14.16 -19.91 14.58
C THR B 90 -14.19 -19.12 13.29
N ALA B 91 -13.58 -19.66 12.25
CA ALA B 91 -13.51 -18.98 10.98
C ALA B 91 -12.91 -19.94 9.98
N ILE B 92 -12.89 -19.53 8.74
CA ILE B 92 -12.08 -20.15 7.69
C ILE B 92 -10.72 -19.49 7.70
N TYR B 93 -9.66 -20.29 7.69
CA TYR B 93 -8.30 -19.78 7.68
C TYR B 93 -7.68 -20.00 6.32
N TYR B 94 -7.11 -18.95 5.74
CA TYR B 94 -6.43 -19.02 4.45
C TYR B 94 -4.94 -18.77 4.65
N CYS B 95 -4.12 -19.44 3.86
CA CYS B 95 -2.77 -18.97 3.62
C CYS B 95 -2.70 -18.46 2.20
N ALA B 96 -1.91 -17.43 2.00
CA ALA B 96 -1.89 -16.79 0.72
C ALA B 96 -0.48 -16.31 0.44
N ARG B 97 -0.10 -16.31 -0.81
CA ARG B 97 1.22 -15.89 -1.23
C ARG B 97 1.13 -14.41 -1.55
N TYR B 98 2.11 -13.65 -1.08
CA TYR B 98 2.07 -12.22 -1.26
C TYR B 98 3.22 -11.78 -2.14
N TYR B 99 2.90 -11.09 -3.21
CA TYR B 99 3.89 -10.36 -3.98
C TYR B 99 3.17 -9.20 -4.65
N TYR B 100 3.20 -8.04 -4.01
CA TYR B 100 2.41 -6.87 -4.40
C TYR B 100 0.92 -7.18 -4.46
N GLY B 101 0.49 -8.06 -3.58
CA GLY B 101 -0.89 -8.50 -3.54
C GLY B 101 -0.89 -9.99 -3.26
N MET B 102 -1.98 -10.48 -2.69
CA MET B 102 -2.11 -11.90 -2.43
C MET B 102 -2.71 -12.53 -3.66
N ASP B 103 -1.85 -13.03 -4.54
CA ASP B 103 -2.28 -13.50 -5.84
C ASP B 103 -2.74 -14.94 -5.83
N TYR B 104 -2.17 -15.79 -4.97
CA TYR B 104 -2.55 -17.19 -4.87
C TYR B 104 -2.93 -17.50 -3.44
N TRP B 105 -4.09 -18.11 -3.25
CA TRP B 105 -4.66 -18.39 -1.95
C TRP B 105 -4.91 -19.87 -1.79
N GLY B 106 -4.84 -20.35 -0.56
CA GLY B 106 -5.28 -21.69 -0.29
C GLY B 106 -6.77 -21.82 -0.58
N GLN B 107 -7.34 -22.99 -0.33
CA GLN B 107 -8.77 -23.11 -0.49
C GLN B 107 -9.50 -22.78 0.79
N GLY B 108 -8.77 -22.57 1.87
CA GLY B 108 -9.37 -22.25 3.15
C GLY B 108 -9.84 -23.47 3.88
N THR B 109 -9.56 -23.56 5.17
CA THR B 109 -10.02 -24.66 6.02
C THR B 109 -10.79 -24.08 7.19
N LEU B 110 -11.95 -24.66 7.49
CA LEU B 110 -12.79 -24.16 8.56
C LEU B 110 -12.36 -24.71 9.91
N VAL B 111 -12.29 -23.83 10.90
CA VAL B 111 -11.86 -24.19 12.25
C VAL B 111 -12.98 -23.79 13.18
N THR B 112 -13.65 -24.78 13.77
CA THR B 112 -14.76 -24.53 14.67
C THR B 112 -14.27 -24.72 16.10
N VAL B 113 -14.35 -23.68 16.91
CA VAL B 113 -13.93 -23.76 18.29
C VAL B 113 -15.15 -24.11 19.13
N SER B 114 -15.14 -25.32 19.69
CA SER B 114 -16.33 -25.84 20.33
C SER B 114 -15.95 -26.98 21.25
N SER B 115 -16.64 -27.05 22.38
CA SER B 115 -16.56 -28.19 23.28
C SER B 115 -17.31 -29.40 22.75
N ALA B 116 -18.25 -29.22 21.84
CA ALA B 116 -19.10 -30.30 21.39
C ALA B 116 -18.32 -31.35 20.64
N SER B 117 -18.86 -32.55 20.62
CA SER B 117 -18.21 -33.67 19.97
C SER B 117 -18.72 -33.80 18.56
N THR B 118 -17.88 -34.37 17.70
CA THR B 118 -18.22 -34.46 16.29
C THR B 118 -19.29 -35.51 16.08
N LYS B 119 -20.06 -35.35 15.02
CA LYS B 119 -21.15 -36.27 14.74
C LYS B 119 -21.44 -36.22 13.26
N GLY B 120 -21.60 -37.39 12.66
CA GLY B 120 -21.69 -37.49 11.23
C GLY B 120 -23.13 -37.46 10.74
N PRO B 121 -23.30 -37.14 9.47
CA PRO B 121 -24.64 -36.86 8.95
C PRO B 121 -25.48 -38.11 8.77
N SER B 122 -26.74 -37.87 8.43
CA SER B 122 -27.66 -38.89 7.95
C SER B 122 -28.20 -38.41 6.62
N VAL B 123 -28.24 -39.28 5.63
CA VAL B 123 -28.59 -38.91 4.28
C VAL B 123 -29.91 -39.56 3.93
N PHE B 124 -30.85 -38.77 3.45
CA PHE B 124 -32.17 -39.22 3.05
C PHE B 124 -32.46 -38.70 1.65
N PRO B 125 -33.17 -39.47 0.84
CA PRO B 125 -33.43 -39.04 -0.54
C PRO B 125 -34.59 -38.07 -0.61
N LEU B 126 -34.39 -36.97 -1.31
CA LEU B 126 -35.49 -36.09 -1.68
C LEU B 126 -35.93 -36.54 -3.06
N ALA B 127 -37.05 -37.26 -3.12
CA ALA B 127 -37.56 -37.77 -4.37
C ALA B 127 -39.06 -37.57 -4.43
N PRO B 128 -39.59 -37.15 -5.59
CA PRO B 128 -41.01 -36.86 -5.77
C PRO B 128 -41.90 -38.08 -5.59
N SER B 136 -41.12 -31.17 -19.56
CA SER B 136 -41.37 -31.33 -18.13
C SER B 136 -40.07 -31.65 -17.41
N THR B 137 -39.81 -30.92 -16.32
CA THR B 137 -38.58 -31.01 -15.56
C THR B 137 -38.87 -31.57 -14.18
N ALA B 138 -38.12 -32.58 -13.79
CA ALA B 138 -38.24 -33.15 -12.46
C ALA B 138 -37.12 -32.65 -11.57
N ALA B 139 -37.36 -32.64 -10.27
CA ALA B 139 -36.35 -32.23 -9.30
C ALA B 139 -36.17 -33.30 -8.26
N LEU B 140 -34.92 -33.53 -7.84
CA LEU B 140 -34.64 -34.49 -6.79
C LEU B 140 -33.40 -34.01 -6.02
N GLY B 141 -33.06 -34.71 -4.95
CA GLY B 141 -31.95 -34.29 -4.15
C GLY B 141 -31.75 -35.14 -2.92
N CYS B 142 -30.90 -34.66 -2.02
CA CYS B 142 -30.53 -35.33 -0.79
C CYS B 142 -30.70 -34.37 0.39
N LEU B 143 -31.02 -34.92 1.56
CA LEU B 143 -31.17 -34.15 2.80
C LEU B 143 -30.11 -34.61 3.78
N VAL B 144 -29.05 -33.82 3.95
CA VAL B 144 -27.97 -34.16 4.85
C VAL B 144 -28.29 -33.57 6.21
N LYS B 145 -28.59 -34.43 7.18
CA LYS B 145 -29.25 -34.00 8.40
C LYS B 145 -28.50 -34.45 9.64
N ASP B 146 -28.36 -33.53 10.58
CA ASP B 146 -27.87 -33.75 11.93
C ASP B 146 -26.38 -34.04 12.03
N TYR B 147 -25.53 -33.09 11.63
CA TYR B 147 -24.09 -33.24 11.67
C TYR B 147 -23.44 -32.06 12.37
N PHE B 148 -22.23 -32.28 12.86
CA PHE B 148 -21.47 -31.23 13.51
C PHE B 148 -20.00 -31.63 13.54
N PRO B 149 -19.09 -30.69 13.27
CA PRO B 149 -19.32 -29.31 12.89
C PRO B 149 -19.39 -29.22 11.39
N GLU B 150 -19.25 -28.03 10.84
CA GLU B 150 -19.20 -27.90 9.40
C GLU B 150 -17.76 -28.17 8.94
N PRO B 151 -17.53 -28.32 7.63
CA PRO B 151 -18.44 -28.28 6.49
C PRO B 151 -18.90 -29.64 6.02
N VAL B 152 -19.75 -29.64 5.02
CA VAL B 152 -20.18 -30.85 4.34
C VAL B 152 -20.03 -30.60 2.84
N THR B 153 -19.53 -31.60 2.13
CA THR B 153 -19.38 -31.52 0.67
C THR B 153 -20.40 -32.45 0.02
N VAL B 154 -21.18 -31.92 -0.91
CA VAL B 154 -22.10 -32.74 -1.69
C VAL B 154 -21.79 -32.57 -3.17
N SER B 155 -21.51 -33.68 -3.83
CA SER B 155 -21.38 -33.76 -5.27
C SER B 155 -22.43 -34.72 -5.79
N TRP B 156 -22.70 -34.66 -7.09
CA TRP B 156 -23.70 -35.51 -7.72
C TRP B 156 -23.07 -36.35 -8.82
N ASN B 157 -23.40 -37.64 -8.83
CA ASN B 157 -22.83 -38.60 -9.77
C ASN B 157 -21.32 -38.46 -9.80
N SER B 158 -20.73 -38.53 -8.61
CA SER B 158 -19.28 -38.57 -8.43
C SER B 158 -18.59 -37.45 -9.19
N GLY B 159 -19.24 -36.29 -9.23
CA GLY B 159 -18.69 -35.13 -9.88
C GLY B 159 -19.20 -34.90 -11.28
N ALA B 160 -19.87 -35.89 -11.86
CA ALA B 160 -20.38 -35.77 -13.23
C ALA B 160 -21.39 -34.63 -13.33
N LEU B 161 -22.49 -34.74 -12.60
CA LEU B 161 -23.60 -33.80 -12.74
C LEU B 161 -23.26 -32.49 -12.04
N THR B 162 -23.34 -31.41 -12.76
CA THR B 162 -22.97 -30.09 -12.29
C THR B 162 -24.06 -29.05 -12.48
N SER B 163 -24.72 -29.01 -13.64
CA SER B 163 -25.73 -28.00 -13.90
C SER B 163 -27.03 -28.34 -13.17
N GLY B 164 -27.69 -27.31 -12.65
CA GLY B 164 -28.91 -27.51 -11.91
C GLY B 164 -28.70 -27.92 -10.47
N VAL B 165 -27.47 -28.22 -10.06
CA VAL B 165 -27.20 -28.56 -8.68
C VAL B 165 -27.25 -27.29 -7.83
N HIS B 166 -28.07 -27.32 -6.78
CA HIS B 166 -28.14 -26.25 -5.80
C HIS B 166 -27.98 -26.86 -4.43
N THR B 167 -26.86 -26.59 -3.77
CA THR B 167 -26.63 -27.04 -2.41
C THR B 167 -26.85 -25.86 -1.48
N PHE B 168 -27.81 -25.99 -0.61
CA PHE B 168 -28.21 -24.81 0.13
C PHE B 168 -27.32 -24.61 1.33
N PRO B 169 -27.22 -23.39 1.80
CA PRO B 169 -26.46 -23.14 3.01
C PRO B 169 -27.02 -23.94 4.17
N ALA B 170 -26.14 -24.30 5.09
CA ALA B 170 -26.51 -25.07 6.25
C ALA B 170 -27.41 -24.26 7.17
N VAL B 171 -28.08 -24.97 8.07
CA VAL B 171 -29.05 -24.42 9.00
C VAL B 171 -28.74 -25.00 10.37
N LEU B 172 -28.68 -24.16 11.38
CA LEU B 172 -28.43 -24.65 12.74
C LEU B 172 -29.76 -24.89 13.44
N GLN B 173 -29.89 -26.05 14.07
CA GLN B 173 -31.14 -26.50 14.64
C GLN B 173 -31.08 -26.48 16.17
N SER B 174 -32.26 -26.51 16.79
CA SER B 174 -32.32 -26.44 18.24
C SER B 174 -31.55 -27.56 18.91
N SER B 175 -31.23 -28.62 18.18
CA SER B 175 -30.39 -29.67 18.73
C SER B 175 -28.93 -29.26 18.80
N GLY B 176 -28.54 -28.24 18.05
CA GLY B 176 -27.15 -27.88 17.96
C GLY B 176 -26.42 -28.51 16.80
N LEU B 177 -27.14 -29.02 15.81
CA LEU B 177 -26.55 -29.78 14.74
C LEU B 177 -27.04 -29.23 13.41
N TYR B 178 -26.15 -29.19 12.43
CA TYR B 178 -26.44 -28.56 11.15
C TYR B 178 -27.24 -29.49 10.25
N SER B 179 -27.81 -28.91 9.20
CA SER B 179 -28.62 -29.66 8.25
C SER B 179 -28.72 -28.87 6.97
N LEU B 180 -28.49 -29.53 5.83
CA LEU B 180 -28.58 -28.87 4.54
C LEU B 180 -29.18 -29.81 3.52
N SER B 181 -29.37 -29.29 2.32
CA SER B 181 -29.98 -30.04 1.25
C SER B 181 -29.31 -29.67 -0.06
N SER B 182 -29.08 -30.67 -0.90
CA SER B 182 -28.65 -30.44 -2.26
C SER B 182 -29.77 -30.94 -3.15
N VAL B 183 -30.09 -30.19 -4.19
CA VAL B 183 -31.11 -30.57 -5.15
C VAL B 183 -30.54 -30.41 -6.55
N VAL B 184 -31.20 -31.04 -7.52
CA VAL B 184 -30.85 -30.87 -8.93
C VAL B 184 -32.10 -31.07 -9.76
N THR B 185 -32.29 -30.19 -10.74
CA THR B 185 -33.37 -30.32 -11.71
C THR B 185 -32.86 -31.07 -12.92
N VAL B 186 -33.66 -32.02 -13.42
CA VAL B 186 -33.24 -32.87 -14.53
C VAL B 186 -34.42 -33.01 -15.49
N PRO B 187 -34.15 -33.43 -16.73
CA PRO B 187 -35.25 -33.75 -17.65
C PRO B 187 -36.01 -34.99 -17.17
N SER B 188 -37.33 -34.83 -17.03
CA SER B 188 -38.15 -35.89 -16.47
C SER B 188 -38.15 -37.13 -17.34
N SER B 189 -37.80 -36.99 -18.62
CA SER B 189 -37.67 -38.17 -19.47
C SER B 189 -36.61 -39.11 -18.93
N SER B 190 -35.50 -38.56 -18.45
CA SER B 190 -34.34 -39.37 -18.09
C SER B 190 -34.40 -39.96 -16.69
N LEU B 191 -35.58 -40.35 -16.21
CA LEU B 191 -35.69 -40.77 -14.83
C LEU B 191 -35.38 -42.26 -14.64
N GLY B 192 -35.72 -43.09 -15.60
CA GLY B 192 -35.29 -44.48 -15.54
C GLY B 192 -34.05 -44.71 -16.35
N THR B 193 -33.91 -43.94 -17.43
CA THR B 193 -32.77 -44.09 -18.34
C THR B 193 -31.45 -43.74 -17.70
N LYS B 194 -31.45 -43.06 -16.55
CA LYS B 194 -30.22 -42.63 -15.91
C LYS B 194 -30.40 -42.74 -14.40
N THR B 195 -29.28 -42.94 -13.70
CA THR B 195 -29.32 -43.02 -12.24
C THR B 195 -28.58 -41.84 -11.63
N TYR B 196 -29.19 -41.26 -10.60
CA TYR B 196 -28.76 -40.01 -9.99
C TYR B 196 -28.34 -40.28 -8.55
N THR B 197 -27.06 -40.06 -8.27
CA THR B 197 -26.47 -40.37 -6.98
C THR B 197 -25.85 -39.13 -6.39
N CYS B 198 -26.15 -38.86 -5.13
CA CYS B 198 -25.50 -37.78 -4.39
C CYS B 198 -24.40 -38.39 -3.53
N ASN B 199 -23.28 -37.68 -3.46
CA ASN B 199 -22.12 -38.13 -2.72
C ASN B 199 -21.87 -37.14 -1.60
N VAL B 200 -22.13 -37.56 -0.38
CA VAL B 200 -22.05 -36.69 0.78
C VAL B 200 -20.72 -36.93 1.46
N ASP B 201 -20.08 -35.85 1.89
CA ASP B 201 -18.72 -35.95 2.38
C ASP B 201 -18.61 -35.05 3.61
N HIS B 202 -18.73 -35.63 4.78
CA HIS B 202 -18.53 -34.90 6.01
C HIS B 202 -17.21 -35.38 6.60
N LYS B 203 -16.17 -34.60 6.40
CA LYS B 203 -14.85 -35.08 6.79
C LYS B 203 -14.58 -35.09 8.28
N PRO B 204 -14.94 -34.05 9.04
CA PRO B 204 -14.62 -34.07 10.48
C PRO B 204 -15.04 -35.32 11.22
N SER B 205 -16.03 -36.07 10.76
CA SER B 205 -16.36 -37.37 11.32
C SER B 205 -15.83 -38.51 10.47
N ASN B 206 -15.23 -38.20 9.32
CA ASN B 206 -14.67 -39.20 8.42
C ASN B 206 -15.76 -40.17 7.96
N THR B 207 -16.83 -39.62 7.40
CA THR B 207 -17.90 -40.42 6.84
C THR B 207 -18.19 -39.92 5.43
N LYS B 208 -18.26 -40.84 4.48
CA LYS B 208 -18.77 -40.58 3.15
C LYS B 208 -19.99 -41.46 2.95
N VAL B 209 -21.00 -40.93 2.26
CA VAL B 209 -22.21 -41.69 1.96
C VAL B 209 -22.62 -41.38 0.53
N ASP B 210 -22.97 -42.41 -0.21
CA ASP B 210 -23.55 -42.27 -1.53
C ASP B 210 -25.00 -42.72 -1.45
N LYS B 211 -25.91 -41.88 -1.94
CA LYS B 211 -27.33 -42.21 -1.90
C LYS B 211 -27.90 -42.09 -3.30
N ARG B 212 -28.66 -43.09 -3.72
CA ARG B 212 -29.40 -43.03 -4.97
C ARG B 212 -30.86 -42.74 -4.64
N VAL B 213 -31.52 -41.95 -5.49
CA VAL B 213 -32.85 -41.43 -5.20
C VAL B 213 -33.82 -41.85 -6.29
N GLU B 214 -34.95 -42.46 -5.90
CA GLU B 214 -35.99 -42.91 -6.83
C GLU B 214 -37.31 -42.91 -6.10
N SER B 215 -38.40 -43.05 -6.87
CA SER B 215 -39.74 -43.19 -6.29
C SER B 215 -39.92 -44.59 -5.70
N THR C 3 29.06 4.43 23.79
CA THR C 3 28.18 4.22 22.65
C THR C 3 28.94 4.16 21.33
N ASP C 4 30.15 3.63 21.38
CA ASP C 4 30.93 3.31 20.19
C ASP C 4 31.17 1.83 20.04
N ARG C 5 31.37 1.11 21.13
CA ARG C 5 31.45 -0.33 21.06
C ARG C 5 30.13 -0.94 20.65
N GLN C 6 29.01 -0.30 21.01
CA GLN C 6 27.71 -0.82 20.57
C GLN C 6 27.49 -0.53 19.11
N LEU C 7 27.98 0.61 18.62
CA LEU C 7 27.94 0.88 17.19
C LEU C 7 28.70 -0.19 16.42
N ALA C 8 29.86 -0.60 16.92
CA ALA C 8 30.63 -1.62 16.24
C ALA C 8 29.94 -2.97 16.30
N GLU C 9 29.36 -3.32 17.44
CA GLU C 9 28.72 -4.62 17.55
C GLU C 9 27.55 -4.73 16.60
N GLU C 10 26.88 -3.61 16.30
CA GLU C 10 25.72 -3.68 15.41
C GLU C 10 26.13 -3.67 13.95
N TYR C 11 27.12 -2.87 13.59
CA TYR C 11 27.64 -2.90 12.22
C TYR C 11 28.18 -4.28 11.89
N LEU C 12 29.01 -4.84 12.77
CA LEU C 12 29.58 -6.15 12.53
C LEU C 12 28.50 -7.21 12.40
N TYR C 13 27.46 -7.15 13.24
CA TYR C 13 26.41 -8.14 13.18
C TYR C 13 25.61 -8.02 11.89
N ARG C 14 25.21 -6.80 11.55
CA ARG C 14 24.31 -6.60 10.43
C ARG C 14 24.91 -7.09 9.13
N TYR C 15 26.18 -6.81 8.92
CA TYR C 15 26.79 -7.06 7.63
C TYR C 15 27.51 -8.40 7.56
N GLY C 16 27.52 -9.18 8.64
CA GLY C 16 27.89 -10.58 8.58
C GLY C 16 29.23 -10.95 9.16
N TYR C 17 29.99 -9.98 9.69
CA TYR C 17 31.30 -10.32 10.21
C TYR C 17 31.21 -11.08 11.53
N THR C 18 30.19 -10.81 12.34
CA THR C 18 30.13 -11.42 13.67
C THR C 18 29.92 -12.91 13.59
N ARG C 19 28.97 -13.37 12.78
CA ARG C 19 28.71 -14.80 12.71
C ARG C 19 29.85 -15.55 12.03
N VAL C 20 30.57 -14.90 11.11
CA VAL C 20 31.73 -15.54 10.48
C VAL C 20 32.87 -15.67 11.47
N ALA C 21 33.07 -14.67 12.33
CA ALA C 21 34.11 -14.71 13.35
C ALA C 21 33.83 -15.79 14.40
N SER C 29 35.91 -10.92 22.01
CA SER C 29 37.16 -10.33 21.54
C SER C 29 36.91 -9.13 20.62
N LEU C 30 36.12 -9.34 19.57
CA LEU C 30 35.82 -8.34 18.54
C LEU C 30 37.03 -7.98 17.68
N GLY C 31 38.21 -8.34 18.13
CA GLY C 31 39.40 -8.14 17.34
C GLY C 31 39.33 -8.91 16.03
N PRO C 32 39.12 -10.22 16.11
CA PRO C 32 39.02 -11.00 14.87
C PRO C 32 37.94 -10.52 13.92
N ALA C 33 36.77 -10.15 14.43
CA ALA C 33 35.71 -9.67 13.55
C ALA C 33 36.07 -8.31 12.95
N LEU C 34 36.69 -7.43 13.73
CA LEU C 34 37.17 -6.17 13.16
C LEU C 34 38.23 -6.40 12.11
N LEU C 35 38.96 -7.51 12.20
CA LEU C 35 39.98 -7.81 11.22
C LEU C 35 39.37 -8.29 9.92
N LEU C 36 38.27 -9.03 10.00
CA LEU C 36 37.54 -9.41 8.80
C LEU C 36 36.96 -8.20 8.10
N LEU C 37 36.43 -7.26 8.87
CA LEU C 37 35.87 -6.03 8.29
C LEU C 37 36.96 -5.19 7.66
N GLN C 38 38.05 -4.94 8.38
CA GLN C 38 39.10 -4.10 7.84
C GLN C 38 39.62 -4.65 6.53
N LYS C 39 39.76 -5.97 6.43
CA LYS C 39 40.19 -6.57 5.17
C LYS C 39 39.12 -6.40 4.10
N GLN C 40 37.88 -6.75 4.43
CA GLN C 40 36.79 -6.73 3.46
C GLN C 40 36.48 -5.33 2.95
N LEU C 41 36.75 -4.30 3.74
CA LEU C 41 36.55 -2.92 3.33
C LEU C 41 37.84 -2.26 2.88
N SER C 42 38.97 -2.97 2.96
CA SER C 42 40.26 -2.49 2.50
C SER C 42 40.73 -1.29 3.34
N LEU C 43 40.59 -1.41 4.64
CA LEU C 43 41.13 -0.48 5.61
C LEU C 43 42.41 -1.04 6.19
N PRO C 44 43.19 -0.21 6.88
CA PRO C 44 44.34 -0.74 7.61
C PRO C 44 43.89 -1.80 8.60
N GLU C 45 44.34 -3.02 8.38
CA GLU C 45 43.93 -4.17 9.19
C GLU C 45 44.72 -4.15 10.49
N THR C 46 44.20 -3.40 11.47
CA THR C 46 44.85 -3.27 12.75
C THR C 46 44.18 -4.10 13.83
N GLY C 47 42.95 -4.52 13.63
CA GLY C 47 42.28 -5.33 14.63
C GLY C 47 41.72 -4.56 15.78
N GLU C 48 41.87 -3.24 15.79
CA GLU C 48 41.34 -2.39 16.84
C GLU C 48 40.21 -1.53 16.28
N LEU C 49 39.29 -1.13 17.16
CA LEU C 49 38.27 -0.17 16.78
C LEU C 49 38.91 1.22 16.76
N ASP C 50 39.78 1.42 15.79
CA ASP C 50 40.52 2.67 15.68
C ASP C 50 39.61 3.73 15.06
N SER C 51 40.18 4.88 14.73
CA SER C 51 39.34 5.94 14.21
C SER C 51 38.87 5.63 12.80
N ALA C 52 39.75 5.09 11.96
CA ALA C 52 39.40 4.85 10.57
C ALA C 52 38.28 3.81 10.44
N THR C 53 38.32 2.76 11.25
CA THR C 53 37.22 1.81 11.24
C THR C 53 35.92 2.48 11.69
N LEU C 54 35.99 3.33 12.69
CA LEU C 54 34.80 4.07 13.12
C LEU C 54 34.29 4.96 12.01
N LYS C 55 35.18 5.70 11.37
CA LYS C 55 34.77 6.51 10.22
C LYS C 55 34.02 5.67 9.21
N ALA C 56 34.58 4.51 8.85
CA ALA C 56 33.94 3.65 7.87
C ALA C 56 32.58 3.19 8.37
N MET C 57 32.52 2.76 9.62
CA MET C 57 31.27 2.27 10.17
C MET C 57 30.16 3.31 10.13
N ARG C 58 30.49 4.58 10.03
CA ARG C 58 29.49 5.63 9.98
C ARG C 58 29.26 6.18 8.59
N THR C 59 29.91 5.66 7.59
CA THR C 59 29.69 6.13 6.24
C THR C 59 28.45 5.48 5.66
N PRO C 60 27.62 6.22 4.92
CA PRO C 60 26.43 5.63 4.32
C PRO C 60 26.80 4.57 3.30
N ARG C 61 25.98 3.53 3.20
CA ARG C 61 26.37 2.36 2.43
C ARG C 61 25.17 1.52 2.05
N CYS C 62 25.44 0.44 1.34
CA CYS C 62 24.42 -0.48 0.88
C CYS C 62 24.05 -1.42 2.01
N GLY C 63 22.78 -1.74 2.11
CA GLY C 63 22.39 -2.54 3.23
C GLY C 63 22.65 -4.01 3.08
N VAL C 64 23.15 -4.46 1.94
CA VAL C 64 23.34 -5.88 1.70
C VAL C 64 24.55 -6.35 2.50
N PRO C 65 24.47 -7.44 3.20
CA PRO C 65 25.62 -7.93 3.97
C PRO C 65 26.89 -8.10 3.16
N ASP C 66 28.05 -8.04 3.81
CA ASP C 66 29.35 -8.20 3.14
C ASP C 66 29.84 -9.64 3.15
N LEU C 67 29.58 -10.40 4.21
CA LEU C 67 29.85 -11.82 4.25
C LEU C 67 28.53 -12.55 4.46
N GLY C 68 28.27 -13.52 3.64
CA GLY C 68 26.99 -14.15 3.69
C GLY C 68 25.95 -13.38 2.92
N ARG C 69 24.70 -13.75 3.16
CA ARG C 69 23.58 -13.11 2.51
C ARG C 69 22.49 -12.85 3.53
N PHE C 70 21.46 -12.13 3.10
CA PHE C 70 20.28 -11.97 3.93
C PHE C 70 19.76 -13.31 4.39
N GLN C 71 19.87 -14.32 3.53
CA GLN C 71 19.12 -15.56 3.67
C GLN C 71 19.63 -16.53 2.62
N THR C 72 19.13 -17.75 2.65
CA THR C 72 19.29 -18.69 1.56
C THR C 72 18.35 -18.29 0.44
N PHE C 73 18.86 -18.06 -0.75
CA PHE C 73 18.01 -17.70 -1.87
C PHE C 73 17.73 -18.93 -2.73
N GLU C 74 16.94 -18.76 -3.77
CA GLU C 74 16.55 -19.84 -4.67
C GLU C 74 17.32 -19.74 -5.98
N GLY C 75 17.86 -20.85 -6.44
CA GLY C 75 18.55 -20.84 -7.71
C GLY C 75 20.02 -20.56 -7.58
N ASP C 76 20.66 -20.37 -8.74
CA ASP C 76 22.09 -20.14 -8.80
C ASP C 76 22.43 -18.67 -8.91
N LEU C 77 21.47 -17.82 -8.55
CA LEU C 77 21.70 -16.39 -8.35
C LEU C 77 22.23 -15.71 -9.60
N LYS C 78 21.89 -16.20 -10.78
CA LYS C 78 22.15 -15.45 -12.00
C LYS C 78 21.01 -15.68 -12.98
N TRP C 79 20.77 -14.68 -13.83
CA TRP C 79 19.66 -14.75 -14.76
C TRP C 79 19.97 -15.74 -15.87
N HIS C 80 18.96 -16.51 -16.26
CA HIS C 80 19.07 -17.51 -17.30
C HIS C 80 18.33 -17.10 -18.56
N HIS C 81 18.21 -15.78 -18.77
CA HIS C 81 17.69 -15.20 -19.98
C HIS C 81 18.30 -13.82 -20.08
N HIS C 82 18.11 -13.17 -21.22
CA HIS C 82 18.85 -11.96 -21.52
C HIS C 82 17.98 -10.72 -21.71
N ASN C 83 16.70 -10.89 -22.03
CA ASN C 83 15.74 -9.80 -22.07
C ASN C 83 15.22 -9.58 -20.66
N ILE C 84 15.93 -8.76 -19.90
CA ILE C 84 15.59 -8.47 -18.51
C ILE C 84 14.57 -7.35 -18.49
N THR C 85 13.45 -7.58 -17.82
CA THR C 85 12.39 -6.58 -17.71
C THR C 85 12.32 -6.04 -16.31
N TYR C 86 12.17 -4.72 -16.17
CA TYR C 86 12.04 -4.06 -14.89
C TYR C 86 10.75 -3.27 -14.79
N TRP C 87 10.31 -3.04 -13.55
CA TRP C 87 9.10 -2.29 -13.22
C TRP C 87 9.46 -1.25 -12.18
N ILE C 88 9.13 0.02 -12.44
CA ILE C 88 9.27 1.06 -11.44
C ILE C 88 7.96 1.15 -10.68
N GLN C 89 7.93 0.60 -9.47
CA GLN C 89 6.66 0.40 -8.79
C GLN C 89 6.16 1.66 -8.12
N ASN C 90 7.06 2.53 -7.68
CA ASN C 90 6.65 3.80 -7.12
C ASN C 90 7.83 4.75 -7.18
N TYR C 91 7.58 6.00 -6.80
CA TYR C 91 8.54 7.07 -6.94
C TYR C 91 8.76 7.76 -5.61
N SER C 92 9.88 8.43 -5.51
CA SER C 92 10.12 9.33 -4.41
C SER C 92 9.64 10.72 -4.79
N GLU C 93 9.31 11.51 -3.79
CA GLU C 93 8.83 12.84 -4.09
C GLU C 93 9.96 13.81 -4.40
N ASP C 94 11.20 13.35 -4.30
CA ASP C 94 12.35 14.24 -4.34
C ASP C 94 12.80 14.57 -5.73
N LEU C 95 12.23 13.94 -6.75
CA LEU C 95 12.69 14.15 -8.11
C LEU C 95 11.52 13.92 -9.05
N PRO C 96 11.44 14.67 -10.15
CA PRO C 96 10.41 14.42 -11.15
C PRO C 96 10.46 12.99 -11.65
N ARG C 97 9.28 12.44 -11.93
CA ARG C 97 9.22 11.06 -12.38
C ARG C 97 10.10 10.83 -13.61
N ALA C 98 10.13 11.78 -14.52
CA ALA C 98 10.95 11.59 -15.71
C ALA C 98 12.41 11.53 -15.35
N VAL C 99 12.83 12.24 -14.31
CA VAL C 99 14.22 12.21 -13.90
C VAL C 99 14.53 10.90 -13.20
N ILE C 100 13.56 10.36 -12.46
CA ILE C 100 13.74 9.06 -11.80
C ILE C 100 13.73 7.95 -12.83
N ASP C 101 12.75 7.97 -13.74
CA ASP C 101 12.72 7.00 -14.83
C ASP C 101 14.04 6.97 -15.59
N ASP C 102 14.66 8.13 -15.78
CA ASP C 102 15.87 8.23 -16.58
C ASP C 102 17.08 7.74 -15.80
N ALA C 103 17.23 8.16 -14.55
CA ALA C 103 18.30 7.64 -13.70
C ALA C 103 18.30 6.13 -13.66
N PHE C 104 17.13 5.51 -13.57
CA PHE C 104 17.13 4.06 -13.63
C PHE C 104 17.49 3.57 -15.03
N ALA C 105 17.18 4.33 -16.07
CA ALA C 105 17.58 3.89 -17.40
C ALA C 105 19.08 4.00 -17.58
N ARG C 106 19.66 5.13 -17.16
CA ARG C 106 21.10 5.29 -17.24
C ARG C 106 21.82 4.39 -16.27
N ALA C 107 21.17 3.93 -15.21
CA ALA C 107 21.83 2.95 -14.35
C ALA C 107 21.88 1.59 -15.02
N PHE C 108 20.80 1.18 -15.66
CA PHE C 108 20.81 -0.11 -16.35
C PHE C 108 21.74 -0.09 -17.55
N ALA C 109 21.96 1.08 -18.15
CA ALA C 109 22.75 1.14 -19.38
C ALA C 109 24.21 0.83 -19.11
N LEU C 110 24.73 1.26 -17.98
CA LEU C 110 26.04 0.85 -17.50
C LEU C 110 26.23 -0.65 -17.67
N TRP C 111 25.22 -1.44 -17.34
CA TRP C 111 25.43 -2.87 -17.26
C TRP C 111 25.22 -3.56 -18.60
N SER C 112 24.23 -3.12 -19.39
CA SER C 112 24.09 -3.65 -20.74
C SER C 112 25.33 -3.35 -21.56
N ALA C 113 25.92 -2.18 -21.36
CA ALA C 113 27.11 -1.77 -22.09
C ALA C 113 28.26 -2.77 -22.00
N VAL C 114 28.12 -3.85 -21.22
CA VAL C 114 29.20 -4.80 -20.97
C VAL C 114 28.65 -6.20 -20.65
N THR C 115 27.58 -6.62 -21.28
CA THR C 115 27.03 -7.94 -20.99
C THR C 115 26.07 -8.32 -22.11
N PRO C 116 25.65 -9.59 -22.18
CA PRO C 116 24.58 -9.95 -23.13
C PRO C 116 23.16 -9.72 -22.63
N LEU C 117 22.91 -8.68 -21.83
CA LEU C 117 21.59 -8.45 -21.26
C LEU C 117 20.98 -7.15 -21.79
N THR C 118 19.68 -7.19 -22.03
CA THR C 118 18.91 -6.01 -22.41
C THR C 118 17.92 -5.69 -21.31
N PHE C 119 17.68 -4.40 -21.10
CA PHE C 119 16.77 -3.95 -20.06
C PHE C 119 15.60 -3.22 -20.67
N THR C 120 14.41 -3.75 -20.44
CA THR C 120 13.18 -3.26 -21.03
C THR C 120 12.21 -2.95 -19.91
N ARG C 121 11.75 -1.72 -19.85
CA ARG C 121 10.78 -1.32 -18.85
C ARG C 121 9.39 -1.88 -19.14
N VAL C 122 8.73 -2.42 -18.10
CA VAL C 122 7.36 -2.91 -18.19
C VAL C 122 6.55 -2.29 -17.08
N TYR C 123 5.26 -2.59 -17.10
CA TYR C 123 4.29 -2.05 -16.14
C TYR C 123 3.47 -3.21 -15.58
N SER C 124 4.14 -4.06 -14.80
CA SER C 124 3.57 -5.31 -14.35
C SER C 124 4.42 -5.84 -13.21
N ARG C 125 3.79 -6.48 -12.25
CA ARG C 125 4.55 -7.16 -11.21
C ARG C 125 5.16 -8.42 -11.67
N ASP C 126 5.09 -8.72 -12.97
CA ASP C 126 5.79 -9.83 -13.59
C ASP C 126 7.24 -9.52 -13.91
N ALA C 127 7.64 -8.26 -13.80
CA ALA C 127 9.00 -7.88 -14.15
C ALA C 127 9.98 -8.70 -13.34
N ASP C 128 11.18 -8.91 -13.90
CA ASP C 128 12.21 -9.63 -13.16
C ASP C 128 12.77 -8.78 -12.05
N ILE C 129 13.14 -7.55 -12.38
CA ILE C 129 13.60 -6.54 -11.43
C ILE C 129 12.44 -5.61 -11.13
N VAL C 130 12.01 -5.53 -9.87
CA VAL C 130 10.99 -4.57 -9.44
C VAL C 130 11.66 -3.53 -8.56
N ILE C 131 11.43 -2.26 -8.85
CA ILE C 131 12.06 -1.17 -8.15
C ILE C 131 11.04 -0.53 -7.23
N GLN C 132 11.42 -0.24 -6.00
CA GLN C 132 10.45 0.28 -5.06
C GLN C 132 11.13 1.14 -4.01
N PHE C 133 10.51 2.26 -3.69
CA PHE C 133 10.93 3.14 -2.61
C PHE C 133 10.10 2.83 -1.36
N GLY C 134 10.73 2.88 -0.20
CA GLY C 134 10.01 2.54 1.01
C GLY C 134 10.82 3.00 2.20
N VAL C 135 10.20 2.96 3.36
CA VAL C 135 10.81 3.45 4.59
C VAL C 135 10.53 2.46 5.70
N ALA C 136 11.48 2.35 6.63
CA ALA C 136 11.41 1.36 7.70
C ALA C 136 10.97 0.02 7.15
N GLU C 137 10.02 -0.64 7.79
CA GLU C 137 9.52 -1.88 7.22
C GLU C 137 8.68 -1.58 6.00
N HIS C 138 9.06 -2.14 4.85
CA HIS C 138 8.47 -1.80 3.56
C HIS C 138 8.05 -3.03 2.76
N GLY C 139 7.75 -4.14 3.42
CA GLY C 139 7.15 -5.28 2.76
C GLY C 139 8.07 -6.45 2.48
N ASP C 140 9.34 -6.33 2.75
CA ASP C 140 10.26 -7.45 2.83
C ASP C 140 10.51 -7.71 4.31
N GLY C 141 11.39 -8.62 4.61
CA GLY C 141 11.63 -8.79 6.03
C GLY C 141 12.71 -7.86 6.53
N TYR C 142 13.11 -6.91 5.68
CA TYR C 142 14.39 -6.24 5.80
C TYR C 142 14.17 -4.74 5.93
N PRO C 143 13.82 -4.25 7.11
CA PRO C 143 13.48 -2.85 7.26
C PRO C 143 14.68 -1.94 7.13
N PHE C 144 14.44 -0.75 6.59
CA PHE C 144 15.44 0.30 6.53
C PHE C 144 15.53 1.00 7.87
N ASP C 145 16.47 1.92 7.97
CA ASP C 145 16.95 2.41 9.23
C ASP C 145 16.71 3.89 9.48
N GLY C 146 15.97 4.54 8.62
CA GLY C 146 15.82 5.96 8.75
C GLY C 146 16.93 6.69 8.04
N LYS C 147 17.04 7.98 8.36
CA LYS C 147 17.92 8.88 7.64
C LYS C 147 19.36 8.44 7.78
N ASP C 148 20.09 8.49 6.66
CA ASP C 148 21.47 8.04 6.57
C ASP C 148 21.59 6.55 6.88
N GLY C 149 22.75 6.13 7.32
CA GLY C 149 22.98 4.73 7.59
C GLY C 149 23.02 3.95 6.31
N LEU C 150 22.12 3.01 6.13
CA LEU C 150 22.07 2.26 4.89
C LEU C 150 21.07 2.91 3.96
N LEU C 151 21.44 3.02 2.68
CA LEU C 151 20.69 3.78 1.72
C LEU C 151 19.75 2.95 0.85
N ALA C 152 20.01 1.66 0.68
CA ALA C 152 19.23 0.82 -0.22
C ALA C 152 19.63 -0.62 0.02
N HIS C 153 18.92 -1.54 -0.63
CA HIS C 153 19.40 -2.90 -0.77
C HIS C 153 18.74 -3.54 -1.99
N ALA C 154 19.34 -4.62 -2.49
CA ALA C 154 18.76 -5.42 -3.56
C ALA C 154 19.04 -6.90 -3.30
N PHE C 155 18.50 -7.75 -4.16
CA PHE C 155 18.49 -9.20 -3.98
C PHE C 155 19.02 -9.92 -5.21
N PRO C 156 19.60 -11.11 -5.05
CA PRO C 156 20.19 -11.79 -6.19
C PRO C 156 19.13 -12.18 -7.19
N PRO C 157 19.53 -12.58 -8.40
CA PRO C 157 18.55 -12.94 -9.43
C PRO C 157 17.71 -14.13 -9.02
N GLY C 158 16.50 -14.19 -9.57
CA GLY C 158 15.62 -15.29 -9.25
C GLY C 158 14.16 -14.90 -9.21
N PRO C 159 13.33 -15.80 -8.66
CA PRO C 159 11.89 -15.57 -8.68
C PRO C 159 11.43 -14.66 -7.57
N GLY C 160 10.27 -14.07 -7.79
CA GLY C 160 9.63 -13.34 -6.70
C GLY C 160 10.44 -12.17 -6.23
N ILE C 161 10.69 -12.15 -4.91
CA ILE C 161 11.39 -11.04 -4.27
C ILE C 161 12.80 -10.88 -4.81
N GLN C 162 13.33 -11.89 -5.49
CA GLN C 162 14.71 -11.85 -5.93
C GLN C 162 14.82 -10.99 -7.19
N GLY C 163 15.98 -10.39 -7.38
CA GLY C 163 16.18 -9.44 -8.43
C GLY C 163 15.68 -8.05 -8.13
N ASP C 164 14.88 -7.86 -7.10
CA ASP C 164 14.25 -6.57 -6.83
C ASP C 164 15.23 -5.62 -6.15
N ALA C 165 14.96 -4.33 -6.28
CA ALA C 165 15.83 -3.31 -5.73
C ALA C 165 14.98 -2.31 -4.97
N HIS C 166 15.40 -1.98 -3.76
CA HIS C 166 14.63 -1.12 -2.87
C HIS C 166 15.52 0.02 -2.41
N PHE C 167 14.92 1.20 -2.25
CA PHE C 167 15.65 2.42 -1.93
C PHE C 167 15.01 3.08 -0.72
N ASP C 168 15.83 3.45 0.26
CA ASP C 168 15.35 4.06 1.51
C ASP C 168 14.81 5.45 1.21
N ASP C 169 13.51 5.61 1.27
CA ASP C 169 12.89 6.91 1.04
C ASP C 169 12.94 7.82 2.24
N ASP C 170 13.58 7.41 3.34
CA ASP C 170 13.90 8.29 4.44
C ASP C 170 15.10 9.18 4.13
N GLU C 171 15.74 9.00 2.98
CA GLU C 171 16.88 9.79 2.54
C GLU C 171 16.39 10.89 1.60
N LEU C 172 17.29 11.81 1.31
CA LEU C 172 17.01 12.84 0.32
C LEU C 172 17.67 12.41 -0.98
N TRP C 173 16.87 12.13 -2.00
CA TRP C 173 17.38 11.60 -3.24
C TRP C 173 17.59 12.75 -4.23
N SER C 174 18.77 12.79 -4.83
CA SER C 174 19.14 13.85 -5.76
C SER C 174 19.93 13.23 -6.89
N LEU C 175 20.71 14.03 -7.60
CA LEU C 175 21.45 13.49 -8.73
C LEU C 175 22.92 13.84 -8.69
N GLY C 176 23.25 15.07 -9.09
CA GLY C 176 24.63 15.49 -9.07
C GLY C 176 25.06 15.95 -7.70
N LYS C 177 25.77 17.08 -7.64
CA LYS C 177 26.24 17.58 -6.36
C LYS C 177 25.09 18.17 -5.59
N GLY C 178 25.38 19.10 -4.70
CA GLY C 178 24.35 19.54 -3.79
C GLY C 178 24.13 18.50 -2.71
N GLN C 179 22.97 18.58 -2.08
CA GLN C 179 22.70 17.66 -0.99
C GLN C 179 22.06 16.39 -1.51
N GLY C 180 22.07 15.37 -0.69
CA GLY C 180 21.39 14.14 -0.99
C GLY C 180 22.25 13.13 -1.72
N TYR C 181 21.73 11.92 -1.78
CA TYR C 181 22.44 10.81 -2.38
C TYR C 181 22.03 10.66 -3.83
N SER C 182 22.99 10.36 -4.69
CA SER C 182 22.75 10.21 -6.12
C SER C 182 21.91 8.98 -6.38
N LEU C 183 20.67 9.16 -6.83
CA LEU C 183 19.84 8.02 -7.15
C LEU C 183 20.43 7.23 -8.29
N PHE C 184 21.17 7.88 -9.17
CA PHE C 184 21.75 7.18 -10.31
C PHE C 184 22.84 6.22 -9.86
N LEU C 185 23.73 6.67 -8.97
CA LEU C 185 24.84 5.84 -8.53
C LEU C 185 24.39 4.72 -7.61
N VAL C 186 23.49 5.01 -6.67
CA VAL C 186 23.00 3.95 -5.79
C VAL C 186 22.24 2.91 -6.61
N ALA C 187 21.41 3.35 -7.55
CA ALA C 187 20.72 2.39 -8.39
C ALA C 187 21.69 1.54 -9.18
N ALA C 188 22.75 2.14 -9.71
CA ALA C 188 23.72 1.39 -10.49
C ALA C 188 24.41 0.35 -9.63
N HIS C 189 24.77 0.70 -8.40
CA HIS C 189 25.27 -0.29 -7.44
C HIS C 189 24.23 -1.37 -7.21
N GLU C 190 23.00 -0.99 -6.92
CA GLU C 190 22.01 -1.98 -6.52
C GLU C 190 21.67 -2.91 -7.67
N PHE C 191 21.60 -2.40 -8.90
CA PHE C 191 21.33 -3.27 -10.03
C PHE C 191 22.47 -4.26 -10.22
N GLY C 192 23.66 -3.92 -9.77
CA GLY C 192 24.72 -4.90 -9.71
C GLY C 192 24.34 -6.09 -8.87
N HIS C 193 23.81 -5.83 -7.67
CA HIS C 193 23.32 -6.92 -6.83
C HIS C 193 22.24 -7.70 -7.52
N ALA C 194 21.38 -7.01 -8.28
CA ALA C 194 20.26 -7.65 -8.93
C ALA C 194 20.67 -8.41 -10.17
N LEU C 195 21.92 -8.30 -10.59
CA LEU C 195 22.44 -9.09 -11.70
C LEU C 195 23.32 -10.25 -11.26
N GLY C 196 23.59 -10.41 -9.98
CA GLY C 196 24.39 -11.50 -9.47
C GLY C 196 25.65 -11.10 -8.73
N LEU C 197 26.06 -9.83 -8.76
CA LEU C 197 27.31 -9.41 -8.15
C LEU C 197 27.18 -9.28 -6.65
N ASP C 198 28.28 -9.54 -5.95
CA ASP C 198 28.41 -9.28 -4.53
C ASP C 198 29.28 -8.05 -4.36
N HIS C 199 29.52 -7.66 -3.12
CA HIS C 199 30.26 -6.44 -2.87
C HIS C 199 31.72 -6.61 -3.22
N SER C 200 32.30 -5.59 -3.81
CA SER C 200 33.73 -5.58 -4.06
C SER C 200 34.48 -4.99 -2.88
N SER C 201 35.76 -5.26 -2.83
CA SER C 201 36.61 -4.70 -1.81
C SER C 201 37.48 -3.57 -2.31
N VAL C 202 37.36 -3.20 -3.58
CA VAL C 202 38.18 -2.15 -4.18
C VAL C 202 37.48 -0.81 -3.91
N PRO C 203 38.01 0.01 -3.01
CA PRO C 203 37.33 1.27 -2.67
C PRO C 203 36.77 2.07 -3.83
N GLU C 204 37.32 1.90 -5.03
CA GLU C 204 36.93 2.70 -6.19
C GLU C 204 36.07 1.94 -7.16
N ALA C 205 35.61 0.75 -6.80
CA ALA C 205 34.67 0.01 -7.61
C ALA C 205 33.25 0.44 -7.31
N LEU C 206 32.34 0.15 -8.23
CA LEU C 206 30.94 0.49 -7.98
C LEU C 206 30.33 -0.44 -6.94
N MET C 207 30.67 -1.72 -6.98
CA MET C 207 30.14 -2.64 -6.00
C MET C 207 30.83 -2.53 -4.65
N TYR C 208 31.65 -1.54 -4.44
CA TYR C 208 32.12 -1.27 -3.10
C TYR C 208 30.95 -0.79 -2.25
N PRO C 209 30.81 -1.26 -1.02
CA PRO C 209 29.55 -1.07 -0.31
C PRO C 209 29.33 0.35 0.16
N MET C 210 30.37 1.12 0.43
CA MET C 210 30.18 2.47 0.90
C MET C 210 29.84 3.41 -0.26
N TYR C 211 29.14 4.49 0.06
CA TYR C 211 28.69 5.45 -0.94
C TYR C 211 29.78 6.47 -1.16
N ARG C 212 30.11 6.72 -2.43
CA ARG C 212 31.04 7.76 -2.81
C ARG C 212 30.50 8.46 -4.04
N PHE C 213 30.30 9.77 -3.95
CA PHE C 213 29.87 10.50 -5.13
C PHE C 213 31.02 10.61 -6.11
N THR C 214 30.76 10.24 -7.35
CA THR C 214 31.71 10.42 -8.43
C THR C 214 30.99 10.99 -9.63
N GLU C 215 31.65 11.89 -10.33
CA GLU C 215 31.29 12.09 -11.72
C GLU C 215 32.19 11.17 -12.54
N GLY C 216 31.94 11.12 -13.83
CA GLY C 216 32.70 10.21 -14.65
C GLY C 216 32.39 8.77 -14.32
N PRO C 217 33.04 7.85 -15.02
CA PRO C 217 32.51 6.50 -15.16
C PRO C 217 32.32 5.83 -13.81
N PRO C 218 31.10 5.35 -13.54
CA PRO C 218 30.90 4.60 -12.31
C PRO C 218 31.59 3.26 -12.32
N LEU C 219 31.66 2.59 -13.47
CA LEU C 219 32.16 1.22 -13.52
C LEU C 219 33.68 1.18 -13.49
N HIS C 220 34.20 0.19 -12.79
CA HIS C 220 35.61 0.02 -12.54
C HIS C 220 36.01 -1.37 -13.02
N LYS C 221 37.31 -1.55 -13.27
CA LYS C 221 37.80 -2.81 -13.82
C LYS C 221 37.22 -4.01 -13.07
N ASP C 222 37.11 -3.91 -11.74
CA ASP C 222 36.71 -5.06 -10.95
C ASP C 222 35.24 -5.40 -11.17
N ASP C 223 34.43 -4.42 -11.57
CA ASP C 223 33.01 -4.65 -11.81
C ASP C 223 32.79 -5.36 -13.13
N VAL C 224 33.43 -4.87 -14.18
CA VAL C 224 33.27 -5.46 -15.50
C VAL C 224 33.84 -6.88 -15.53
N ASN C 225 34.92 -7.12 -14.78
CA ASN C 225 35.43 -8.47 -14.62
C ASN C 225 34.46 -9.32 -13.81
N GLY C 226 33.84 -8.73 -12.78
CA GLY C 226 32.93 -9.50 -11.96
C GLY C 226 31.64 -9.85 -12.68
N ILE C 227 31.13 -8.92 -13.50
CA ILE C 227 29.91 -9.16 -14.24
C ILE C 227 30.12 -10.19 -15.33
N ARG C 228 31.37 -10.42 -15.69
CA ARG C 228 31.72 -11.24 -16.84
C ARG C 228 31.83 -12.71 -16.50
N HIS C 229 32.41 -13.04 -15.36
CA HIS C 229 32.39 -14.43 -14.94
C HIS C 229 31.00 -14.91 -14.65
N LEU C 230 30.00 -14.08 -14.93
CA LEU C 230 28.58 -14.39 -14.84
C LEU C 230 27.93 -14.54 -16.20
N TYR C 231 28.05 -13.53 -17.05
CA TYR C 231 27.45 -13.54 -18.38
C TYR C 231 28.51 -13.36 -19.47
N ASP D 1 -26.91 3.53 3.45
CA ASP D 1 -26.66 2.92 4.74
C ASP D 1 -25.41 3.51 5.36
N ILE D 2 -25.57 4.54 6.19
CA ILE D 2 -24.47 5.43 6.51
C ILE D 2 -23.48 4.75 7.45
N GLN D 3 -22.19 4.91 7.15
CA GLN D 3 -21.11 4.26 7.90
C GLN D 3 -20.34 5.29 8.71
N MET D 4 -20.27 5.08 10.01
CA MET D 4 -19.49 5.91 10.90
C MET D 4 -18.14 5.27 11.17
N THR D 5 -17.08 6.04 10.98
CA THR D 5 -15.71 5.56 11.10
C THR D 5 -15.03 6.35 12.20
N GLN D 6 -14.83 5.73 13.35
CA GLN D 6 -14.09 6.36 14.43
C GLN D 6 -12.61 6.06 14.33
N SER D 7 -11.80 7.07 14.60
CA SER D 7 -10.36 6.92 14.68
C SER D 7 -9.89 7.68 15.89
N PRO D 8 -8.93 7.14 16.63
CA PRO D 8 -8.33 5.83 16.48
C PRO D 8 -9.17 4.76 17.15
N SER D 9 -8.85 3.49 16.94
CA SER D 9 -9.56 2.45 17.67
C SER D 9 -9.17 2.41 19.13
N SER D 10 -7.99 2.91 19.49
CA SER D 10 -7.58 2.97 20.89
C SER D 10 -6.52 4.04 21.05
N LEU D 11 -6.31 4.43 22.29
CA LEU D 11 -5.28 5.38 22.62
C LEU D 11 -5.04 5.31 24.11
N SER D 12 -3.85 5.70 24.53
CA SER D 12 -3.59 5.92 25.94
C SER D 12 -2.98 7.29 26.10
N ALA D 13 -3.30 7.95 27.20
CA ALA D 13 -2.76 9.27 27.49
C ALA D 13 -2.68 9.44 29.00
N SER D 14 -1.88 10.38 29.44
CA SER D 14 -1.69 10.60 30.86
C SER D 14 -2.77 11.50 31.40
N VAL D 15 -2.95 11.46 32.73
CA VAL D 15 -3.93 12.33 33.34
C VAL D 15 -3.56 13.78 33.06
N GLY D 16 -4.54 14.56 32.63
CA GLY D 16 -4.34 15.94 32.30
C GLY D 16 -4.17 16.22 30.83
N ASP D 17 -3.86 15.20 30.05
CA ASP D 17 -3.61 15.39 28.65
C ASP D 17 -4.92 15.55 27.90
N ARG D 18 -4.85 16.23 26.78
CA ARG D 18 -6.02 16.46 25.94
C ARG D 18 -6.14 15.30 24.98
N VAL D 19 -7.37 14.87 24.74
CA VAL D 19 -7.65 13.68 23.95
C VAL D 19 -8.64 14.07 22.87
N THR D 20 -8.33 13.73 21.62
CA THR D 20 -9.17 14.03 20.48
C THR D 20 -9.51 12.74 19.74
N ILE D 21 -10.79 12.42 19.66
CA ILE D 21 -11.32 11.28 18.94
C ILE D 21 -12.17 11.82 17.79
N THR D 22 -12.13 11.18 16.64
CA THR D 22 -12.94 11.66 15.53
C THR D 22 -13.86 10.56 15.03
N CYS D 23 -14.84 10.97 14.23
CA CYS D 23 -15.90 10.13 13.72
C CYS D 23 -16.27 10.70 12.37
N LYS D 24 -16.16 9.91 11.31
CA LYS D 24 -16.37 10.41 9.96
C LYS D 24 -17.55 9.68 9.34
N ALA D 25 -18.48 10.44 8.81
CA ALA D 25 -19.69 9.85 8.27
C ALA D 25 -19.54 9.63 6.77
N SER D 26 -20.04 8.50 6.30
CA SER D 26 -19.97 8.19 4.89
C SER D 26 -20.76 9.17 4.03
N GLN D 27 -21.61 9.99 4.62
CA GLN D 27 -22.36 11.00 3.88
C GLN D 27 -22.95 11.99 4.87
N ASP D 28 -23.41 13.14 4.35
CA ASP D 28 -23.95 14.23 5.15
C ASP D 28 -24.96 13.74 6.17
N VAL D 29 -24.77 14.17 7.41
CA VAL D 29 -25.46 13.65 8.58
C VAL D 29 -25.92 14.85 9.40
N ARG D 30 -25.69 16.05 8.86
CA ARG D 30 -26.13 17.31 9.45
C ARG D 30 -25.46 17.43 10.81
N ASN D 31 -26.19 17.68 11.89
CA ASN D 31 -25.67 17.82 13.24
C ASN D 31 -26.23 16.74 14.14
N THR D 32 -26.68 15.63 13.57
CA THR D 32 -27.41 14.61 14.29
C THR D 32 -26.49 13.55 14.85
N VAL D 33 -25.42 13.95 15.51
CA VAL D 33 -24.41 13.00 15.98
C VAL D 33 -24.30 13.14 17.48
N ALA D 34 -24.38 12.02 18.17
CA ALA D 34 -24.25 11.97 19.61
C ALA D 34 -23.09 11.08 19.97
N TRP D 35 -22.47 11.34 21.13
CA TRP D 35 -21.34 10.57 21.61
C TRP D 35 -21.72 9.90 22.93
N TYR D 36 -21.43 8.61 23.04
CA TYR D 36 -21.70 7.83 24.25
C TYR D 36 -20.39 7.36 24.84
N GLN D 37 -20.42 7.15 26.15
CA GLN D 37 -19.30 6.61 26.90
C GLN D 37 -19.77 5.38 27.62
N GLN D 38 -19.03 4.29 27.53
CA GLN D 38 -19.44 3.01 28.13
C GLN D 38 -18.30 2.46 28.96
N LYS D 39 -18.47 2.41 30.28
CA LYS D 39 -17.54 1.70 31.14
C LYS D 39 -17.87 0.22 31.13
N PRO D 40 -16.92 -0.66 31.45
CA PRO D 40 -17.15 -2.09 31.22
C PRO D 40 -18.32 -2.63 32.02
N GLY D 41 -19.16 -3.41 31.35
CA GLY D 41 -20.29 -4.01 32.01
C GLY D 41 -21.36 -3.03 32.41
N LYS D 42 -21.33 -1.83 31.86
CA LYS D 42 -22.34 -0.83 32.11
C LYS D 42 -22.97 -0.44 30.79
N ALA D 43 -24.17 0.09 30.85
CA ALA D 43 -24.77 0.60 29.66
C ALA D 43 -24.06 1.88 29.24
N PRO D 44 -24.06 2.20 27.96
CA PRO D 44 -23.54 3.50 27.55
C PRO D 44 -24.36 4.60 28.19
N LYS D 45 -23.73 5.74 28.43
CA LYS D 45 -24.46 6.89 28.92
C LYS D 45 -24.22 8.05 27.97
N LEU D 46 -25.28 8.80 27.67
CA LEU D 46 -25.19 9.87 26.69
C LEU D 46 -24.29 10.97 27.19
N LEU D 47 -23.37 11.40 26.34
CA LEU D 47 -22.36 12.39 26.67
C LEU D 47 -22.58 13.71 25.92
N ILE D 48 -22.70 13.65 24.61
CA ILE D 48 -22.87 14.81 23.76
C ILE D 48 -24.04 14.52 22.85
N TYR D 49 -24.91 15.50 22.63
CA TYR D 49 -25.99 15.36 21.68
C TYR D 49 -26.02 16.54 20.73
N SER D 50 -26.63 16.30 19.58
CA SER D 50 -26.73 17.27 18.48
C SER D 50 -25.39 17.87 18.12
N SER D 51 -24.38 17.00 17.99
CA SER D 51 -23.00 17.36 17.69
C SER D 51 -22.26 17.98 18.86
N SER D 52 -22.82 19.01 19.47
CA SER D 52 -22.01 19.86 20.32
C SER D 52 -22.62 20.22 21.66
N TYR D 53 -23.71 19.61 22.09
CA TYR D 53 -24.34 19.92 23.36
C TYR D 53 -24.00 18.82 24.34
N ARG D 54 -23.63 19.18 25.57
CA ARG D 54 -23.43 18.13 26.54
C ARG D 54 -24.67 17.89 27.37
N ASN D 55 -24.93 16.62 27.63
CA ASN D 55 -26.06 16.18 28.40
C ASN D 55 -25.93 16.65 29.83
N THR D 56 -27.04 16.58 30.57
CA THR D 56 -27.03 17.05 31.95
C THR D 56 -26.04 16.23 32.78
N GLY D 57 -25.26 16.93 33.58
CA GLY D 57 -24.32 16.27 34.45
C GLY D 57 -23.02 15.85 33.79
N VAL D 58 -22.81 16.18 32.53
CA VAL D 58 -21.54 15.84 31.90
C VAL D 58 -20.52 16.91 32.26
N PRO D 59 -19.35 16.54 32.76
CA PRO D 59 -18.36 17.55 33.11
C PRO D 59 -17.94 18.33 31.89
N ASP D 60 -17.53 19.58 32.10
CA ASP D 60 -17.17 20.48 31.00
C ASP D 60 -15.95 20.02 30.21
N ARG D 61 -15.19 19.05 30.69
CA ARG D 61 -14.02 18.65 29.93
C ARG D 61 -14.38 17.89 28.67
N PHE D 62 -15.62 17.43 28.53
CA PHE D 62 -16.10 16.77 27.33
C PHE D 62 -16.79 17.80 26.45
N SER D 63 -16.44 17.81 25.17
CA SER D 63 -17.06 18.70 24.21
C SER D 63 -17.10 18.02 22.87
N GLY D 64 -18.07 18.40 22.06
CA GLY D 64 -18.19 17.87 20.72
C GLY D 64 -18.26 18.98 19.71
N SER D 65 -17.84 18.68 18.50
CA SER D 65 -17.82 19.65 17.43
C SER D 65 -17.95 18.92 16.11
N GLY D 66 -18.38 19.63 15.09
CA GLY D 66 -18.42 19.07 13.77
C GLY D 66 -19.78 19.20 13.14
N SER D 67 -19.83 19.16 11.83
CA SER D 67 -21.12 19.10 11.14
C SER D 67 -20.88 18.53 9.76
N GLY D 68 -21.88 17.83 9.26
CA GLY D 68 -21.78 17.26 7.94
C GLY D 68 -21.26 15.83 7.94
N THR D 69 -19.94 15.67 8.00
CA THR D 69 -19.38 14.33 7.94
C THR D 69 -18.31 14.11 8.99
N ASP D 70 -17.60 15.16 9.39
CA ASP D 70 -16.45 15.03 10.28
C ASP D 70 -16.80 15.57 11.65
N PHE D 71 -16.79 14.70 12.66
CA PHE D 71 -17.19 15.02 14.01
C PHE D 71 -16.07 14.68 14.99
N THR D 72 -15.96 15.45 16.08
CA THR D 72 -14.84 15.32 16.99
C THR D 72 -15.32 15.45 18.42
N LEU D 73 -14.89 14.53 19.28
CA LEU D 73 -15.05 14.60 20.72
C LEU D 73 -13.71 14.91 21.35
N THR D 74 -13.71 15.85 22.28
CA THR D 74 -12.48 16.28 22.93
C THR D 74 -12.64 16.17 24.42
N ILE D 75 -11.82 15.35 25.05
CA ILE D 75 -11.62 15.42 26.50
C ILE D 75 -10.44 16.34 26.72
N SER D 76 -10.68 17.49 27.34
CA SER D 76 -9.66 18.53 27.39
C SER D 76 -8.61 18.24 28.44
N SER D 77 -8.99 17.55 29.50
CA SER D 77 -8.04 17.17 30.54
C SER D 77 -8.50 15.80 31.04
N LEU D 78 -7.92 14.75 30.47
CA LEU D 78 -8.31 13.40 30.79
C LEU D 78 -8.11 13.12 32.28
N GLN D 79 -9.10 12.52 32.91
CA GLN D 79 -9.01 12.07 34.29
C GLN D 79 -9.05 10.55 34.33
N ALA D 80 -8.67 9.98 35.47
CA ALA D 80 -8.53 8.53 35.54
C ALA D 80 -9.86 7.82 35.45
N GLU D 81 -10.96 8.48 35.81
CA GLU D 81 -12.31 7.97 35.73
C GLU D 81 -12.89 8.01 34.33
N ASP D 82 -12.09 8.37 33.34
CA ASP D 82 -12.55 8.54 31.98
C ASP D 82 -12.26 7.35 31.11
N VAL D 83 -11.63 6.30 31.65
CA VAL D 83 -11.40 5.07 30.92
C VAL D 83 -12.74 4.47 30.55
N ALA D 84 -12.94 4.27 29.27
CA ALA D 84 -14.15 3.66 28.76
C ALA D 84 -13.95 3.50 27.27
N VAL D 85 -14.95 3.02 26.55
CA VAL D 85 -14.94 3.06 25.11
C VAL D 85 -15.98 4.08 24.70
N TYR D 86 -15.64 4.90 23.72
CA TYR D 86 -16.48 6.02 23.30
C TYR D 86 -17.05 5.72 21.92
N TYR D 87 -18.36 5.89 21.79
CA TYR D 87 -19.08 5.56 20.56
C TYR D 87 -19.75 6.81 20.04
N CYS D 88 -19.69 7.02 18.73
CA CYS D 88 -20.52 8.00 18.03
C CYS D 88 -21.65 7.27 17.35
N GLN D 89 -22.73 7.99 17.09
CA GLN D 89 -23.86 7.44 16.37
C GLN D 89 -24.55 8.58 15.64
N GLN D 90 -25.03 8.31 14.43
CA GLN D 90 -25.81 9.27 13.65
C GLN D 90 -27.30 8.99 13.77
N HIS D 91 -28.11 10.05 13.78
CA HIS D 91 -29.56 9.94 13.82
C HIS D 91 -30.21 10.57 12.61
N TYR D 92 -29.50 10.71 11.50
CA TYR D 92 -30.11 11.48 10.42
C TYR D 92 -31.16 10.66 9.69
N ILE D 93 -30.74 9.51 9.16
CA ILE D 93 -31.65 8.55 8.54
C ILE D 93 -31.36 7.20 9.14
N THR D 94 -32.36 6.32 9.09
CA THR D 94 -32.27 4.98 9.64
C THR D 94 -31.59 4.06 8.64
N PRO D 95 -30.86 3.04 9.12
CA PRO D 95 -30.55 2.67 10.49
C PRO D 95 -29.63 3.65 11.17
N TYR D 96 -29.88 3.91 12.44
CA TYR D 96 -29.12 4.86 13.21
C TYR D 96 -27.82 4.21 13.65
N THR D 97 -26.83 4.21 12.76
CA THR D 97 -25.63 3.39 12.89
C THR D 97 -24.62 3.97 13.86
N PHE D 98 -23.82 3.08 14.46
CA PHE D 98 -22.82 3.43 15.45
C PHE D 98 -21.43 3.37 14.84
N GLY D 99 -20.52 4.07 15.46
CA GLY D 99 -19.13 3.90 15.12
C GLY D 99 -18.55 2.70 15.80
N GLY D 100 -17.31 2.39 15.45
CA GLY D 100 -16.69 1.21 15.98
C GLY D 100 -16.20 1.30 17.40
N GLY D 101 -16.12 2.49 17.97
CA GLY D 101 -15.62 2.64 19.31
C GLY D 101 -14.18 3.10 19.31
N THR D 102 -13.81 3.77 20.40
CA THR D 102 -12.45 4.15 20.70
C THR D 102 -12.16 3.82 22.15
N LYS D 103 -11.16 2.99 22.39
CA LYS D 103 -10.82 2.60 23.75
C LYS D 103 -9.79 3.59 24.28
N VAL D 104 -10.13 4.29 25.34
CA VAL D 104 -9.30 5.33 25.92
C VAL D 104 -8.74 4.80 27.22
N GLU D 105 -7.43 4.68 27.30
CA GLU D 105 -6.78 4.17 28.48
C GLU D 105 -5.82 5.22 29.01
N ILE D 106 -5.31 4.97 30.21
CA ILE D 106 -4.49 5.94 30.94
C ILE D 106 -3.05 5.46 30.97
N LYS D 107 -2.12 6.36 30.71
CA LYS D 107 -0.71 6.15 31.05
C LYS D 107 -0.46 6.63 32.47
N ARG D 108 0.32 5.84 33.22
CA ARG D 108 0.64 6.19 34.59
C ARG D 108 2.00 5.63 34.94
N THR D 109 2.48 5.97 36.13
CA THR D 109 3.77 5.49 36.57
C THR D 109 3.75 3.98 36.75
N VAL D 110 4.91 3.36 36.57
CA VAL D 110 5.02 1.93 36.73
C VAL D 110 4.68 1.54 38.15
N ALA D 111 3.91 0.46 38.30
CA ALA D 111 3.46 -0.01 39.60
C ALA D 111 3.57 -1.50 39.63
N ALA D 112 4.32 -2.04 40.57
CA ALA D 112 4.56 -3.48 40.59
C ALA D 112 3.41 -4.20 41.26
N PRO D 113 3.19 -5.46 40.91
CA PRO D 113 2.04 -6.18 41.45
C PRO D 113 2.32 -6.88 42.77
N SER D 114 1.34 -6.83 43.66
CA SER D 114 1.32 -7.71 44.81
C SER D 114 0.90 -9.09 44.34
N VAL D 115 1.71 -10.10 44.64
CA VAL D 115 1.46 -11.46 44.20
C VAL D 115 0.92 -12.28 45.36
N PHE D 116 -0.09 -13.10 45.08
CA PHE D 116 -0.70 -14.00 46.05
C PHE D 116 -0.94 -15.33 45.37
N ILE D 117 -0.80 -16.42 46.11
CA ILE D 117 -1.06 -17.75 45.56
C ILE D 117 -2.05 -18.46 46.47
N PHE D 118 -2.96 -19.20 45.85
CA PHE D 118 -4.05 -19.87 46.56
C PHE D 118 -4.01 -21.36 46.25
N PRO D 119 -3.85 -22.23 47.23
CA PRO D 119 -3.93 -23.64 46.99
C PRO D 119 -5.36 -24.05 46.70
N PRO D 120 -5.59 -25.24 46.16
CA PRO D 120 -6.97 -25.69 45.97
C PRO D 120 -7.64 -25.94 47.31
N SER D 121 -8.96 -25.86 47.30
CA SER D 121 -9.71 -26.11 48.52
C SER D 121 -9.89 -27.60 48.71
N ASP D 122 -9.91 -28.03 49.98
CA ASP D 122 -10.18 -29.44 50.24
C ASP D 122 -11.53 -29.83 49.66
N GLU D 123 -12.47 -28.91 49.64
CA GLU D 123 -13.80 -29.19 49.12
C GLU D 123 -13.77 -29.42 47.62
N GLN D 124 -12.79 -28.86 46.93
CA GLN D 124 -12.67 -29.12 45.50
C GLN D 124 -11.85 -30.36 45.21
N LEU D 125 -10.83 -30.63 46.02
CA LEU D 125 -10.03 -31.85 45.84
C LEU D 125 -10.89 -33.10 45.89
N LYS D 126 -11.77 -33.20 46.89
CA LYS D 126 -12.69 -34.32 46.92
C LYS D 126 -13.73 -34.20 45.82
N SER D 127 -13.30 -33.91 44.60
CA SER D 127 -14.17 -33.92 43.44
C SER D 127 -13.37 -34.33 42.23
N GLY D 128 -12.05 -34.38 42.37
CA GLY D 128 -11.17 -34.92 41.36
C GLY D 128 -10.36 -33.92 40.59
N THR D 129 -10.50 -32.63 40.88
CA THR D 129 -9.80 -31.57 40.18
C THR D 129 -9.15 -30.63 41.18
N ALA D 130 -8.05 -30.01 40.78
CA ALA D 130 -7.35 -29.05 41.63
C ALA D 130 -7.06 -27.80 40.82
N SER D 131 -7.57 -26.67 41.26
CA SER D 131 -7.35 -25.39 40.62
C SER D 131 -6.46 -24.55 41.53
N VAL D 132 -5.23 -24.33 41.10
CA VAL D 132 -4.32 -23.42 41.80
C VAL D 132 -4.46 -22.05 41.16
N VAL D 133 -4.33 -20.99 41.94
CA VAL D 133 -4.62 -19.64 41.48
C VAL D 133 -3.53 -18.70 41.97
N CYS D 134 -3.11 -17.80 41.11
CA CYS D 134 -2.03 -16.84 41.36
C CYS D 134 -2.59 -15.48 41.00
N LEU D 135 -2.48 -14.51 41.90
CA LEU D 135 -3.10 -13.20 41.73
C LEU D 135 -2.02 -12.14 41.68
N LEU D 136 -1.98 -11.38 40.59
CA LEU D 136 -1.17 -10.18 40.49
C LEU D 136 -2.13 -9.01 40.61
N ASN D 137 -1.90 -8.14 41.57
CA ASN D 137 -2.91 -7.18 41.96
C ASN D 137 -2.44 -5.75 41.80
N ASN D 138 -3.26 -4.94 41.14
CA ASN D 138 -3.05 -3.51 40.97
C ASN D 138 -1.65 -3.16 40.48
N PHE D 139 -1.39 -3.39 39.19
CA PHE D 139 -0.09 -3.10 38.59
C PHE D 139 -0.26 -2.30 37.31
N TYR D 140 0.83 -1.71 36.86
CA TYR D 140 0.90 -1.03 35.57
C TYR D 140 2.33 -1.11 35.04
N PRO D 141 2.50 -1.38 33.75
CA PRO D 141 1.56 -1.63 32.65
C PRO D 141 0.95 -3.01 32.64
N ARG D 142 0.08 -3.28 31.67
CA ARG D 142 -0.62 -4.56 31.62
C ARG D 142 0.32 -5.72 31.32
N GLU D 143 1.47 -5.46 30.70
CA GLU D 143 2.38 -6.53 30.34
C GLU D 143 3.01 -7.17 31.58
N ALA D 144 2.87 -8.49 31.69
CA ALA D 144 3.39 -9.27 32.79
C ALA D 144 3.46 -10.73 32.35
N LYS D 145 4.48 -11.43 32.84
CA LYS D 145 4.64 -12.85 32.57
C LYS D 145 4.42 -13.62 33.85
N VAL D 146 3.61 -14.68 33.77
CA VAL D 146 3.27 -15.51 34.92
C VAL D 146 3.55 -16.94 34.53
N GLN D 147 4.61 -17.52 35.07
CA GLN D 147 4.95 -18.92 34.82
C GLN D 147 4.64 -19.75 36.05
N TRP D 148 4.06 -20.91 35.82
CA TRP D 148 3.82 -21.90 36.87
C TRP D 148 4.95 -22.91 36.88
N LYS D 149 5.49 -23.19 38.07
CA LYS D 149 6.50 -24.20 38.26
C LYS D 149 6.02 -25.19 39.32
N VAL D 150 5.96 -26.46 38.97
CA VAL D 150 5.55 -27.52 39.87
C VAL D 150 6.76 -28.41 40.13
N ASP D 151 7.28 -28.36 41.35
CA ASP D 151 8.55 -29.00 41.70
C ASP D 151 9.64 -28.51 40.76
N ASN D 152 9.71 -27.20 40.63
CA ASN D 152 10.66 -26.49 39.78
C ASN D 152 10.55 -26.89 38.31
N ALA D 153 9.49 -27.57 37.91
CA ALA D 153 9.29 -27.96 36.52
C ALA D 153 8.31 -27.01 35.86
N LEU D 154 8.82 -26.17 34.95
CA LEU D 154 7.99 -25.22 34.23
C LEU D 154 6.79 -25.91 33.60
N GLN D 155 5.63 -25.25 33.66
CA GLN D 155 4.38 -25.82 33.19
C GLN D 155 3.95 -25.17 31.88
N SER D 156 3.21 -25.93 31.07
CA SER D 156 2.76 -25.44 29.78
C SER D 156 1.46 -26.10 29.36
N GLY D 157 0.51 -25.30 28.89
CA GLY D 157 -0.71 -25.82 28.32
C GLY D 157 -1.81 -26.13 29.30
N ASN D 158 -1.63 -25.81 30.59
CA ASN D 158 -2.61 -26.15 31.61
C ASN D 158 -2.99 -24.96 32.50
N SER D 159 -2.63 -23.74 32.13
CA SER D 159 -3.08 -22.58 32.85
C SER D 159 -3.89 -21.69 31.93
N GLN D 160 -4.54 -20.69 32.54
CA GLN D 160 -5.39 -19.72 31.85
C GLN D 160 -5.40 -18.45 32.66
N GLU D 161 -5.18 -17.31 32.03
CA GLU D 161 -5.22 -16.07 32.78
C GLU D 161 -6.36 -15.20 32.30
N SER D 162 -6.61 -14.14 33.06
CA SER D 162 -7.72 -13.24 32.86
C SER D 162 -7.32 -11.92 33.47
N VAL D 163 -7.60 -10.81 32.79
CA VAL D 163 -7.19 -9.49 33.24
C VAL D 163 -8.42 -8.60 33.40
N THR D 164 -8.39 -7.74 34.40
CA THR D 164 -9.46 -6.78 34.57
C THR D 164 -9.25 -5.59 33.65
N GLU D 165 -10.27 -4.77 33.53
CA GLU D 165 -10.10 -3.54 32.80
C GLU D 165 -9.40 -2.53 33.70
N GLN D 166 -8.91 -1.46 33.11
CA GLN D 166 -8.11 -0.52 33.88
C GLN D 166 -8.96 0.14 34.95
N ASP D 167 -8.42 0.19 36.17
CA ASP D 167 -9.17 0.68 37.31
C ASP D 167 -9.46 2.17 37.17
N SER D 168 -10.64 2.57 37.59
CA SER D 168 -11.07 3.95 37.41
C SER D 168 -10.54 4.86 38.49
N LYS D 169 -9.79 4.34 39.46
CA LYS D 169 -9.25 5.14 40.54
C LYS D 169 -7.73 5.22 40.47
N ASP D 170 -7.03 4.07 40.48
CA ASP D 170 -5.57 4.10 40.41
C ASP D 170 -5.03 3.76 39.03
N SER D 171 -5.88 3.37 38.09
CA SER D 171 -5.47 3.14 36.71
C SER D 171 -4.52 1.97 36.57
N THR D 172 -4.69 0.95 37.41
CA THR D 172 -3.90 -0.27 37.39
C THR D 172 -4.71 -1.42 36.81
N TYR D 173 -4.03 -2.54 36.58
CA TYR D 173 -4.68 -3.77 36.13
C TYR D 173 -4.57 -4.84 37.21
N SER D 174 -5.29 -5.92 37.03
CA SER D 174 -5.14 -7.09 37.89
C SER D 174 -5.37 -8.34 37.07
N LEU D 175 -4.62 -9.38 37.39
CA LEU D 175 -4.54 -10.57 36.58
C LEU D 175 -4.63 -11.78 37.49
N SER D 176 -5.34 -12.81 37.04
CA SER D 176 -5.40 -14.07 37.76
C SER D 176 -5.06 -15.17 36.79
N SER D 177 -4.13 -16.04 37.18
CA SER D 177 -3.74 -17.21 36.41
C SER D 177 -4.17 -18.45 37.15
N THR D 178 -4.93 -19.33 36.51
CA THR D 178 -5.48 -20.52 37.15
C THR D 178 -4.89 -21.77 36.52
N LEU D 179 -3.98 -22.42 37.24
CA LEU D 179 -3.44 -23.72 36.84
C LEU D 179 -4.40 -24.81 37.28
N THR D 180 -4.82 -25.65 36.35
CA THR D 180 -5.81 -26.68 36.60
C THR D 180 -5.20 -28.06 36.36
N LEU D 181 -5.28 -28.93 37.37
CA LEU D 181 -4.75 -30.28 37.35
C LEU D 181 -5.82 -31.26 37.78
N SER D 182 -5.64 -32.51 37.37
CA SER D 182 -6.44 -33.57 37.97
C SER D 182 -5.95 -33.81 39.38
N LYS D 183 -6.83 -34.38 40.21
CA LYS D 183 -6.43 -34.68 41.58
C LYS D 183 -5.26 -35.62 41.60
N ALA D 184 -5.28 -36.64 40.73
CA ALA D 184 -4.15 -37.54 40.60
C ALA D 184 -2.86 -36.78 40.33
N ASP D 185 -2.81 -36.02 39.24
CA ASP D 185 -1.60 -35.28 38.90
C ASP D 185 -1.22 -34.31 40.00
N TYR D 186 -2.20 -33.74 40.69
CA TYR D 186 -1.89 -32.75 41.72
C TYR D 186 -1.17 -33.41 42.89
N GLU D 187 -1.60 -34.61 43.27
CA GLU D 187 -1.01 -35.31 44.41
C GLU D 187 0.22 -36.10 44.03
N LYS D 188 0.83 -35.80 42.89
CA LYS D 188 2.12 -36.34 42.52
C LYS D 188 3.27 -35.40 42.81
N HIS D 189 2.99 -34.21 43.33
CA HIS D 189 4.02 -33.17 43.46
C HIS D 189 3.81 -32.39 44.74
N LYS D 190 4.89 -31.79 45.21
CA LYS D 190 4.85 -31.09 46.49
C LYS D 190 4.78 -29.60 46.27
N VAL D 191 5.82 -29.01 45.70
CA VAL D 191 5.94 -27.56 45.62
C VAL D 191 5.19 -27.03 44.41
N TYR D 192 4.27 -26.10 44.64
CA TYR D 192 3.57 -25.39 43.59
C TYR D 192 3.91 -23.91 43.67
N ALA D 193 4.32 -23.33 42.55
CA ALA D 193 4.81 -21.96 42.53
C ALA D 193 4.39 -21.27 41.25
N CYS D 194 4.17 -19.96 41.33
CA CYS D 194 3.99 -19.10 40.17
C CYS D 194 5.05 -18.02 40.24
N GLU D 195 5.76 -17.82 39.14
CA GLU D 195 6.85 -16.86 39.07
C GLU D 195 6.41 -15.71 38.17
N VAL D 196 6.33 -14.52 38.74
CA VAL D 196 5.79 -13.35 38.05
C VAL D 196 6.92 -12.43 37.64
N THR D 197 6.96 -12.07 36.36
CA THR D 197 7.92 -11.11 35.82
C THR D 197 7.18 -9.83 35.44
N HIS D 198 7.70 -8.69 35.86
CA HIS D 198 7.01 -7.46 35.54
C HIS D 198 7.97 -6.30 35.64
N GLN D 199 7.67 -5.23 34.88
CA GLN D 199 8.58 -4.10 34.75
C GLN D 199 8.83 -3.41 36.07
N GLY D 200 7.95 -3.57 37.04
CA GLY D 200 8.16 -2.93 38.31
C GLY D 200 8.92 -3.75 39.30
N LEU D 201 9.34 -4.94 38.93
CA LEU D 201 10.09 -5.84 39.80
C LEU D 201 11.50 -5.99 39.26
N SER D 202 12.48 -5.60 40.07
CA SER D 202 13.86 -5.69 39.65
C SER D 202 14.26 -7.12 39.29
N SER D 203 13.67 -8.10 39.98
CA SER D 203 13.93 -9.50 39.76
C SER D 203 12.62 -10.22 40.02
N PRO D 204 12.30 -11.23 39.22
CA PRO D 204 10.97 -11.84 39.26
C PRO D 204 10.61 -12.35 40.65
N VAL D 205 9.32 -12.28 40.96
CA VAL D 205 8.77 -12.66 42.25
C VAL D 205 8.20 -14.05 42.17
N THR D 206 8.42 -14.84 43.21
CA THR D 206 7.90 -16.20 43.27
C THR D 206 7.14 -16.36 44.56
N LYS D 207 5.93 -16.89 44.46
CA LYS D 207 5.09 -17.26 45.59
C LYS D 207 4.79 -18.74 45.48
N SER D 208 4.93 -19.47 46.58
CA SER D 208 4.82 -20.92 46.52
C SER D 208 4.25 -21.47 47.81
N PHE D 209 3.81 -22.72 47.73
CA PHE D 209 3.29 -23.46 48.87
C PHE D 209 3.53 -24.93 48.64
N ASN D 210 3.88 -25.65 49.69
CA ASN D 210 4.00 -27.10 49.62
C ASN D 210 2.66 -27.75 49.96
N ARG D 211 2.40 -28.90 49.35
CA ARG D 211 1.05 -29.42 49.29
C ARG D 211 0.52 -29.80 50.67
N GLY D 212 1.34 -30.43 51.50
CA GLY D 212 0.87 -30.85 52.82
C GLY D 212 0.60 -29.68 53.76
N GLU D 213 1.51 -28.71 53.79
CA GLU D 213 1.41 -27.56 54.69
C GLU D 213 0.19 -26.70 54.40
N CYS D 214 0.19 -26.02 53.26
CA CYS D 214 -0.88 -25.09 52.90
C CYS D 214 -2.04 -25.80 52.24
N GLN E 1 -37.78 9.51 38.44
CA GLN E 1 -36.51 8.98 37.97
C GLN E 1 -36.75 8.13 36.76
N VAL E 2 -36.13 8.49 35.63
CA VAL E 2 -36.31 7.73 34.42
C VAL E 2 -35.53 6.43 34.53
N GLN E 3 -36.19 5.31 34.26
CA GLN E 3 -35.57 4.01 34.36
C GLN E 3 -36.13 3.09 33.29
N LEU E 4 -35.25 2.27 32.71
CA LEU E 4 -35.64 1.20 31.81
C LEU E 4 -34.97 -0.08 32.27
N GLN E 5 -35.64 -1.19 32.08
CA GLN E 5 -35.06 -2.45 32.52
C GLN E 5 -35.53 -3.56 31.62
N GLU E 6 -34.61 -4.43 31.22
CA GLU E 6 -34.92 -5.55 30.36
C GLU E 6 -35.07 -6.79 31.19
N SER E 7 -35.89 -7.71 30.70
CA SER E 7 -36.14 -8.99 31.35
C SER E 7 -36.45 -9.99 30.26
N GLY E 8 -36.09 -11.23 30.51
CA GLY E 8 -36.35 -12.28 29.57
C GLY E 8 -35.36 -13.38 29.75
N PRO E 9 -35.56 -14.47 29.01
CA PRO E 9 -34.68 -15.64 29.18
C PRO E 9 -33.27 -15.35 28.71
N GLY E 10 -32.29 -15.88 29.45
CA GLY E 10 -30.92 -15.79 29.01
C GLY E 10 -30.61 -16.76 27.88
N LEU E 11 -31.01 -18.01 28.03
CA LEU E 11 -30.63 -19.07 27.11
C LEU E 11 -31.74 -19.32 26.11
N VAL E 12 -31.38 -19.44 24.84
CA VAL E 12 -32.32 -19.69 23.77
C VAL E 12 -31.68 -20.70 22.84
N LYS E 13 -32.43 -21.46 22.28
CA LYS E 13 -31.86 -22.44 21.36
C LYS E 13 -31.91 -21.91 19.94
N PRO E 14 -31.00 -22.32 19.07
CA PRO E 14 -31.01 -21.81 17.70
C PRO E 14 -32.32 -22.11 17.02
N SER E 15 -32.64 -21.30 16.01
CA SER E 15 -33.86 -21.44 15.20
C SER E 15 -35.15 -21.18 15.98
N GLU E 16 -35.08 -21.04 17.30
CA GLU E 16 -36.27 -20.75 18.08
C GLU E 16 -36.52 -19.26 18.15
N THR E 17 -37.16 -18.78 19.21
CA THR E 17 -37.58 -17.39 19.26
C THR E 17 -37.33 -16.80 20.64
N LEU E 18 -36.89 -15.55 20.65
CA LEU E 18 -36.61 -14.83 21.87
C LEU E 18 -37.60 -13.69 22.04
N SER E 19 -38.09 -13.51 23.26
CA SER E 19 -38.89 -12.35 23.59
C SER E 19 -38.28 -11.67 24.80
N LEU E 20 -38.06 -10.37 24.71
CA LEU E 20 -37.58 -9.60 25.83
C LEU E 20 -38.58 -8.49 26.10
N THR E 21 -38.65 -8.07 27.35
CA THR E 21 -39.56 -7.02 27.76
C THR E 21 -38.75 -5.87 28.33
N CYS E 22 -39.03 -4.67 27.85
CA CYS E 22 -38.48 -3.46 28.43
C CYS E 22 -39.57 -2.82 29.25
N THR E 23 -39.38 -2.75 30.57
CA THR E 23 -40.31 -2.07 31.45
C THR E 23 -39.76 -0.69 31.80
N VAL E 24 -40.60 0.31 31.66
CA VAL E 24 -40.24 1.71 31.58
C VAL E 24 -40.90 2.45 32.75
N SER E 25 -40.18 3.36 33.38
CA SER E 25 -40.80 4.13 34.46
C SER E 25 -40.18 5.51 34.51
N GLY E 26 -40.94 6.48 35.00
CA GLY E 26 -40.49 7.85 35.06
C GLY E 26 -40.75 8.66 33.80
N PHE E 27 -41.34 8.05 32.78
CA PHE E 27 -41.73 8.76 31.58
C PHE E 27 -42.81 7.94 30.90
N SER E 28 -43.40 8.51 29.87
CA SER E 28 -44.54 7.94 29.18
C SER E 28 -44.14 7.50 27.78
N LEU E 29 -44.47 6.27 27.41
CA LEU E 29 -44.18 5.87 26.05
C LEU E 29 -44.99 6.61 25.02
N LEU E 30 -45.86 7.51 25.41
CA LEU E 30 -46.60 8.33 24.46
C LEU E 30 -45.83 9.56 24.05
N SER E 31 -44.78 9.87 24.79
CA SER E 31 -43.99 11.07 24.61
C SER E 31 -42.57 10.81 24.13
N TYR E 32 -42.08 9.59 24.24
CA TYR E 32 -40.72 9.29 23.84
C TYR E 32 -40.67 8.02 23.03
N GLY E 33 -39.79 7.99 22.03
CA GLY E 33 -39.47 6.75 21.36
C GLY E 33 -38.58 5.87 22.19
N VAL E 34 -38.61 4.58 21.92
CA VAL E 34 -37.80 3.61 22.62
C VAL E 34 -37.10 2.74 21.59
N HIS E 35 -35.78 2.65 21.68
CA HIS E 35 -34.94 1.98 20.71
C HIS E 35 -34.31 0.75 21.34
N TRP E 36 -33.97 -0.21 20.49
CA TRP E 36 -33.29 -1.42 20.92
C TRP E 36 -31.91 -1.43 20.29
N VAL E 37 -30.91 -1.75 21.10
CA VAL E 37 -29.51 -1.82 20.69
C VAL E 37 -28.94 -3.10 21.27
N ARG E 38 -28.08 -3.78 20.52
CA ARG E 38 -27.39 -4.94 21.06
C ARG E 38 -25.90 -4.75 20.93
N GLN E 39 -25.18 -5.62 21.55
CA GLN E 39 -23.73 -5.53 21.64
C GLN E 39 -23.15 -6.90 21.95
N PRO E 40 -22.59 -7.61 20.97
CA PRO E 40 -22.00 -8.89 21.28
C PRO E 40 -20.87 -8.70 22.26
N PRO E 41 -20.73 -9.60 23.23
CA PRO E 41 -19.83 -9.34 24.36
C PRO E 41 -18.42 -9.02 23.89
N GLY E 42 -17.91 -7.89 24.39
CA GLY E 42 -16.58 -7.42 24.06
C GLY E 42 -16.47 -6.65 22.79
N LYS E 43 -17.51 -6.61 21.98
CA LYS E 43 -17.52 -5.93 20.70
C LYS E 43 -18.29 -4.62 20.83
N GLY E 44 -18.83 -4.14 19.71
CA GLY E 44 -19.40 -2.81 19.64
C GLY E 44 -20.91 -2.84 19.49
N LEU E 45 -21.47 -1.65 19.34
CA LEU E 45 -22.90 -1.42 19.45
C LEU E 45 -23.57 -1.55 18.09
N GLU E 46 -24.69 -2.26 18.05
CA GLU E 46 -25.49 -2.39 16.85
C GLU E 46 -26.90 -1.89 17.11
N TRP E 47 -27.47 -1.17 16.15
CA TRP E 47 -28.80 -0.64 16.24
C TRP E 47 -29.78 -1.62 15.64
N LEU E 48 -30.85 -1.96 16.37
CA LEU E 48 -31.81 -2.96 15.93
C LEU E 48 -33.11 -2.36 15.42
N GLY E 49 -33.73 -1.46 16.18
CA GLY E 49 -34.97 -0.86 15.71
C GLY E 49 -35.48 0.16 16.69
N VAL E 50 -36.60 0.77 16.33
CA VAL E 50 -37.26 1.78 17.13
C VAL E 50 -38.76 1.58 17.06
N ILE E 51 -39.46 1.89 18.15
CA ILE E 51 -40.91 2.04 18.13
C ILE E 51 -41.25 3.46 18.54
N TRP E 52 -41.88 4.20 17.64
N TRP E 52 -41.87 4.21 17.63
CA TRP E 52 -42.17 5.59 17.85
CA TRP E 52 -42.13 5.60 17.88
C TRP E 52 -43.38 5.75 18.76
C TRP E 52 -43.42 5.77 18.68
N THR E 53 -43.67 7.00 19.13
CA THR E 53 -44.78 7.24 20.05
C THR E 53 -46.12 6.85 19.44
N GLY E 54 -46.27 7.04 18.14
CA GLY E 54 -47.50 6.69 17.49
C GLY E 54 -47.66 5.24 17.19
N GLY E 55 -46.65 4.44 17.41
CA GLY E 55 -46.75 3.00 17.25
C GLY E 55 -46.03 2.43 16.05
N THR E 56 -45.65 3.25 15.08
CA THR E 56 -44.94 2.75 13.94
C THR E 56 -43.51 2.40 14.29
N THR E 57 -42.91 1.54 13.49
CA THR E 57 -41.61 0.98 13.81
C THR E 57 -40.68 1.08 12.62
N ASN E 58 -39.39 0.89 12.90
CA ASN E 58 -38.38 0.75 11.87
C ASN E 58 -37.33 -0.23 12.36
N TYR E 59 -36.94 -1.18 11.52
CA TYR E 59 -35.99 -2.22 11.90
C TYR E 59 -34.77 -2.16 10.99
N ASN E 60 -33.64 -2.57 11.53
CA ASN E 60 -32.42 -2.70 10.75
C ASN E 60 -32.61 -3.80 9.73
N SER E 61 -32.45 -3.49 8.44
CA SER E 61 -32.66 -4.49 7.40
C SER E 61 -31.67 -5.64 7.50
N ALA E 62 -30.56 -5.45 8.20
CA ALA E 62 -29.62 -6.53 8.43
C ALA E 62 -30.23 -7.69 9.18
N LEU E 63 -31.35 -7.49 9.85
CA LEU E 63 -31.96 -8.53 10.64
C LEU E 63 -32.90 -9.41 9.85
N MET E 64 -33.10 -9.11 8.56
CA MET E 64 -33.84 -9.96 7.65
C MET E 64 -35.24 -10.24 8.19
N SER E 65 -35.84 -9.22 8.78
CA SER E 65 -37.23 -9.25 9.23
C SER E 65 -37.50 -10.34 10.26
N ARG E 66 -36.50 -10.81 10.98
CA ARG E 66 -36.74 -11.70 12.09
C ARG E 66 -37.14 -10.95 13.33
N PHE E 67 -37.17 -9.64 13.26
CA PHE E 67 -37.18 -8.75 14.39
C PHE E 67 -38.49 -7.96 14.41
N THR E 68 -39.03 -7.76 15.59
CA THR E 68 -40.33 -7.12 15.74
C THR E 68 -40.40 -6.44 17.09
N ILE E 69 -40.99 -5.24 17.12
CA ILE E 69 -41.17 -4.45 18.33
C ILE E 69 -42.62 -4.03 18.43
N SER E 70 -43.17 -4.07 19.64
CA SER E 70 -44.50 -3.57 19.94
C SER E 70 -44.48 -3.03 21.36
N LYS E 71 -45.54 -2.32 21.73
CA LYS E 71 -45.57 -1.74 23.07
C LYS E 71 -46.97 -1.75 23.66
N ASP E 72 -47.05 -1.41 24.93
CA ASP E 72 -48.30 -1.24 25.66
C ASP E 72 -48.16 0.08 26.40
N ASP E 73 -48.66 1.16 25.81
CA ASP E 73 -48.46 2.47 26.41
C ASP E 73 -48.90 2.48 27.87
N SER E 74 -49.97 1.76 28.19
CA SER E 74 -50.50 1.76 29.54
C SER E 74 -49.65 0.93 30.48
N LYS E 75 -49.26 -0.27 30.06
CA LYS E 75 -48.46 -1.14 30.89
C LYS E 75 -47.04 -0.66 31.08
N ASN E 76 -46.62 0.37 30.35
CA ASN E 76 -45.24 0.88 30.37
C ASN E 76 -44.23 -0.16 29.91
N THR E 77 -44.56 -0.92 28.88
CA THR E 77 -43.72 -2.02 28.44
C THR E 77 -43.55 -1.98 26.93
N VAL E 78 -42.33 -2.25 26.49
CA VAL E 78 -41.97 -2.42 25.08
C VAL E 78 -41.49 -3.86 24.92
N TYR E 79 -41.98 -4.54 23.90
CA TYR E 79 -41.66 -5.95 23.67
C TYR E 79 -40.77 -6.09 22.46
N LEU E 80 -39.74 -6.89 22.60
CA LEU E 80 -38.85 -7.28 21.51
C LEU E 80 -39.04 -8.75 21.25
N LYS E 81 -39.29 -9.11 20.00
CA LYS E 81 -39.47 -10.50 19.62
C LYS E 81 -38.56 -10.79 18.44
N MET E 82 -37.73 -11.83 18.55
CA MET E 82 -36.84 -12.22 17.47
C MET E 82 -36.98 -13.68 17.12
N ASN E 83 -37.25 -13.95 15.83
CA ASN E 83 -37.48 -15.28 15.29
C ASN E 83 -36.20 -15.84 14.68
N SER E 84 -36.22 -17.15 14.42
CA SER E 84 -35.15 -17.85 13.71
C SER E 84 -33.77 -17.44 14.21
N LEU E 85 -33.55 -17.62 15.51
CA LEU E 85 -32.33 -17.13 16.12
C LEU E 85 -31.11 -17.88 15.64
N LYS E 86 -30.14 -17.16 15.08
CA LYS E 86 -28.84 -17.69 14.73
C LYS E 86 -27.90 -17.54 15.94
N THR E 87 -26.67 -18.05 15.78
CA THR E 87 -25.67 -17.90 16.84
C THR E 87 -25.17 -16.48 16.93
N GLU E 88 -25.07 -15.77 15.79
CA GLU E 88 -24.63 -14.39 15.76
C GLU E 88 -25.47 -13.48 16.63
N ASP E 89 -26.67 -13.89 17.00
CA ASP E 89 -27.57 -13.09 17.80
C ASP E 89 -27.26 -13.13 19.28
N THR E 90 -26.27 -13.90 19.69
CA THR E 90 -25.77 -13.82 21.05
C THR E 90 -25.18 -12.45 21.28
N ALA E 91 -25.72 -11.73 22.26
CA ALA E 91 -25.27 -10.38 22.55
C ALA E 91 -25.96 -9.91 23.80
N ILE E 92 -25.53 -8.77 24.31
CA ILE E 92 -26.30 -8.06 25.31
C ILE E 92 -27.31 -7.20 24.59
N TYR E 93 -28.57 -7.22 25.03
CA TYR E 93 -29.63 -6.41 24.44
C TYR E 93 -29.99 -5.28 25.39
N TYR E 94 -30.07 -4.06 24.86
CA TYR E 94 -30.41 -2.87 25.61
C TYR E 94 -31.65 -2.23 25.03
N CYS E 95 -32.48 -1.64 25.89
CA CYS E 95 -33.48 -0.68 25.44
C CYS E 95 -33.11 0.70 25.97
N ALA E 96 -33.38 1.70 25.17
CA ALA E 96 -32.96 3.06 25.49
C ALA E 96 -34.05 4.01 25.05
N ARG E 97 -34.29 5.01 25.87
CA ARG E 97 -35.20 6.08 25.50
C ARG E 97 -34.49 6.97 24.52
N TYR E 98 -35.24 7.60 23.63
CA TYR E 98 -34.63 8.48 22.65
C TYR E 98 -35.28 9.86 22.70
N TYR E 99 -34.47 10.88 22.96
CA TYR E 99 -34.88 12.25 22.71
C TYR E 99 -33.63 13.04 22.33
N TYR E 100 -33.43 13.24 21.04
CA TYR E 100 -32.17 13.76 20.48
C TYR E 100 -30.95 13.05 21.05
N GLY E 101 -30.97 11.73 20.97
CA GLY E 101 -29.97 10.92 21.62
C GLY E 101 -30.61 9.91 22.54
N MET E 102 -29.89 8.86 22.87
CA MET E 102 -30.43 7.84 23.76
C MET E 102 -29.92 8.13 25.16
N ASP E 103 -30.72 8.86 25.93
CA ASP E 103 -30.22 9.46 27.16
C ASP E 103 -30.28 8.51 28.34
N TYR E 104 -31.24 7.60 28.36
CA TYR E 104 -31.37 6.63 29.44
C TYR E 104 -31.43 5.23 28.83
N TRP E 105 -30.66 4.32 29.39
CA TRP E 105 -30.51 2.96 28.90
C TRP E 105 -30.89 1.97 29.99
N GLY E 106 -31.43 0.84 29.57
CA GLY E 106 -31.59 -0.25 30.50
C GLY E 106 -30.25 -0.79 30.90
N GLN E 107 -30.23 -1.64 31.91
CA GLN E 107 -28.92 -2.14 32.29
C GLN E 107 -28.38 -3.17 31.30
N GLY E 108 -29.19 -3.61 30.35
CA GLY E 108 -28.81 -4.62 29.38
C GLY E 108 -29.00 -6.03 29.88
N THR E 109 -29.52 -6.92 29.03
CA THR E 109 -29.70 -8.33 29.34
C THR E 109 -28.93 -9.16 28.33
N LEU E 110 -28.23 -10.18 28.79
CA LEU E 110 -27.42 -11.02 27.92
C LEU E 110 -28.22 -12.22 27.44
N VAL E 111 -28.31 -12.38 26.13
CA VAL E 111 -29.00 -13.50 25.49
C VAL E 111 -27.95 -14.39 24.83
N THR E 112 -27.93 -15.66 25.22
CA THR E 112 -27.03 -16.66 24.66
C THR E 112 -27.84 -17.62 23.80
N VAL E 113 -27.44 -17.81 22.56
CA VAL E 113 -28.12 -18.68 21.62
C VAL E 113 -27.30 -19.96 21.48
N SER E 114 -27.64 -20.99 22.24
CA SER E 114 -26.98 -22.28 22.09
C SER E 114 -27.92 -23.41 22.46
N SER E 115 -27.61 -24.59 21.96
CA SER E 115 -28.33 -25.81 22.31
C SER E 115 -27.93 -26.35 23.67
N ALA E 116 -26.82 -25.89 24.22
CA ALA E 116 -26.39 -26.34 25.52
C ALA E 116 -27.46 -26.08 26.56
N SER E 117 -27.34 -26.75 27.69
CA SER E 117 -28.29 -26.54 28.76
C SER E 117 -27.61 -25.86 29.93
N THR E 118 -28.45 -25.28 30.77
CA THR E 118 -27.97 -24.56 31.93
C THR E 118 -27.13 -25.46 32.82
N LYS E 119 -26.13 -24.87 33.45
CA LYS E 119 -25.41 -25.55 34.52
C LYS E 119 -25.06 -24.51 35.56
N GLY E 120 -25.16 -24.90 36.82
CA GLY E 120 -24.91 -23.97 37.88
C GLY E 120 -23.51 -24.13 38.38
N PRO E 121 -22.96 -23.08 38.97
CA PRO E 121 -21.55 -23.10 39.34
C PRO E 121 -21.33 -23.85 40.64
N SER E 122 -20.09 -24.26 40.83
CA SER E 122 -19.61 -24.66 42.14
C SER E 122 -18.75 -23.53 42.66
N VAL E 123 -18.80 -23.30 43.97
CA VAL E 123 -18.09 -22.17 44.58
C VAL E 123 -17.11 -22.73 45.58
N PHE E 124 -15.84 -22.41 45.38
CA PHE E 124 -14.76 -22.85 46.22
C PHE E 124 -14.04 -21.63 46.78
N PRO E 125 -13.53 -21.70 47.99
CA PRO E 125 -12.85 -20.55 48.57
C PRO E 125 -11.42 -20.44 48.09
N LEU E 126 -10.92 -19.21 48.15
CA LEU E 126 -9.53 -18.91 47.83
C LEU E 126 -8.98 -18.23 49.07
N ALA E 127 -8.42 -19.03 49.97
CA ALA E 127 -7.85 -18.51 51.19
C ALA E 127 -6.35 -18.80 51.23
N PRO E 128 -5.56 -17.91 51.83
CA PRO E 128 -4.10 -18.14 51.85
C PRO E 128 -3.71 -19.28 52.79
N SER E 136 0.54 -4.20 56.04
CA SER E 136 0.39 -5.58 55.60
C SER E 136 -1.07 -5.85 55.26
N THR E 137 -1.30 -6.25 54.01
CA THR E 137 -2.64 -6.55 53.52
C THR E 137 -2.65 -7.99 52.99
N ALA E 138 -3.78 -8.65 53.15
CA ALA E 138 -3.94 -10.01 52.69
C ALA E 138 -5.04 -10.06 51.63
N ALA E 139 -5.07 -11.16 50.88
CA ALA E 139 -6.02 -11.34 49.80
C ALA E 139 -6.70 -12.68 49.96
N LEU E 140 -8.00 -12.70 49.67
CA LEU E 140 -8.80 -13.93 49.69
C LEU E 140 -9.88 -13.81 48.61
N GLY E 141 -10.62 -14.87 48.39
CA GLY E 141 -11.57 -14.83 47.30
C GLY E 141 -12.31 -16.14 47.12
N CYS E 142 -13.04 -16.20 46.01
CA CYS E 142 -13.91 -17.31 45.64
C CYS E 142 -13.61 -17.71 44.21
N LEU E 143 -13.67 -19.01 43.93
CA LEU E 143 -13.50 -19.52 42.57
C LEU E 143 -14.83 -20.08 42.10
N VAL E 144 -15.48 -19.39 41.17
CA VAL E 144 -16.78 -19.78 40.66
C VAL E 144 -16.57 -20.60 39.40
N LYS E 145 -16.78 -21.90 39.48
CA LYS E 145 -16.27 -22.82 38.48
C LYS E 145 -17.38 -23.66 37.88
N ASP E 146 -17.32 -23.82 36.56
CA ASP E 146 -18.12 -24.74 35.76
C ASP E 146 -19.59 -24.36 35.66
N TYR E 147 -19.89 -23.23 35.04
CA TYR E 147 -21.27 -22.81 34.88
C TYR E 147 -21.53 -22.44 33.43
N PHE E 148 -22.79 -22.47 33.04
CA PHE E 148 -23.19 -22.06 31.72
C PHE E 148 -24.68 -21.72 31.79
N PRO E 149 -25.11 -20.67 31.08
CA PRO E 149 -24.31 -19.75 30.31
C PRO E 149 -23.89 -18.61 31.18
N GLU E 150 -23.42 -17.52 30.59
CA GLU E 150 -23.16 -16.34 31.38
C GLU E 150 -24.47 -15.62 31.60
N PRO E 151 -24.50 -14.65 32.52
CA PRO E 151 -23.48 -14.17 33.44
C PRO E 151 -23.62 -14.73 34.84
N VAL E 152 -22.60 -14.46 35.64
CA VAL E 152 -22.59 -14.78 37.05
C VAL E 152 -22.21 -13.52 37.79
N THR E 153 -22.86 -13.26 38.92
CA THR E 153 -22.69 -12.04 39.69
C THR E 153 -22.13 -12.38 41.06
N VAL E 154 -21.04 -11.74 41.45
CA VAL E 154 -20.41 -11.97 42.74
C VAL E 154 -20.42 -10.67 43.53
N SER E 155 -20.82 -10.76 44.79
CA SER E 155 -20.69 -9.64 45.71
C SER E 155 -20.08 -10.15 47.02
N TRP E 156 -19.44 -9.23 47.74
CA TRP E 156 -18.77 -9.56 48.99
C TRP E 156 -19.50 -8.91 50.15
N ASN E 157 -19.82 -9.69 51.17
CA ASN E 157 -20.57 -9.22 52.32
C ASN E 157 -21.84 -8.50 51.87
N SER E 158 -22.62 -9.18 51.05
CA SER E 158 -23.94 -8.73 50.63
C SER E 158 -23.92 -7.30 50.10
N GLY E 159 -22.78 -6.87 49.56
CA GLY E 159 -22.66 -5.56 48.97
C GLY E 159 -21.95 -4.56 49.85
N ALA E 160 -21.71 -4.89 51.11
CA ALA E 160 -21.00 -4.00 52.01
C ALA E 160 -19.55 -3.83 51.59
N LEU E 161 -18.88 -4.95 51.29
CA LEU E 161 -17.47 -4.94 50.90
C LEU E 161 -17.37 -4.65 49.42
N THR E 162 -16.81 -3.52 49.09
CA THR E 162 -16.72 -3.02 47.73
C THR E 162 -15.31 -2.59 47.38
N SER E 163 -14.63 -1.89 48.28
CA SER E 163 -13.32 -1.36 47.96
C SER E 163 -12.30 -2.47 47.89
N GLY E 164 -11.58 -2.53 46.78
CA GLY E 164 -10.54 -3.51 46.61
C GLY E 164 -11.00 -4.86 46.12
N VAL E 165 -12.20 -4.95 45.60
CA VAL E 165 -12.72 -6.18 45.02
C VAL E 165 -12.42 -6.17 43.53
N HIS E 166 -12.08 -7.35 42.99
CA HIS E 166 -11.70 -7.51 41.60
C HIS E 166 -12.33 -8.79 41.10
N THR E 167 -13.46 -8.70 40.43
CA THR E 167 -14.08 -9.85 39.80
C THR E 167 -13.54 -9.97 38.39
N PHE E 168 -12.94 -11.10 38.09
CA PHE E 168 -12.23 -11.21 36.84
C PHE E 168 -13.17 -11.64 35.73
N PRO E 169 -12.80 -11.41 34.48
CA PRO E 169 -13.63 -11.87 33.38
C PRO E 169 -13.66 -13.38 33.32
N ALA E 170 -14.79 -13.91 32.89
CA ALA E 170 -14.96 -15.35 32.81
C ALA E 170 -14.13 -15.92 31.68
N VAL E 171 -13.80 -17.19 31.80
CA VAL E 171 -12.95 -17.91 30.87
C VAL E 171 -13.69 -19.15 30.44
N LEU E 172 -13.75 -19.41 29.13
CA LEU E 172 -14.37 -20.61 28.59
C LEU E 172 -13.37 -21.75 28.60
N GLN E 173 -13.70 -22.84 29.28
CA GLN E 173 -12.83 -23.98 29.47
C GLN E 173 -13.08 -25.06 28.42
N SER E 174 -12.17 -26.05 28.36
CA SER E 174 -12.28 -27.12 27.37
C SER E 174 -13.62 -27.80 27.40
N SER E 175 -14.27 -27.82 28.55
CA SER E 175 -15.59 -28.43 28.67
C SER E 175 -16.68 -27.60 28.02
N GLY E 176 -16.39 -26.36 27.63
CA GLY E 176 -17.43 -25.45 27.24
C GLY E 176 -18.20 -24.90 28.40
N LEU E 177 -17.60 -24.86 29.58
CA LEU E 177 -18.19 -24.28 30.78
C LEU E 177 -17.31 -23.13 31.24
N TYR E 178 -17.93 -22.03 31.65
CA TYR E 178 -17.16 -20.88 32.06
C TYR E 178 -16.63 -21.06 33.47
N SER E 179 -15.74 -20.16 33.87
CA SER E 179 -15.17 -20.18 35.21
C SER E 179 -14.62 -18.79 35.49
N LEU E 180 -14.70 -18.34 36.74
CA LEU E 180 -14.13 -17.03 37.08
C LEU E 180 -13.80 -16.98 38.55
N SER E 181 -12.97 -16.00 38.90
CA SER E 181 -12.58 -15.75 40.26
C SER E 181 -12.93 -14.32 40.66
N SER E 182 -13.35 -14.15 41.90
CA SER E 182 -13.49 -12.84 42.51
C SER E 182 -12.54 -12.80 43.69
N VAL E 183 -11.74 -11.74 43.79
CA VAL E 183 -10.81 -11.59 44.89
C VAL E 183 -10.99 -10.21 45.51
N VAL E 184 -10.61 -10.11 46.78
CA VAL E 184 -10.64 -8.85 47.52
C VAL E 184 -9.41 -8.83 48.40
N THR E 185 -8.82 -7.65 48.56
CA THR E 185 -7.72 -7.48 49.48
C THR E 185 -8.21 -6.72 50.70
N VAL E 186 -7.75 -7.17 51.86
CA VAL E 186 -8.28 -6.74 53.14
C VAL E 186 -7.15 -6.48 54.09
N PRO E 187 -7.36 -5.66 55.11
CA PRO E 187 -6.33 -5.44 56.13
C PRO E 187 -5.98 -6.75 56.81
N SER E 188 -4.69 -7.04 56.91
CA SER E 188 -4.28 -8.35 57.39
C SER E 188 -4.68 -8.59 58.83
N SER E 189 -4.87 -7.53 59.61
CA SER E 189 -5.22 -7.68 61.02
C SER E 189 -6.68 -8.10 61.19
N SER E 190 -7.55 -7.71 60.28
CA SER E 190 -8.98 -7.93 60.45
C SER E 190 -9.42 -9.36 60.16
N LEU E 191 -8.51 -10.26 59.84
CA LEU E 191 -8.93 -11.61 59.50
C LEU E 191 -9.52 -12.35 60.70
N GLY E 192 -9.00 -12.08 61.90
CA GLY E 192 -9.51 -12.76 63.08
C GLY E 192 -10.89 -12.30 63.48
N THR E 193 -11.20 -11.02 63.26
CA THR E 193 -12.47 -10.44 63.70
C THR E 193 -13.53 -10.48 62.61
N LYS E 194 -13.21 -10.05 61.39
CA LYS E 194 -14.21 -9.88 60.34
C LYS E 194 -14.46 -11.19 59.59
N THR E 195 -15.67 -11.32 59.07
CA THR E 195 -16.09 -12.52 58.37
C THR E 195 -16.36 -12.15 56.92
N TYR E 196 -15.57 -12.71 56.00
CA TYR E 196 -15.68 -12.38 54.58
C TYR E 196 -16.42 -13.49 53.86
N THR E 197 -17.40 -13.11 53.04
CA THR E 197 -18.30 -14.05 52.41
C THR E 197 -18.60 -13.55 51.01
N CYS E 198 -18.50 -14.43 50.02
CA CYS E 198 -18.85 -14.06 48.67
C CYS E 198 -20.23 -14.59 48.33
N ASN E 199 -21.00 -13.80 47.62
CA ASN E 199 -22.38 -14.13 47.27
C ASN E 199 -22.44 -14.29 45.77
N VAL E 200 -22.50 -15.53 45.31
CA VAL E 200 -22.54 -15.87 43.90
C VAL E 200 -23.99 -16.09 43.51
N ASP E 201 -24.39 -15.52 42.39
CA ASP E 201 -25.75 -15.61 41.89
C ASP E 201 -25.66 -15.94 40.41
N HIS E 202 -26.14 -17.11 40.03
CA HIS E 202 -26.16 -17.54 38.63
C HIS E 202 -27.62 -17.69 38.25
N LYS E 203 -28.18 -16.67 37.62
CA LYS E 203 -29.63 -16.64 37.46
C LYS E 203 -30.17 -17.77 36.57
N PRO E 204 -29.54 -18.17 35.47
CA PRO E 204 -30.21 -19.15 34.61
C PRO E 204 -30.35 -20.50 35.24
N SER E 205 -29.45 -20.86 36.14
CA SER E 205 -29.59 -22.09 36.92
C SER E 205 -30.26 -21.86 38.24
N ASN E 206 -30.63 -20.61 38.52
CA ASN E 206 -31.29 -20.23 39.76
C ASN E 206 -30.44 -20.56 40.98
N THR E 207 -29.12 -20.65 40.79
CA THR E 207 -28.20 -20.89 41.89
C THR E 207 -27.90 -19.58 42.61
N LYS E 208 -27.89 -19.63 43.94
CA LYS E 208 -27.35 -18.56 44.76
C LYS E 208 -26.56 -19.21 45.87
N VAL E 209 -25.27 -18.91 45.95
CA VAL E 209 -24.37 -19.53 46.90
C VAL E 209 -23.70 -18.44 47.70
N ASP E 210 -23.66 -18.61 49.01
CA ASP E 210 -22.86 -17.77 49.90
C ASP E 210 -21.76 -18.66 50.48
N LYS E 211 -20.52 -18.26 50.30
CA LYS E 211 -19.38 -19.03 50.78
C LYS E 211 -18.53 -18.13 51.66
N ARG E 212 -18.28 -18.58 52.89
CA ARG E 212 -17.41 -17.86 53.80
C ARG E 212 -15.98 -18.27 53.53
N VAL E 213 -15.13 -17.29 53.31
CA VAL E 213 -13.73 -17.53 52.96
C VAL E 213 -12.91 -17.38 54.24
N GLU E 214 -12.39 -18.48 54.76
CA GLU E 214 -11.65 -18.42 56.00
C GLU E 214 -10.37 -19.23 55.89
N SER E 215 -9.43 -18.92 56.78
CA SER E 215 -8.13 -19.57 56.90
C SER E 215 -8.16 -21.08 56.63
N THR F 3 -55.52 9.99 -9.33
CA THR F 3 -56.97 9.99 -9.48
C THR F 3 -57.68 10.64 -8.32
N ASP F 4 -58.72 11.39 -8.67
CA ASP F 4 -59.46 12.19 -7.70
C ASP F 4 -59.94 11.35 -6.54
N ARG F 5 -60.32 10.10 -6.78
CA ARG F 5 -60.86 9.33 -5.68
C ARG F 5 -59.78 8.77 -4.76
N GLN F 6 -58.60 8.41 -5.27
CA GLN F 6 -57.54 8.03 -4.34
C GLN F 6 -57.03 9.22 -3.56
N LEU F 7 -57.03 10.42 -4.14
CA LEU F 7 -56.51 11.57 -3.42
C LEU F 7 -57.42 11.93 -2.26
N ALA F 8 -58.73 11.87 -2.47
CA ALA F 8 -59.66 12.16 -1.40
C ALA F 8 -59.66 11.07 -0.34
N GLU F 9 -59.53 9.82 -0.74
CA GLU F 9 -59.47 8.75 0.26
C GLU F 9 -58.23 8.88 1.12
N GLU F 10 -57.13 9.39 0.55
CA GLU F 10 -55.92 9.58 1.33
C GLU F 10 -56.06 10.77 2.27
N TYR F 11 -56.61 11.88 1.77
CA TYR F 11 -56.81 13.08 2.57
C TYR F 11 -57.75 12.81 3.72
N LEU F 12 -58.91 12.24 3.43
CA LEU F 12 -59.90 11.99 4.47
C LEU F 12 -59.33 11.14 5.60
N TYR F 13 -58.38 10.27 5.29
CA TYR F 13 -57.88 9.35 6.29
C TYR F 13 -56.69 9.92 7.05
N ARG F 14 -55.82 10.65 6.36
CA ARG F 14 -54.74 11.33 7.04
C ARG F 14 -55.25 12.23 8.14
N TYR F 15 -56.31 12.97 7.87
CA TYR F 15 -56.77 14.05 8.73
C TYR F 15 -57.90 13.62 9.65
N GLY F 16 -58.20 12.34 9.71
CA GLY F 16 -59.07 11.80 10.72
C GLY F 16 -60.53 11.81 10.39
N TYR F 17 -60.90 12.05 9.14
CA TYR F 17 -62.32 12.04 8.81
C TYR F 17 -62.80 10.62 8.59
N THR F 18 -62.04 9.85 7.82
CA THR F 18 -62.43 8.48 7.50
C THR F 18 -62.70 7.67 8.75
N ARG F 19 -61.89 7.84 9.80
CA ARG F 19 -62.09 7.05 11.01
C ARG F 19 -63.35 7.46 11.76
N VAL F 20 -63.80 8.72 11.65
CA VAL F 20 -65.10 9.08 12.17
C VAL F 20 -66.16 8.64 11.17
N ALA F 21 -66.46 7.34 11.18
CA ALA F 21 -67.43 6.76 10.26
C ALA F 21 -67.66 5.30 10.63
N SER F 29 -68.96 4.71 0.23
CA SER F 29 -69.43 6.08 -0.03
C SER F 29 -68.69 7.12 0.79
N LEU F 30 -68.03 8.06 0.12
CA LEU F 30 -67.30 9.10 0.81
C LEU F 30 -68.19 10.24 1.29
N GLY F 31 -69.48 10.16 1.04
CA GLY F 31 -70.39 11.24 1.35
C GLY F 31 -70.33 11.72 2.77
N PRO F 32 -70.65 10.83 3.72
CA PRO F 32 -70.62 11.24 5.13
C PRO F 32 -69.26 11.72 5.60
N ALA F 33 -68.17 11.16 5.08
CA ALA F 33 -66.86 11.67 5.42
C ALA F 33 -66.60 13.04 4.81
N LEU F 34 -67.05 13.24 3.56
CA LEU F 34 -66.91 14.55 2.94
C LEU F 34 -67.74 15.60 3.64
N LEU F 35 -68.90 15.20 4.17
CA LEU F 35 -69.72 16.14 4.90
C LEU F 35 -69.00 16.65 6.15
N LEU F 36 -68.22 15.77 6.79
CA LEU F 36 -67.42 16.19 7.92
C LEU F 36 -66.32 17.15 7.50
N LEU F 37 -65.66 16.85 6.38
CA LEU F 37 -64.63 17.74 5.86
C LEU F 37 -65.20 19.10 5.52
N GLN F 38 -66.27 19.13 4.74
CA GLN F 38 -66.84 20.40 4.33
C GLN F 38 -67.30 21.23 5.52
N LYS F 39 -67.78 20.59 6.58
CA LYS F 39 -68.14 21.35 7.78
C LYS F 39 -66.90 21.88 8.46
N GLN F 40 -65.89 21.03 8.65
CA GLN F 40 -64.69 21.35 9.41
C GLN F 40 -63.80 22.36 8.71
N LEU F 41 -63.89 22.47 7.39
CA LEU F 41 -63.11 23.44 6.63
C LEU F 41 -63.96 24.59 6.10
N SER F 42 -65.25 24.62 6.46
CA SER F 42 -66.20 25.68 6.07
C SER F 42 -66.32 25.81 4.55
N LEU F 43 -66.59 24.71 3.90
CA LEU F 43 -66.92 24.64 2.50
C LEU F 43 -68.41 24.42 2.35
N PRO F 44 -68.97 24.73 1.19
CA PRO F 44 -70.36 24.33 0.93
C PRO F 44 -70.55 22.86 1.20
N GLU F 45 -71.34 22.53 2.22
CA GLU F 45 -71.54 21.14 2.62
C GLU F 45 -72.47 20.42 1.66
N THR F 46 -71.91 19.79 0.64
CA THR F 46 -72.70 19.15 -0.38
C THR F 46 -72.65 17.64 -0.32
N GLY F 47 -71.81 17.04 0.51
CA GLY F 47 -71.65 15.61 0.51
C GLY F 47 -71.07 15.03 -0.76
N GLU F 48 -70.57 15.87 -1.67
CA GLU F 48 -70.05 15.45 -2.96
C GLU F 48 -68.56 15.75 -3.08
N LEU F 49 -67.87 14.96 -3.88
CA LEU F 49 -66.49 15.26 -4.25
C LEU F 49 -66.49 16.27 -5.39
N ASP F 50 -66.93 17.47 -5.07
CA ASP F 50 -67.15 18.47 -6.09
C ASP F 50 -65.89 19.30 -6.27
N SER F 51 -65.96 20.32 -7.11
CA SER F 51 -64.78 21.06 -7.50
C SER F 51 -64.14 21.77 -6.32
N ALA F 52 -64.94 22.47 -5.50
CA ALA F 52 -64.37 23.21 -4.39
C ALA F 52 -63.75 22.31 -3.34
N THR F 53 -64.25 21.08 -3.21
CA THR F 53 -63.66 20.15 -2.24
C THR F 53 -62.28 19.67 -2.71
N LEU F 54 -62.15 19.34 -4.00
CA LEU F 54 -60.86 18.91 -4.52
C LEU F 54 -59.84 20.03 -4.41
N LYS F 55 -60.22 21.23 -4.86
CA LYS F 55 -59.31 22.37 -4.72
C LYS F 55 -58.85 22.50 -3.27
N ALA F 56 -59.73 22.27 -2.32
CA ALA F 56 -59.33 22.34 -0.92
C ALA F 56 -58.34 21.24 -0.57
N MET F 57 -58.63 20.02 -0.99
CA MET F 57 -57.74 18.89 -0.70
C MET F 57 -56.38 19.03 -1.36
N ARG F 58 -56.21 19.99 -2.25
CA ARG F 58 -54.95 20.18 -2.95
C ARG F 58 -54.21 21.43 -2.48
N THR F 59 -54.77 22.19 -1.55
CA THR F 59 -53.92 23.28 -1.09
C THR F 59 -53.02 22.81 0.05
N PRO F 60 -51.86 23.42 0.22
CA PRO F 60 -50.96 23.01 1.29
C PRO F 60 -51.46 23.47 2.65
N ARG F 61 -51.19 22.68 3.67
CA ARG F 61 -51.83 22.90 4.96
C ARG F 61 -50.97 22.31 6.08
N CYS F 62 -51.44 22.51 7.31
CA CYS F 62 -50.82 21.88 8.47
C CYS F 62 -50.96 20.38 8.37
N GLY F 63 -50.12 19.69 9.11
CA GLY F 63 -50.12 18.25 9.08
C GLY F 63 -50.84 17.61 10.22
N VAL F 64 -51.23 18.40 11.21
CA VAL F 64 -51.96 17.87 12.36
C VAL F 64 -53.36 17.50 11.90
N PRO F 65 -53.92 16.38 12.35
CA PRO F 65 -55.25 16.00 11.90
C PRO F 65 -56.30 16.98 12.39
N ASP F 66 -57.40 17.06 11.63
CA ASP F 66 -58.49 17.97 11.95
C ASP F 66 -59.45 17.37 12.97
N LEU F 67 -59.88 16.13 12.75
CA LEU F 67 -60.60 15.38 13.76
C LEU F 67 -59.67 14.35 14.38
N GLY F 68 -59.74 14.22 15.68
CA GLY F 68 -58.91 13.28 16.37
C GLY F 68 -57.51 13.84 16.52
N ARG F 69 -56.59 12.94 16.85
CA ARG F 69 -55.21 13.31 17.08
C ARG F 69 -54.28 12.34 16.38
N PHE F 70 -53.00 12.72 16.30
CA PHE F 70 -51.98 11.79 15.88
C PHE F 70 -52.05 10.51 16.68
N GLN F 71 -52.19 10.63 17.99
CA GLN F 71 -52.00 9.54 18.93
C GLN F 71 -52.70 9.95 20.21
N THR F 72 -52.75 9.05 21.17
CA THR F 72 -53.06 9.45 22.53
C THR F 72 -51.84 10.14 23.08
N PHE F 73 -52.04 11.22 23.81
CA PHE F 73 -50.93 11.98 24.34
C PHE F 73 -50.94 11.91 25.86
N GLU F 74 -49.93 12.49 26.47
CA GLU F 74 -49.77 12.39 27.92
C GLU F 74 -50.22 13.68 28.57
N GLY F 75 -51.16 13.57 29.47
CA GLY F 75 -51.51 14.67 30.34
C GLY F 75 -52.64 15.53 29.86
N ASP F 76 -52.68 16.72 30.44
CA ASP F 76 -53.74 17.72 30.28
C ASP F 76 -53.79 18.32 28.89
N LEU F 77 -52.72 18.18 28.10
CA LEU F 77 -52.56 18.88 26.82
C LEU F 77 -52.59 20.39 26.99
N LYS F 78 -52.02 20.88 28.08
CA LYS F 78 -51.96 22.30 28.39
C LYS F 78 -50.71 22.56 29.22
N TRP F 79 -50.06 23.70 28.99
CA TRP F 79 -48.89 24.05 29.80
C TRP F 79 -49.34 24.48 31.18
N HIS F 80 -48.59 24.07 32.20
CA HIS F 80 -48.87 24.47 33.58
C HIS F 80 -47.82 25.42 34.13
N HIS F 81 -47.21 26.20 33.25
CA HIS F 81 -46.34 27.28 33.65
C HIS F 81 -46.36 28.27 32.51
N HIS F 82 -45.98 29.51 32.81
CA HIS F 82 -46.14 30.59 31.85
C HIS F 82 -44.84 31.00 31.20
N ASN F 83 -43.70 30.59 31.75
CA ASN F 83 -42.38 30.90 31.18
C ASN F 83 -41.98 29.75 30.28
N ILE F 84 -42.44 29.79 29.03
CA ILE F 84 -42.15 28.73 28.09
C ILE F 84 -40.78 28.97 27.49
N THR F 85 -39.97 27.92 27.45
CA THR F 85 -38.65 27.95 26.85
C THR F 85 -38.69 27.18 25.54
N TYR F 86 -37.82 27.55 24.60
CA TYR F 86 -37.84 26.89 23.30
C TYR F 86 -36.44 26.79 22.72
N TRP F 87 -36.22 25.77 21.90
CA TRP F 87 -34.90 25.43 21.37
C TRP F 87 -34.99 25.31 19.86
N ILE F 88 -34.16 26.05 19.14
CA ILE F 88 -34.07 25.94 17.70
C ILE F 88 -32.98 24.90 17.41
N GLN F 89 -33.40 23.66 17.14
CA GLN F 89 -32.46 22.56 17.11
C GLN F 89 -31.60 22.58 15.86
N ASN F 90 -32.13 23.06 14.75
CA ASN F 90 -31.36 23.10 13.53
C ASN F 90 -32.01 24.11 12.61
N TYR F 91 -31.40 24.33 11.45
CA TYR F 91 -31.80 25.42 10.58
C TYR F 91 -31.97 24.93 9.17
N SER F 92 -32.82 25.64 8.44
CA SER F 92 -32.94 25.49 7.01
C SER F 92 -31.94 26.41 6.34
N GLU F 93 -31.44 25.98 5.20
CA GLU F 93 -30.51 26.83 4.48
C GLU F 93 -31.20 27.84 3.61
N ASP F 94 -32.53 27.85 3.59
CA ASP F 94 -33.26 28.77 2.73
C ASP F 94 -33.17 30.21 3.21
N LEU F 95 -32.77 30.42 4.47
CA LEU F 95 -32.72 31.77 5.02
C LEU F 95 -31.53 31.90 5.95
N PRO F 96 -30.94 33.08 6.04
CA PRO F 96 -29.90 33.31 7.04
C PRO F 96 -30.46 33.06 8.42
N ARG F 97 -29.64 32.51 9.30
CA ARG F 97 -30.24 32.01 10.51
C ARG F 97 -30.63 33.10 11.48
N ALA F 98 -30.09 34.30 11.34
CA ALA F 98 -30.66 35.41 12.12
C ALA F 98 -32.08 35.69 11.67
N VAL F 99 -32.36 35.52 10.38
CA VAL F 99 -33.70 35.73 9.84
C VAL F 99 -34.63 34.64 10.34
N ILE F 100 -34.14 33.40 10.42
CA ILE F 100 -34.92 32.31 10.98
C ILE F 100 -35.13 32.50 12.47
N ASP F 101 -34.06 32.79 13.21
CA ASP F 101 -34.18 33.10 14.63
C ASP F 101 -35.22 34.17 14.87
N ASP F 102 -35.23 35.20 14.03
CA ASP F 102 -36.19 36.29 14.20
C ASP F 102 -37.59 35.85 13.87
N ALA F 103 -37.77 35.06 12.80
CA ALA F 103 -39.10 34.64 12.41
C ALA F 103 -39.76 33.83 13.52
N PHE F 104 -39.01 32.92 14.14
CA PHE F 104 -39.56 32.19 15.27
C PHE F 104 -39.87 33.12 16.43
N ALA F 105 -38.97 34.05 16.73
CA ALA F 105 -39.21 34.95 17.86
C ALA F 105 -40.45 35.80 17.64
N ARG F 106 -40.66 36.29 16.41
CA ARG F 106 -41.85 37.08 16.12
C ARG F 106 -43.09 36.23 16.21
N ALA F 107 -43.04 35.02 15.66
CA ALA F 107 -44.19 34.13 15.75
C ALA F 107 -44.61 33.92 17.20
N PHE F 108 -43.65 33.64 18.08
CA PHE F 108 -43.96 33.51 19.49
C PHE F 108 -44.55 34.79 20.04
N ALA F 109 -44.16 35.94 19.48
CA ALA F 109 -44.58 37.22 20.03
C ALA F 109 -46.07 37.45 19.85
N LEU F 110 -46.62 37.00 18.73
CA LEU F 110 -48.06 37.05 18.52
C LEU F 110 -48.80 36.44 19.69
N TRP F 111 -48.31 35.31 20.20
CA TRP F 111 -49.03 34.64 21.26
C TRP F 111 -48.71 35.25 22.62
N SER F 112 -47.52 35.81 22.79
CA SER F 112 -47.20 36.44 24.05
C SER F 112 -47.86 37.81 24.21
N ALA F 113 -48.33 38.39 23.10
CA ALA F 113 -49.04 39.66 23.16
C ALA F 113 -50.41 39.51 23.79
N VAL F 114 -51.14 38.47 23.45
CA VAL F 114 -52.51 38.31 23.88
C VAL F 114 -52.63 37.35 25.06
N THR F 115 -51.55 37.09 25.80
CA THR F 115 -51.50 35.98 26.74
C THR F 115 -50.42 36.26 27.76
N PRO F 116 -50.56 35.78 28.99
CA PRO F 116 -49.51 35.97 29.99
C PRO F 116 -48.25 35.18 29.72
N LEU F 117 -48.20 34.40 28.66
CA LEU F 117 -47.06 33.56 28.40
C LEU F 117 -45.88 34.36 27.88
N THR F 118 -44.69 34.03 28.37
CA THR F 118 -43.45 34.53 27.83
C THR F 118 -42.72 33.38 27.16
N PHE F 119 -41.85 33.71 26.21
CA PHE F 119 -41.09 32.71 25.47
C PHE F 119 -39.60 33.05 25.53
N THR F 120 -38.82 32.14 26.12
CA THR F 120 -37.40 32.33 26.35
C THR F 120 -36.59 31.35 25.50
N ARG F 121 -35.64 31.84 24.73
CA ARG F 121 -34.81 30.96 23.92
C ARG F 121 -33.74 30.29 24.77
N VAL F 122 -33.61 28.97 24.66
CA VAL F 122 -32.61 28.20 25.36
C VAL F 122 -31.81 27.39 24.35
N TYR F 123 -30.71 26.81 24.81
CA TYR F 123 -29.89 25.96 23.97
C TYR F 123 -29.76 24.58 24.61
N SER F 124 -30.88 23.93 24.84
CA SER F 124 -30.93 22.67 25.55
C SER F 124 -32.08 21.84 25.02
N ARG F 125 -31.93 20.52 25.06
CA ARG F 125 -33.05 19.68 24.70
C ARG F 125 -34.04 19.57 25.82
N ASP F 126 -33.86 20.35 26.87
CA ASP F 126 -34.81 20.47 27.95
C ASP F 126 -35.85 21.53 27.68
N ALA F 127 -35.78 22.20 26.55
CA ALA F 127 -36.77 23.20 26.22
C ALA F 127 -38.15 22.58 26.17
N ASP F 128 -39.17 23.37 26.47
CA ASP F 128 -40.53 22.85 26.35
C ASP F 128 -40.91 22.66 24.90
N ILE F 129 -40.57 23.60 24.04
CA ILE F 129 -40.84 23.55 22.61
C ILE F 129 -39.51 23.40 21.88
N VAL F 130 -39.27 22.27 21.23
CA VAL F 130 -38.07 22.08 20.45
C VAL F 130 -38.43 22.21 18.99
N ILE F 131 -37.79 23.13 18.28
CA ILE F 131 -38.07 23.42 16.88
C ILE F 131 -37.05 22.69 16.03
N GLN F 132 -37.48 22.10 14.92
CA GLN F 132 -36.57 21.31 14.10
C GLN F 132 -37.05 21.26 12.66
N PHE F 133 -36.11 21.36 11.72
CA PHE F 133 -36.40 21.16 10.31
C PHE F 133 -36.05 19.73 9.93
N GLY F 134 -36.84 19.13 9.04
CA GLY F 134 -36.62 17.74 8.70
C GLY F 134 -37.31 17.36 7.42
N VAL F 135 -36.90 16.22 6.86
CA VAL F 135 -37.33 15.81 5.52
C VAL F 135 -37.79 14.37 5.60
N ALA F 136 -38.92 14.07 4.98
CA ALA F 136 -39.50 12.74 5.01
C ALA F 136 -39.45 12.26 6.45
N GLU F 137 -39.05 11.04 6.73
CA GLU F 137 -39.01 10.59 8.10
C GLU F 137 -37.88 11.29 8.86
N HIS F 138 -38.22 12.03 9.92
CA HIS F 138 -37.29 12.94 10.55
C HIS F 138 -37.16 12.74 12.05
N GLY F 139 -37.44 11.55 12.57
CA GLY F 139 -37.17 11.26 13.97
C GLY F 139 -38.37 11.08 14.87
N ASP F 140 -39.58 11.31 14.39
CA ASP F 140 -40.84 10.97 15.04
C ASP F 140 -41.54 9.93 14.17
N GLY F 141 -42.67 9.44 14.59
CA GLY F 141 -43.16 8.46 13.65
C GLY F 141 -43.92 9.04 12.48
N TYR F 142 -43.84 10.35 12.27
CA TYR F 142 -44.76 11.07 11.40
C TYR F 142 -43.99 11.69 10.26
N PRO F 143 -43.71 10.92 9.21
CA PRO F 143 -42.93 11.45 8.10
C PRO F 143 -43.66 12.52 7.31
N PHE F 144 -42.89 13.43 6.75
CA PHE F 144 -43.37 14.44 5.83
C PHE F 144 -43.47 13.86 4.42
N ASP F 145 -44.04 14.64 3.51
CA ASP F 145 -44.43 14.08 2.21
C ASP F 145 -43.71 14.72 1.03
N GLY F 146 -42.55 15.30 1.24
CA GLY F 146 -41.89 15.95 0.14
C GLY F 146 -42.51 17.28 -0.20
N LYS F 147 -42.21 17.78 -1.39
CA LYS F 147 -42.56 19.13 -1.77
C LYS F 147 -44.06 19.34 -1.70
N ASP F 148 -44.45 20.49 -1.15
CA ASP F 148 -45.84 20.87 -0.98
C ASP F 148 -46.57 19.88 -0.08
N GLY F 149 -47.89 19.82 -0.16
CA GLY F 149 -48.64 18.92 0.69
C GLY F 149 -48.73 19.42 2.12
N LEU F 150 -48.33 18.60 3.09
CA LEU F 150 -48.07 19.10 4.43
C LEU F 150 -46.87 20.01 4.42
N LEU F 151 -46.88 21.01 5.30
CA LEU F 151 -45.75 21.91 5.46
C LEU F 151 -45.08 21.83 6.82
N ALA F 152 -45.76 21.32 7.84
CA ALA F 152 -45.24 21.26 9.20
C ALA F 152 -46.21 20.48 10.05
N HIS F 153 -45.83 20.20 11.29
CA HIS F 153 -46.76 19.71 12.28
C HIS F 153 -46.19 20.00 13.65
N ALA F 154 -47.04 19.90 14.67
CA ALA F 154 -46.63 20.14 16.04
C ALA F 154 -47.47 19.27 16.95
N PHE F 155 -47.15 19.30 18.23
CA PHE F 155 -47.74 18.39 19.19
C PHE F 155 -48.20 19.13 20.43
N PRO F 156 -49.29 18.70 21.05
CA PRO F 156 -49.84 19.42 22.17
C PRO F 156 -48.89 19.44 23.34
N PRO F 157 -49.06 20.36 24.29
CA PRO F 157 -48.12 20.48 25.39
C PRO F 157 -47.98 19.20 26.19
N GLY F 158 -46.80 19.03 26.78
CA GLY F 158 -46.48 17.89 27.58
C GLY F 158 -45.00 17.60 27.51
N PRO F 159 -44.59 16.43 27.96
CA PRO F 159 -43.17 16.08 27.97
C PRO F 159 -42.70 15.50 26.65
N GLY F 160 -41.40 15.34 26.53
CA GLY F 160 -40.85 14.66 25.37
C GLY F 160 -41.15 15.38 24.10
N ILE F 161 -41.63 14.65 23.09
CA ILE F 161 -41.91 15.25 21.80
C ILE F 161 -43.12 16.18 21.83
N GLN F 162 -43.88 16.16 22.90
CA GLN F 162 -45.04 17.01 22.99
C GLN F 162 -44.61 18.45 23.21
N GLY F 163 -45.26 19.37 22.51
CA GLY F 163 -44.89 20.74 22.50
C GLY F 163 -43.95 21.12 21.38
N ASP F 164 -43.27 20.16 20.77
CA ASP F 164 -42.28 20.44 19.74
C ASP F 164 -42.97 20.77 18.42
N ALA F 165 -42.23 21.41 17.53
CA ALA F 165 -42.77 21.84 16.25
C ALA F 165 -41.75 21.56 15.17
N HIS F 166 -42.16 20.84 14.12
CA HIS F 166 -41.27 20.43 13.06
C HIS F 166 -41.71 21.07 11.77
N PHE F 167 -40.75 21.46 10.94
CA PHE F 167 -41.03 22.07 9.66
C PHE F 167 -40.44 21.25 8.52
N ASP F 168 -41.17 21.15 7.42
CA ASP F 168 -40.81 20.34 6.27
C ASP F 168 -39.74 21.05 5.46
N ASP F 169 -38.55 20.50 5.41
CA ASP F 169 -37.46 21.13 4.67
C ASP F 169 -37.44 20.74 3.21
N ASP F 170 -38.39 19.92 2.76
CA ASP F 170 -38.59 19.73 1.34
C ASP F 170 -39.38 20.87 0.71
N GLU F 171 -39.66 21.91 1.47
CA GLU F 171 -40.35 23.11 0.99
C GLU F 171 -39.34 24.22 0.77
N LEU F 172 -39.79 25.28 0.12
CA LEU F 172 -39.02 26.51 0.01
C LEU F 172 -39.52 27.47 1.09
N TRP F 173 -38.65 27.84 2.02
CA TRP F 173 -39.03 28.70 3.13
C TRP F 173 -38.58 30.13 2.85
N SER F 174 -39.46 31.08 3.13
CA SER F 174 -39.19 32.47 2.82
C SER F 174 -39.93 33.34 3.82
N LEU F 175 -40.05 34.61 3.47
CA LEU F 175 -40.85 35.56 4.22
C LEU F 175 -41.57 36.43 3.20
N GLY F 176 -42.78 36.83 3.53
CA GLY F 176 -43.46 37.73 2.63
C GLY F 176 -43.75 37.10 1.28
N LYS F 177 -43.84 37.96 0.27
CA LYS F 177 -44.23 37.53 -1.07
C LYS F 177 -43.14 36.70 -1.71
N GLY F 178 -43.16 36.63 -3.04
CA GLY F 178 -42.24 35.77 -3.73
C GLY F 178 -42.75 34.33 -3.74
N GLN F 179 -41.83 33.42 -4.03
CA GLN F 179 -42.16 32.01 -3.97
C GLN F 179 -41.92 31.49 -2.56
N GLY F 180 -42.33 30.25 -2.33
CA GLY F 180 -42.07 29.61 -1.06
C GLY F 180 -42.98 30.09 0.04
N TYR F 181 -43.08 29.33 1.12
CA TYR F 181 -44.03 29.60 2.18
C TYR F 181 -43.39 30.41 3.29
N SER F 182 -44.19 31.21 3.98
CA SER F 182 -43.69 32.10 5.00
C SER F 182 -43.39 31.32 6.26
N LEU F 183 -42.12 31.27 6.66
CA LEU F 183 -41.77 30.59 7.90
C LEU F 183 -42.40 31.27 9.11
N PHE F 184 -42.65 32.56 9.03
CA PHE F 184 -43.31 33.24 10.14
C PHE F 184 -44.75 32.78 10.29
N LEU F 185 -45.50 32.71 9.20
CA LEU F 185 -46.91 32.32 9.32
C LEU F 185 -47.05 30.85 9.70
N VAL F 186 -46.27 29.97 9.09
CA VAL F 186 -46.37 28.56 9.41
C VAL F 186 -45.92 28.31 10.84
N ALA F 187 -44.93 29.05 11.33
CA ALA F 187 -44.49 28.87 12.71
C ALA F 187 -45.54 29.37 13.69
N ALA F 188 -46.12 30.55 13.45
CA ALA F 188 -47.15 31.04 14.35
C ALA F 188 -48.32 30.09 14.44
N HIS F 189 -48.62 29.38 13.34
CA HIS F 189 -49.66 28.36 13.37
C HIS F 189 -49.24 27.18 14.23
N GLU F 190 -48.06 26.63 13.98
CA GLU F 190 -47.62 25.45 14.70
C GLU F 190 -47.42 25.73 16.17
N PHE F 191 -46.95 26.93 16.53
CA PHE F 191 -46.84 27.27 17.94
C PHE F 191 -48.19 27.33 18.61
N GLY F 192 -49.27 27.56 17.85
CA GLY F 192 -50.59 27.44 18.41
C GLY F 192 -50.91 26.01 18.84
N HIS F 193 -50.57 25.04 17.99
CA HIS F 193 -50.68 23.64 18.38
C HIS F 193 -49.80 23.36 19.58
N ALA F 194 -48.60 23.93 19.60
CA ALA F 194 -47.65 23.69 20.68
C ALA F 194 -48.11 24.31 21.98
N LEU F 195 -49.09 25.21 21.95
CA LEU F 195 -49.60 25.83 23.16
C LEU F 195 -50.93 25.27 23.61
N GLY F 196 -51.72 24.69 22.70
CA GLY F 196 -52.86 23.91 23.14
C GLY F 196 -54.05 23.92 22.21
N LEU F 197 -53.88 24.52 21.04
CA LEU F 197 -55.00 24.87 20.18
C LEU F 197 -55.18 23.83 19.08
N ASP F 198 -56.43 23.50 18.79
CA ASP F 198 -56.77 22.66 17.65
C ASP F 198 -57.06 23.56 16.45
N HIS F 199 -57.43 22.95 15.33
CA HIS F 199 -57.67 23.74 14.15
C HIS F 199 -58.98 24.52 14.28
N SER F 200 -59.22 25.39 13.32
CA SER F 200 -60.36 26.30 13.34
C SER F 200 -61.15 26.16 12.04
N SER F 201 -62.44 26.39 12.12
CA SER F 201 -63.28 26.37 10.94
C SER F 201 -63.35 27.72 10.25
N VAL F 202 -62.80 28.76 10.85
CA VAL F 202 -62.84 30.12 10.33
C VAL F 202 -61.70 30.30 9.33
N PRO F 203 -61.99 30.32 8.02
CA PRO F 203 -60.91 30.44 7.02
C PRO F 203 -59.91 31.53 7.28
N GLU F 204 -60.32 32.63 7.88
CA GLU F 204 -59.44 33.76 8.09
C GLU F 204 -58.68 33.68 9.41
N ALA F 205 -58.88 32.62 10.19
CA ALA F 205 -58.14 32.42 11.41
C ALA F 205 -56.73 31.92 11.12
N LEU F 206 -55.86 32.08 12.10
CA LEU F 206 -54.51 31.54 11.94
C LEU F 206 -54.52 30.04 12.08
N MET F 207 -55.33 29.52 12.99
CA MET F 207 -55.40 28.08 13.23
C MET F 207 -56.23 27.35 12.20
N TYR F 208 -56.70 28.04 11.18
CA TYR F 208 -57.31 27.35 10.06
C TYR F 208 -56.27 26.43 9.45
N PRO F 209 -56.66 25.22 9.03
CA PRO F 209 -55.65 24.25 8.59
C PRO F 209 -54.82 24.67 7.40
N MET F 210 -55.43 25.27 6.39
CA MET F 210 -54.74 25.55 5.13
C MET F 210 -53.90 26.81 5.21
N TYR F 211 -52.82 26.81 4.44
CA TYR F 211 -51.93 27.96 4.40
C TYR F 211 -52.49 29.06 3.52
N ARG F 212 -52.58 30.28 4.07
CA ARG F 212 -52.90 31.45 3.26
C ARG F 212 -51.98 32.59 3.68
N PHE F 213 -51.39 33.27 2.70
CA PHE F 213 -50.46 34.33 3.01
C PHE F 213 -51.17 35.63 3.31
N THR F 214 -50.62 36.39 4.25
CA THR F 214 -51.19 37.67 4.61
C THR F 214 -50.09 38.56 5.15
N GLU F 215 -50.16 39.84 4.81
CA GLU F 215 -49.47 40.82 5.63
C GLU F 215 -50.45 41.32 6.67
N GLY F 216 -49.96 42.07 7.63
CA GLY F 216 -50.81 42.54 8.70
C GLY F 216 -51.17 41.42 9.65
N PRO F 217 -51.98 41.74 10.66
CA PRO F 217 -52.08 40.89 11.85
C PRO F 217 -52.57 39.50 11.51
N PRO F 218 -51.81 38.47 11.85
CA PRO F 218 -52.26 37.10 11.58
C PRO F 218 -53.35 36.63 12.53
N LEU F 219 -53.27 37.00 13.80
CA LEU F 219 -54.20 36.45 14.78
C LEU F 219 -55.60 37.00 14.55
N HIS F 220 -56.45 36.19 13.95
CA HIS F 220 -57.87 36.46 13.96
C HIS F 220 -58.38 36.39 15.39
N LYS F 221 -59.53 36.99 15.63
CA LYS F 221 -60.02 36.99 17.00
C LYS F 221 -60.61 35.66 17.42
N ASP F 222 -60.83 34.72 16.50
CA ASP F 222 -61.15 33.37 16.95
C ASP F 222 -59.93 32.73 17.61
N ASP F 223 -58.73 33.02 17.08
CA ASP F 223 -57.50 32.52 17.67
C ASP F 223 -57.21 33.19 18.99
N VAL F 224 -57.60 34.45 19.14
CA VAL F 224 -57.30 35.18 20.36
C VAL F 224 -58.22 34.72 21.48
N ASN F 225 -59.47 34.42 21.16
CA ASN F 225 -60.34 33.83 22.17
C ASN F 225 -59.83 32.47 22.57
N GLY F 226 -59.41 31.67 21.58
CA GLY F 226 -59.02 30.29 21.85
C GLY F 226 -57.83 30.18 22.79
N ILE F 227 -56.82 31.01 22.58
CA ILE F 227 -55.65 30.98 23.46
C ILE F 227 -55.97 31.61 24.80
N ARG F 228 -56.79 32.66 24.83
CA ARG F 228 -57.16 33.25 26.12
C ARG F 228 -58.06 32.33 26.91
N HIS F 229 -58.71 31.37 26.26
CA HIS F 229 -59.48 30.37 26.98
C HIS F 229 -58.57 29.43 27.75
N LEU F 230 -57.32 29.27 27.31
CA LEU F 230 -56.39 28.36 27.95
C LEU F 230 -55.55 29.04 29.00
N TYR F 231 -55.08 30.24 28.73
CA TYR F 231 -54.22 30.96 29.68
C TYR F 231 -54.71 32.39 29.95
N ASP G 1 53.37 33.86 -45.07
CA ASP G 1 54.46 33.06 -44.52
C ASP G 1 55.00 33.72 -43.26
N ILE G 2 55.62 32.90 -42.42
CA ILE G 2 56.13 33.28 -41.12
C ILE G 2 57.64 33.13 -41.16
N GLN G 3 58.37 33.94 -40.39
CA GLN G 3 59.81 33.76 -40.29
C GLN G 3 60.26 33.87 -38.84
N MET G 4 61.28 33.08 -38.51
CA MET G 4 61.80 32.97 -37.15
C MET G 4 63.11 33.74 -37.07
N THR G 5 63.01 35.01 -36.68
CA THR G 5 64.21 35.81 -36.43
C THR G 5 64.92 35.30 -35.18
N GLN G 6 66.16 34.84 -35.35
CA GLN G 6 66.94 34.25 -34.26
C GLN G 6 68.12 35.15 -33.92
N SER G 7 68.37 35.31 -32.62
CA SER G 7 69.46 36.14 -32.12
C SER G 7 70.06 35.56 -30.84
N PRO G 8 71.38 35.76 -30.63
CA PRO G 8 72.29 36.47 -31.51
C PRO G 8 72.75 35.64 -32.71
N SER G 9 73.37 36.29 -33.69
CA SER G 9 73.94 35.56 -34.81
C SER G 9 75.19 34.79 -34.40
N SER G 10 75.84 35.20 -33.30
CA SER G 10 77.03 34.54 -32.79
C SER G 10 77.14 34.85 -31.29
N LEU G 11 77.87 34.01 -30.57
CA LEU G 11 78.14 34.29 -29.16
C LEU G 11 79.49 33.72 -28.76
N SER G 12 79.96 34.21 -27.62
CA SER G 12 81.20 33.79 -27.00
C SER G 12 81.02 34.02 -25.50
N ALA G 13 81.37 33.01 -24.72
CA ALA G 13 81.23 33.02 -23.26
C ALA G 13 81.95 31.78 -22.73
N SER G 14 82.57 31.93 -21.56
CA SER G 14 83.53 30.94 -21.09
C SER G 14 82.80 29.77 -20.45
N VAL G 15 83.56 28.74 -20.05
CA VAL G 15 82.95 27.57 -19.42
C VAL G 15 82.41 27.94 -18.05
N GLY G 16 81.12 27.64 -17.83
CA GLY G 16 80.40 28.00 -16.63
C GLY G 16 79.43 29.15 -16.83
N ASP G 17 79.72 30.04 -17.78
CA ASP G 17 78.74 31.02 -18.23
C ASP G 17 77.49 30.28 -18.67
N ARG G 18 76.42 30.99 -18.96
CA ARG G 18 75.26 30.26 -19.45
C ARG G 18 74.45 31.10 -20.44
N VAL G 19 74.76 30.89 -21.71
CA VAL G 19 73.92 31.05 -22.89
C VAL G 19 72.44 31.27 -22.57
N THR G 20 71.83 32.24 -23.25
CA THR G 20 70.38 32.28 -23.45
C THR G 20 70.14 32.82 -24.85
N ILE G 21 69.58 31.99 -25.73
CA ILE G 21 69.33 32.33 -27.11
C ILE G 21 67.82 32.46 -27.30
N THR G 22 67.39 33.53 -27.96
CA THR G 22 65.98 33.84 -28.15
C THR G 22 65.57 33.55 -29.59
N CYS G 23 64.26 33.71 -29.87
CA CYS G 23 63.69 33.32 -31.15
C CYS G 23 62.26 33.85 -31.33
N LYS G 24 62.11 35.14 -31.63
CA LYS G 24 60.77 35.69 -31.84
C LYS G 24 60.21 35.25 -33.18
N ALA G 25 58.91 34.95 -33.20
CA ALA G 25 58.22 34.46 -34.39
C ALA G 25 57.35 35.55 -34.99
N SER G 26 57.03 35.38 -36.28
CA SER G 26 56.21 36.35 -37.01
C SER G 26 54.81 36.46 -36.41
N GLN G 27 53.91 35.54 -36.78
CA GLN G 27 52.63 35.43 -36.11
C GLN G 27 52.79 34.50 -34.90
N ASP G 28 51.68 34.09 -34.30
CA ASP G 28 51.74 33.19 -33.14
C ASP G 28 51.77 31.74 -33.60
N VAL G 29 52.49 30.92 -32.85
CA VAL G 29 52.92 29.60 -33.30
C VAL G 29 53.03 28.72 -32.05
N ARG G 30 52.04 28.89 -31.17
CA ARG G 30 51.90 28.25 -29.86
C ARG G 30 53.16 27.57 -29.34
N ASN G 31 53.25 26.24 -29.48
CA ASN G 31 54.22 25.50 -28.70
C ASN G 31 55.02 24.44 -29.44
N THR G 32 54.76 24.17 -30.72
CA THR G 32 55.49 23.10 -31.40
C THR G 32 56.67 23.68 -32.18
N VAL G 33 57.64 24.20 -31.42
CA VAL G 33 58.93 24.62 -31.95
C VAL G 33 59.99 23.67 -31.41
N ALA G 34 61.09 23.56 -32.15
CA ALA G 34 62.16 22.64 -31.78
C ALA G 34 63.50 23.34 -31.91
N TRP G 35 64.51 22.70 -31.32
CA TRP G 35 65.87 23.23 -31.27
C TRP G 35 66.84 22.15 -31.70
N TYR G 36 67.75 22.50 -32.62
CA TYR G 36 68.70 21.53 -33.14
C TYR G 36 70.13 21.98 -32.84
N GLN G 37 71.03 21.00 -32.84
CA GLN G 37 72.47 21.21 -32.73
C GLN G 37 73.14 20.78 -34.03
N GLN G 38 73.97 21.63 -34.60
CA GLN G 38 74.78 21.17 -35.72
C GLN G 38 76.26 21.25 -35.37
N LYS G 39 77.06 20.64 -36.23
CA LYS G 39 78.40 20.18 -35.87
C LYS G 39 79.22 20.10 -37.16
N PRO G 40 80.54 19.95 -37.05
CA PRO G 40 81.36 19.77 -38.26
C PRO G 40 80.91 18.61 -39.13
N GLY G 41 80.67 18.90 -40.41
CA GLY G 41 80.35 17.90 -41.41
C GLY G 41 79.26 16.92 -41.02
N LYS G 42 78.41 17.32 -40.09
CA LYS G 42 77.40 16.48 -39.49
C LYS G 42 76.02 17.00 -39.89
N ALA G 43 74.98 16.53 -39.20
CA ALA G 43 73.61 16.94 -39.39
C ALA G 43 73.11 17.60 -38.10
N PRO G 44 72.05 18.38 -38.17
CA PRO G 44 71.45 18.90 -36.94
C PRO G 44 70.84 17.79 -36.09
N LYS G 45 70.95 17.96 -34.77
CA LYS G 45 70.52 16.97 -33.79
C LYS G 45 69.42 17.56 -32.93
N LEU G 46 68.28 16.87 -32.84
CA LEU G 46 67.15 17.39 -32.10
C LEU G 46 67.46 17.45 -30.61
N LEU G 47 67.29 18.63 -30.01
CA LEU G 47 67.54 18.88 -28.61
C LEU G 47 66.26 19.10 -27.81
N ILE G 48 65.38 19.97 -28.30
CA ILE G 48 64.15 20.35 -27.62
C ILE G 48 63.02 20.17 -28.61
N TYR G 49 61.91 19.58 -28.17
CA TYR G 49 60.72 19.46 -28.99
C TYR G 49 59.52 19.96 -28.20
N SER G 50 58.56 20.54 -28.93
CA SER G 50 57.38 21.15 -28.35
C SER G 50 57.75 22.13 -27.23
N SER G 51 58.56 23.12 -27.61
CA SER G 51 58.89 24.28 -26.79
C SER G 51 59.75 23.96 -25.58
N SER G 52 59.35 22.98 -24.76
CA SER G 52 59.95 22.79 -23.45
C SER G 52 60.46 21.38 -23.15
N TYR G 53 60.32 20.42 -24.07
CA TYR G 53 60.68 19.04 -23.80
C TYR G 53 62.06 18.73 -24.38
N ARG G 54 62.94 18.16 -23.56
CA ARG G 54 64.27 17.76 -24.00
C ARG G 54 64.27 16.31 -24.46
N ASN G 55 65.04 16.03 -25.51
CA ASN G 55 64.97 14.82 -26.32
C ASN G 55 66.10 13.86 -25.89
N THR G 56 66.21 12.72 -26.59
CA THR G 56 67.27 11.70 -26.48
C THR G 56 68.53 12.12 -25.72
N GLY G 57 68.79 11.47 -24.58
CA GLY G 57 70.07 11.59 -23.89
C GLY G 57 70.64 12.97 -23.67
N VAL G 58 69.86 14.01 -23.97
CA VAL G 58 70.34 15.39 -23.76
C VAL G 58 70.61 15.61 -22.28
N PRO G 59 71.73 16.20 -21.90
CA PRO G 59 71.96 16.47 -20.48
C PRO G 59 71.06 17.60 -19.99
N ASP G 60 70.82 17.59 -18.67
CA ASP G 60 69.84 18.48 -18.05
C ASP G 60 70.07 19.94 -18.39
N ARG G 61 71.28 20.31 -18.81
CA ARG G 61 71.68 21.71 -18.86
C ARG G 61 70.85 22.51 -19.86
N PHE G 62 70.64 21.96 -21.05
CA PHE G 62 69.79 22.60 -22.04
C PHE G 62 68.34 22.55 -21.59
N SER G 63 67.62 23.65 -21.81
CA SER G 63 66.22 23.70 -21.41
C SER G 63 65.55 24.84 -22.15
N GLY G 64 64.62 24.50 -23.03
CA GLY G 64 63.85 25.51 -23.72
C GLY G 64 62.58 25.88 -22.98
N SER G 65 62.12 27.10 -23.25
CA SER G 65 60.89 27.59 -22.65
C SER G 65 60.31 28.65 -23.57
N GLY G 66 59.17 29.20 -23.16
CA GLY G 66 58.48 30.20 -23.96
C GLY G 66 57.36 29.58 -24.76
N SER G 67 56.45 30.45 -25.21
CA SER G 67 55.33 30.05 -26.05
C SER G 67 54.76 31.29 -26.69
N GLY G 68 53.97 31.09 -27.73
CA GLY G 68 53.37 32.20 -28.44
C GLY G 68 54.24 32.74 -29.55
N THR G 69 54.92 33.84 -29.29
CA THR G 69 55.86 34.42 -30.24
C THR G 69 57.30 34.34 -29.78
N ASP G 70 57.56 34.56 -28.49
CA ASP G 70 58.90 34.54 -27.94
C ASP G 70 59.25 33.16 -27.40
N PHE G 71 60.45 32.68 -27.74
CA PHE G 71 60.96 31.40 -27.29
C PHE G 71 62.43 31.57 -26.91
N THR G 72 62.92 30.70 -26.02
CA THR G 72 64.28 30.82 -25.51
C THR G 72 64.92 29.45 -25.30
N LEU G 73 66.19 29.33 -25.66
CA LEU G 73 67.04 28.19 -25.34
C LEU G 73 68.08 28.63 -24.31
N THR G 74 68.47 27.70 -23.43
CA THR G 74 69.29 28.04 -22.29
C THR G 74 70.22 26.88 -21.97
N ILE G 75 71.45 27.19 -21.58
CA ILE G 75 72.43 26.16 -21.23
C ILE G 75 72.83 26.45 -19.79
N SER G 76 72.38 25.60 -18.86
CA SER G 76 72.61 25.82 -17.43
C SER G 76 74.06 26.16 -17.09
N SER G 77 74.98 25.27 -17.46
CA SER G 77 76.42 25.46 -17.23
C SER G 77 77.12 25.18 -18.55
N LEU G 78 77.41 26.22 -19.32
CA LEU G 78 78.04 26.03 -20.62
C LEU G 78 79.45 25.49 -20.47
N GLN G 79 79.66 24.21 -20.77
CA GLN G 79 81.01 23.70 -20.81
C GLN G 79 81.54 23.78 -22.24
N ALA G 80 82.71 23.18 -22.48
CA ALA G 80 83.41 23.40 -23.74
C ALA G 80 82.75 22.66 -24.91
N GLU G 81 82.23 21.46 -24.65
CA GLU G 81 81.81 20.55 -25.71
C GLU G 81 80.62 21.02 -26.54
N ASP G 82 80.01 22.13 -26.15
CA ASP G 82 78.79 22.61 -26.80
C ASP G 82 79.04 23.45 -28.05
N VAL G 83 80.28 23.47 -28.55
CA VAL G 83 80.62 24.14 -29.80
C VAL G 83 79.66 23.69 -30.90
N ALA G 84 78.85 24.60 -31.43
CA ALA G 84 77.79 24.21 -32.36
C ALA G 84 77.20 25.46 -33.02
N VAL G 85 76.22 25.22 -33.88
CA VAL G 85 75.38 26.26 -34.48
C VAL G 85 73.94 25.84 -34.22
N TYR G 86 73.24 26.59 -33.36
CA TYR G 86 71.91 26.21 -32.90
C TYR G 86 70.86 26.90 -33.76
N TYR G 87 69.94 26.12 -34.32
CA TYR G 87 68.90 26.62 -35.20
C TYR G 87 67.52 26.49 -34.54
N CYS G 88 66.62 27.37 -34.94
CA CYS G 88 65.20 27.25 -34.60
C CYS G 88 64.46 26.55 -35.72
N GLN G 89 63.27 26.07 -35.39
CA GLN G 89 62.30 25.70 -36.42
C GLN G 89 60.91 25.66 -35.80
N GLN G 90 59.96 26.31 -36.44
CA GLN G 90 58.54 26.09 -36.15
C GLN G 90 58.09 24.77 -36.78
N HIS G 91 56.94 24.28 -36.31
CA HIS G 91 56.28 23.14 -36.94
C HIS G 91 54.77 23.33 -36.86
N TYR G 92 54.29 24.52 -37.20
CA TYR G 92 52.87 24.76 -37.18
C TYR G 92 52.28 24.83 -38.59
N ILE G 93 52.46 25.97 -39.24
CA ILE G 93 51.77 26.29 -40.48
C ILE G 93 52.80 26.28 -41.61
N THR G 94 52.41 25.74 -42.76
CA THR G 94 53.30 25.63 -43.90
C THR G 94 53.47 27.00 -44.56
N PRO G 95 54.71 27.33 -44.98
CA PRO G 95 55.94 26.55 -44.82
C PRO G 95 56.63 26.66 -43.46
N TYR G 96 57.22 25.55 -43.01
CA TYR G 96 57.85 25.52 -41.69
C TYR G 96 59.21 26.17 -41.80
N THR G 97 59.37 27.32 -41.20
CA THR G 97 60.65 27.95 -41.39
C THR G 97 61.66 27.50 -40.36
N PHE G 98 62.91 27.79 -40.66
CA PHE G 98 64.00 27.68 -39.72
C PHE G 98 64.35 29.07 -39.18
N GLY G 99 65.29 29.10 -38.25
CA GLY G 99 65.87 30.34 -37.78
C GLY G 99 67.22 30.55 -38.42
N GLY G 100 67.75 31.76 -38.21
CA GLY G 100 69.02 32.10 -38.81
C GLY G 100 70.17 31.26 -38.29
N GLY G 101 70.16 30.96 -37.00
CA GLY G 101 71.22 30.20 -36.38
C GLY G 101 71.98 31.03 -35.37
N THR G 102 72.91 30.36 -34.69
CA THR G 102 73.61 31.01 -33.59
C THR G 102 74.92 30.28 -33.36
N LYS G 103 76.02 30.97 -33.70
CA LYS G 103 77.36 30.39 -33.65
C LYS G 103 77.95 30.58 -32.26
N VAL G 104 78.23 29.46 -31.59
CA VAL G 104 78.74 29.49 -30.23
C VAL G 104 80.25 29.33 -30.26
N GLU G 105 80.94 30.11 -29.44
CA GLU G 105 82.38 29.96 -29.26
C GLU G 105 82.71 30.18 -27.78
N ILE G 106 83.98 29.99 -27.43
CA ILE G 106 84.40 30.03 -26.02
C ILE G 106 85.81 30.61 -25.88
N GLN H 1 68.44 -1.19 -36.35
CA GLN H 1 68.20 0.09 -35.69
C GLN H 1 67.60 1.08 -36.68
N VAL H 2 67.42 2.32 -36.23
CA VAL H 2 66.72 3.35 -36.99
C VAL H 2 67.75 4.26 -37.64
N GLN H 3 67.57 4.53 -38.94
CA GLN H 3 68.59 5.11 -39.78
C GLN H 3 67.94 5.88 -40.91
N LEU H 4 68.70 6.78 -41.51
CA LEU H 4 68.39 7.39 -42.81
C LEU H 4 69.70 7.77 -43.48
N GLN H 5 69.68 7.85 -44.82
CA GLN H 5 70.88 8.10 -45.60
C GLN H 5 70.59 8.44 -47.06
N GLU H 6 71.20 9.52 -47.56
CA GLU H 6 70.86 10.11 -48.85
C GLU H 6 71.89 9.70 -49.90
N SER H 7 71.42 9.07 -50.98
CA SER H 7 72.29 8.65 -52.07
C SER H 7 71.88 9.33 -53.37
N GLY H 8 72.85 9.56 -54.25
CA GLY H 8 72.57 10.09 -55.57
C GLY H 8 73.66 10.99 -56.12
N PRO H 9 73.43 11.55 -57.32
CA PRO H 9 74.45 12.38 -57.96
C PRO H 9 74.44 13.85 -57.52
N GLY H 10 75.52 14.30 -56.87
CA GLY H 10 75.77 15.72 -56.77
C GLY H 10 76.56 16.16 -57.98
N LEU H 11 75.97 16.01 -59.17
CA LEU H 11 76.69 15.98 -60.44
C LEU H 11 75.94 16.74 -61.54
N VAL H 12 75.57 18.00 -61.28
CA VAL H 12 74.45 18.61 -62.00
C VAL H 12 74.68 20.12 -62.15
N LYS H 13 74.49 20.68 -63.40
CA LYS H 13 74.76 22.08 -63.80
C LYS H 13 73.72 22.71 -64.75
N PRO H 14 73.07 23.87 -64.36
CA PRO H 14 71.85 24.39 -65.02
C PRO H 14 70.84 23.53 -65.79
N SER H 15 69.60 23.55 -65.30
CA SER H 15 68.37 23.17 -66.04
C SER H 15 68.30 21.66 -66.33
N GLU H 16 68.22 20.86 -65.25
CA GLU H 16 68.44 19.41 -65.34
C GLU H 16 67.56 18.56 -64.42
N THR H 17 68.19 17.77 -63.51
CA THR H 17 67.51 16.88 -62.56
C THR H 17 68.48 16.18 -61.59
N LEU H 18 68.30 16.28 -60.26
CA LEU H 18 69.07 15.50 -59.28
C LEU H 18 68.20 14.36 -58.75
N SER H 19 68.82 13.24 -58.38
CA SER H 19 68.10 12.08 -57.85
C SER H 19 68.70 11.71 -56.51
N LEU H 20 67.89 11.80 -55.46
CA LEU H 20 68.33 11.50 -54.10
C LEU H 20 67.42 10.42 -53.51
N THR H 21 67.92 9.18 -53.51
CA THR H 21 67.16 8.02 -53.06
C THR H 21 67.52 7.73 -51.60
N CYS H 22 66.68 8.17 -50.67
CA CYS H 22 66.92 8.00 -49.23
C CYS H 22 66.37 6.66 -48.75
N THR H 23 67.24 5.68 -48.56
CA THR H 23 66.80 4.38 -48.03
C THR H 23 66.78 4.45 -46.50
N VAL H 24 65.60 4.69 -45.93
CA VAL H 24 65.42 4.80 -44.48
C VAL H 24 65.38 3.40 -43.86
N SER H 25 65.35 3.33 -42.53
CA SER H 25 65.28 2.03 -41.87
C SER H 25 64.93 2.23 -40.40
N GLY H 26 64.48 1.14 -39.77
CA GLY H 26 64.06 1.17 -38.39
C GLY H 26 62.63 1.59 -38.15
N PHE H 27 61.99 2.27 -39.10
CA PHE H 27 60.63 2.75 -38.95
C PHE H 27 59.85 2.43 -40.22
N SER H 28 58.54 2.68 -40.16
CA SER H 28 57.64 2.44 -41.28
C SER H 28 57.17 3.75 -41.89
N LEU H 29 57.07 3.78 -43.21
CA LEU H 29 56.70 4.96 -43.97
C LEU H 29 55.23 5.32 -43.85
N LEU H 30 54.45 4.47 -43.19
CA LEU H 30 53.02 4.68 -42.99
C LEU H 30 52.70 5.28 -41.64
N SER H 31 53.70 5.39 -40.75
CA SER H 31 53.51 5.92 -39.42
C SER H 31 54.34 7.16 -39.13
N TYR H 32 55.40 7.42 -39.90
CA TYR H 32 56.25 8.58 -39.71
C TYR H 32 56.39 9.32 -41.04
N GLY H 33 56.34 10.66 -40.99
CA GLY H 33 56.55 11.45 -42.16
C GLY H 33 58.03 11.77 -42.39
N VAL H 34 58.37 12.07 -43.64
CA VAL H 34 59.75 12.31 -44.05
C VAL H 34 59.87 13.76 -44.53
N HIS H 35 60.91 14.44 -44.07
CA HIS H 35 61.30 15.76 -44.55
C HIS H 35 62.71 15.68 -45.11
N TRP H 36 63.12 16.73 -45.81
CA TRP H 36 64.51 16.91 -46.21
C TRP H 36 65.05 18.16 -45.50
N VAL H 37 66.09 18.80 -46.03
CA VAL H 37 66.44 20.20 -45.72
C VAL H 37 67.73 20.58 -46.42
N ARG H 38 67.83 21.83 -46.87
CA ARG H 38 69.00 22.32 -47.56
C ARG H 38 69.82 23.26 -46.67
N GLN H 39 71.13 23.21 -46.85
CA GLN H 39 72.04 24.06 -46.11
C GLN H 39 73.33 24.29 -46.90
N PRO H 40 73.44 25.38 -47.64
CA PRO H 40 74.70 25.69 -48.34
C PRO H 40 75.85 25.79 -47.36
N PRO H 41 77.09 25.56 -47.81
CA PRO H 41 78.23 25.55 -46.87
C PRO H 41 78.37 26.89 -46.15
N GLY H 42 78.21 26.83 -44.83
CA GLY H 42 78.34 28.00 -43.98
C GLY H 42 77.05 28.74 -43.70
N LYS H 43 76.02 28.57 -44.54
CA LYS H 43 74.74 29.25 -44.36
C LYS H 43 73.80 28.41 -43.49
N GLY H 44 72.58 28.92 -43.29
CA GLY H 44 71.61 28.24 -42.45
C GLY H 44 70.71 27.29 -43.22
N LEU H 45 69.91 26.53 -42.47
CA LEU H 45 69.01 25.54 -43.04
C LEU H 45 67.81 26.22 -43.68
N GLU H 46 67.18 25.50 -44.62
CA GLU H 46 66.03 26.03 -45.36
C GLU H 46 65.06 24.90 -45.69
N TRP H 47 63.77 25.16 -45.48
CA TRP H 47 62.72 24.15 -45.57
C TRP H 47 62.22 23.99 -47.01
N LEU H 48 61.34 22.99 -47.23
CA LEU H 48 61.26 22.23 -48.48
C LEU H 48 59.86 21.92 -48.96
N GLY H 49 59.04 21.44 -48.05
CA GLY H 49 57.92 20.58 -48.33
C GLY H 49 57.97 19.34 -47.45
N VAL H 50 57.15 18.36 -47.81
CA VAL H 50 57.02 17.10 -47.09
C VAL H 50 55.88 16.32 -47.73
N ILE H 51 56.00 14.99 -47.78
CA ILE H 51 54.87 14.12 -48.11
C ILE H 51 54.55 13.33 -46.86
N TRP H 52 53.35 13.53 -46.33
CA TRP H 52 52.99 12.92 -45.07
C TRP H 52 52.69 11.44 -45.27
N THR H 53 52.42 10.74 -44.16
CA THR H 53 52.29 9.29 -44.18
C THR H 53 51.27 8.81 -45.21
N GLY H 54 50.26 9.63 -45.50
CA GLY H 54 49.21 9.23 -46.41
C GLY H 54 49.37 9.67 -47.84
N GLY H 55 50.61 9.92 -48.28
CA GLY H 55 50.90 10.25 -49.66
C GLY H 55 50.59 11.67 -50.08
N THR H 56 49.88 12.44 -49.27
CA THR H 56 49.64 13.85 -49.51
C THR H 56 50.95 14.60 -49.77
N THR H 57 50.83 15.88 -50.15
CA THR H 57 52.01 16.69 -50.39
C THR H 57 51.74 18.16 -50.08
N ASN H 58 52.75 18.82 -49.50
CA ASN H 58 52.75 20.25 -49.19
C ASN H 58 54.14 20.78 -49.51
N TYR H 59 54.22 21.93 -50.16
CA TYR H 59 55.51 22.45 -50.61
C TYR H 59 55.74 23.87 -50.11
N ASN H 60 56.99 24.30 -50.29
CA ASN H 60 57.42 25.67 -50.09
C ASN H 60 57.12 26.49 -51.35
N SER H 61 56.88 27.79 -51.16
CA SER H 61 56.76 28.71 -52.29
C SER H 61 57.94 29.67 -52.38
N ALA H 62 58.90 29.60 -51.44
CA ALA H 62 60.21 30.18 -51.71
C ALA H 62 60.86 29.49 -52.90
N LEU H 63 60.39 28.30 -53.26
CA LEU H 63 60.80 27.60 -54.46
C LEU H 63 59.67 27.67 -55.49
N MET H 64 60.05 27.73 -56.76
CA MET H 64 59.21 28.25 -57.84
C MET H 64 58.22 27.23 -58.44
N SER H 65 57.50 26.48 -57.58
CA SER H 65 56.63 25.35 -57.98
C SER H 65 57.45 24.24 -58.63
N ARG H 66 58.69 24.11 -58.17
CA ARG H 66 59.60 23.14 -58.74
C ARG H 66 59.28 21.74 -58.23
N PHE H 67 59.17 21.57 -56.92
CA PHE H 67 59.34 20.25 -56.31
C PHE H 67 58.18 19.31 -56.60
N THR H 68 58.52 18.03 -56.83
CA THR H 68 57.62 16.91 -56.66
C THR H 68 58.35 15.87 -55.81
N ILE H 69 57.73 15.47 -54.71
CA ILE H 69 58.26 14.41 -53.86
C ILE H 69 57.23 13.31 -53.79
N SER H 70 57.71 12.07 -53.70
CA SER H 70 56.96 10.91 -53.24
C SER H 70 57.99 9.97 -52.58
N LYS H 71 57.64 8.69 -52.51
CA LYS H 71 58.16 7.65 -51.64
C LYS H 71 57.18 6.48 -51.79
N ASP H 72 57.65 5.24 -51.53
CA ASP H 72 56.90 3.98 -51.59
C ASP H 72 57.40 2.93 -50.59
N ASP H 73 56.49 2.33 -49.84
CA ASP H 73 56.76 1.84 -48.49
C ASP H 73 57.15 0.37 -48.38
N SER H 74 57.28 -0.39 -49.48
CA SER H 74 57.92 -1.70 -49.36
C SER H 74 59.44 -1.60 -49.41
N LYS H 75 59.98 -0.43 -49.78
CA LYS H 75 61.39 -0.20 -50.14
C LYS H 75 62.21 0.43 -49.02
N ASN H 76 61.58 1.28 -48.20
CA ASN H 76 62.24 2.14 -47.21
C ASN H 76 63.07 3.29 -47.84
N THR H 77 62.61 3.91 -48.90
CA THR H 77 63.47 4.69 -49.80
C THR H 77 62.86 5.98 -50.37
N VAL H 78 62.94 7.13 -49.71
CA VAL H 78 62.26 8.36 -50.16
C VAL H 78 63.13 9.09 -51.21
N TYR H 79 62.45 9.62 -52.27
CA TYR H 79 63.04 10.10 -53.52
C TYR H 79 62.84 11.59 -53.74
N LEU H 80 63.64 12.12 -54.68
CA LEU H 80 63.58 13.48 -55.21
C LEU H 80 64.09 13.49 -56.64
N LYS H 81 63.38 14.17 -57.55
CA LYS H 81 63.87 14.40 -58.92
C LYS H 81 63.07 15.54 -59.55
N MET H 82 63.67 16.24 -60.53
CA MET H 82 63.47 17.68 -60.66
C MET H 82 63.11 18.25 -62.02
N ASN H 83 62.62 19.47 -61.87
CA ASN H 83 62.23 20.41 -62.89
C ASN H 83 63.16 21.62 -62.82
N SER H 84 63.47 22.21 -63.98
CA SER H 84 64.18 23.49 -64.13
C SER H 84 65.16 23.82 -63.01
N LEU H 85 66.42 23.41 -63.14
CA LEU H 85 67.39 23.68 -62.09
C LEU H 85 68.08 25.02 -62.30
N LYS H 86 68.91 25.38 -61.33
CA LYS H 86 69.63 26.63 -61.39
C LYS H 86 70.98 26.44 -60.67
N THR H 87 71.56 27.49 -60.11
CA THR H 87 72.89 27.49 -59.52
C THR H 87 72.89 27.62 -58.00
N GLU H 88 72.02 28.48 -57.45
CA GLU H 88 71.94 28.66 -56.00
C GLU H 88 71.60 27.35 -55.29
N ASP H 89 70.96 26.42 -55.98
CA ASP H 89 70.56 25.13 -55.42
C ASP H 89 71.75 24.23 -55.08
N THR H 90 72.99 24.70 -55.24
CA THR H 90 74.16 24.00 -54.73
C THR H 90 74.08 23.98 -53.21
N ALA H 91 73.91 22.80 -52.62
CA ALA H 91 73.73 22.73 -51.17
C ALA H 91 73.92 21.29 -50.71
N ILE H 92 73.83 21.12 -49.39
CA ILE H 92 73.92 19.81 -48.73
C ILE H 92 72.51 19.41 -48.31
N TYR H 93 71.93 18.47 -49.04
CA TYR H 93 70.56 18.03 -48.75
C TYR H 93 70.55 17.02 -47.62
N TYR H 94 69.37 16.84 -47.03
CA TYR H 94 69.19 15.98 -45.87
C TYR H 94 67.92 15.16 -46.04
N CYS H 95 67.83 14.08 -45.28
CA CYS H 95 66.58 13.37 -45.04
C CYS H 95 66.38 13.30 -43.54
N ALA H 96 65.15 13.57 -43.09
CA ALA H 96 64.85 13.61 -41.67
C ALA H 96 63.46 13.08 -41.40
N ARG H 97 63.33 12.32 -40.32
CA ARG H 97 62.05 11.80 -39.87
C ARG H 97 61.44 12.75 -38.85
N TYR H 98 60.17 13.08 -39.04
CA TYR H 98 59.53 14.17 -38.32
C TYR H 98 58.35 13.67 -37.50
N TYR H 99 58.48 13.73 -36.17
CA TYR H 99 57.41 13.41 -35.22
C TYR H 99 57.55 14.39 -34.06
N TYR H 100 56.89 15.54 -34.16
CA TYR H 100 57.03 16.64 -33.21
C TYR H 100 58.51 17.05 -33.08
N GLY H 101 58.99 17.67 -34.15
CA GLY H 101 60.40 17.91 -34.35
C GLY H 101 61.03 16.87 -35.26
N MET H 102 62.25 17.17 -35.70
CA MET H 102 62.96 16.31 -36.63
C MET H 102 63.87 15.37 -35.84
N ASP H 103 63.54 14.09 -35.88
CA ASP H 103 64.08 13.06 -34.99
C ASP H 103 65.44 12.57 -35.46
N TYR H 104 65.44 11.61 -36.38
CA TYR H 104 66.67 11.08 -36.95
C TYR H 104 66.98 11.74 -38.28
N TRP H 105 68.26 12.02 -38.51
CA TRP H 105 68.75 12.67 -39.71
C TRP H 105 69.60 11.68 -40.52
N GLY H 106 70.18 12.19 -41.61
CA GLY H 106 71.02 11.38 -42.47
C GLY H 106 72.50 11.60 -42.20
N ASP I 4 22.50 20.85 -52.88
CA ASP I 4 22.29 19.60 -52.17
C ASP I 4 22.81 18.41 -52.96
N ARG I 5 22.87 18.55 -54.30
CA ARG I 5 23.18 17.40 -55.14
C ARG I 5 24.57 16.85 -54.85
N GLN I 6 25.56 17.73 -54.68
CA GLN I 6 26.82 17.34 -54.06
C GLN I 6 27.23 18.37 -53.01
N LEU I 7 26.36 18.52 -52.00
CA LEU I 7 26.83 18.50 -50.62
C LEU I 7 27.08 17.06 -50.19
N ALA I 8 27.18 16.17 -51.20
CA ALA I 8 27.15 14.73 -51.03
C ALA I 8 28.23 13.97 -51.78
N GLU I 9 29.07 14.64 -52.59
CA GLU I 9 30.21 13.98 -53.23
C GLU I 9 31.55 14.34 -52.62
N GLU I 10 31.69 15.56 -52.07
CA GLU I 10 32.78 15.83 -51.13
C GLU I 10 32.72 14.87 -49.96
N TYR I 11 31.51 14.54 -49.50
CA TYR I 11 31.32 13.48 -48.53
C TYR I 11 31.82 12.17 -49.12
N LEU I 12 31.18 11.70 -50.18
CA LEU I 12 31.22 10.27 -50.50
C LEU I 12 32.63 9.78 -50.81
N TYR I 13 33.46 10.57 -51.49
CA TYR I 13 34.83 10.13 -51.72
C TYR I 13 35.74 10.40 -50.53
N ARG I 14 35.41 11.40 -49.71
CA ARG I 14 36.23 11.79 -48.57
C ARG I 14 36.53 10.62 -47.65
N TYR I 15 35.52 10.14 -46.91
CA TYR I 15 35.69 8.90 -46.14
C TYR I 15 35.82 7.71 -47.08
N GLY I 16 35.23 7.79 -48.27
CA GLY I 16 35.63 6.88 -49.32
C GLY I 16 34.76 5.68 -49.63
N TYR I 17 33.56 5.92 -50.16
CA TYR I 17 32.82 4.82 -50.78
C TYR I 17 33.30 4.57 -52.21
N THR I 18 33.41 5.63 -53.02
CA THR I 18 33.76 5.52 -54.44
C THR I 18 35.01 4.73 -54.79
N ARG I 19 35.05 3.43 -54.53
CA ARG I 19 36.16 2.63 -55.03
C ARG I 19 35.69 1.24 -55.42
N GLY I 31 24.50 7.92 -56.80
CA GLY I 31 23.92 6.80 -57.52
C GLY I 31 23.90 5.52 -56.69
N PRO I 32 24.46 4.44 -57.23
CA PRO I 32 24.56 3.20 -56.46
C PRO I 32 25.61 3.26 -55.36
N ALA I 33 26.57 4.19 -55.46
CA ALA I 33 27.55 4.42 -54.40
C ALA I 33 26.95 5.13 -53.19
N LEU I 34 25.77 5.74 -53.34
CA LEU I 34 25.05 6.28 -52.20
C LEU I 34 24.30 5.20 -51.44
N LEU I 35 24.13 4.02 -52.03
CA LEU I 35 23.62 2.87 -51.27
C LEU I 35 24.69 2.31 -50.34
N LEU I 36 25.95 2.65 -50.57
CA LEU I 36 27.03 2.35 -49.65
C LEU I 36 27.09 3.32 -48.48
N LEU I 37 26.24 4.34 -48.47
CA LEU I 37 26.07 5.20 -47.31
C LEU I 37 25.00 4.69 -46.36
N GLN I 38 23.96 4.07 -46.89
CA GLN I 38 22.82 3.67 -46.09
C GLN I 38 22.96 2.27 -45.51
N LYS I 39 23.86 1.47 -46.08
CA LYS I 39 24.20 0.17 -45.50
C LYS I 39 24.85 0.35 -44.13
N GLN I 40 25.85 1.23 -44.05
CA GLN I 40 26.69 1.42 -42.89
C GLN I 40 26.27 2.64 -42.07
N LEU I 41 25.21 3.35 -42.47
CA LEU I 41 24.66 4.40 -41.63
C LEU I 41 23.34 4.01 -40.99
N SER I 42 22.82 2.81 -41.28
CA SER I 42 21.46 2.41 -40.89
C SER I 42 20.44 3.46 -41.38
N LEU I 43 20.35 3.60 -42.70
CA LEU I 43 19.55 4.66 -43.31
C LEU I 43 18.50 4.10 -44.25
N PRO I 44 17.52 4.88 -44.73
CA PRO I 44 16.59 4.30 -45.70
C PRO I 44 17.31 4.01 -47.00
N GLU I 45 17.37 2.71 -47.36
CA GLU I 45 18.06 2.29 -48.57
C GLU I 45 17.21 2.62 -49.79
N THR I 46 17.71 3.50 -50.64
CA THR I 46 16.84 4.17 -51.60
C THR I 46 17.40 4.30 -53.02
N GLY I 47 18.67 4.63 -53.16
CA GLY I 47 19.17 5.06 -54.46
C GLY I 47 19.14 6.56 -54.67
N GLU I 48 17.97 7.18 -54.45
CA GLU I 48 17.84 8.63 -54.45
C GLU I 48 18.65 9.18 -53.29
N LEU I 49 18.65 10.51 -53.09
CA LEU I 49 19.19 11.07 -51.84
C LEU I 49 18.08 11.97 -51.26
N ASP I 50 17.17 11.31 -50.54
CA ASP I 50 16.04 11.91 -49.85
C ASP I 50 16.47 12.82 -48.72
N SER I 51 15.51 13.40 -47.99
CA SER I 51 15.87 14.32 -46.92
C SER I 51 16.61 13.64 -45.78
N ALA I 52 16.37 12.35 -45.55
CA ALA I 52 17.01 11.65 -44.44
C ALA I 52 18.51 11.47 -44.68
N THR I 53 18.96 11.41 -45.93
CA THR I 53 20.36 11.13 -46.21
C THR I 53 21.22 12.38 -46.18
N LEU I 54 20.64 13.57 -46.37
CA LEU I 54 21.40 14.81 -46.25
C LEU I 54 21.14 15.54 -44.94
N LYS I 55 20.20 15.10 -44.12
CA LYS I 55 20.29 15.48 -42.71
C LYS I 55 21.32 14.64 -41.98
N ALA I 56 21.57 13.43 -42.46
CA ALA I 56 22.60 12.56 -41.92
C ALA I 56 23.96 12.79 -42.58
N MET I 57 24.20 14.00 -43.08
CA MET I 57 25.39 14.23 -43.90
C MET I 57 26.03 15.59 -43.64
N ARG I 58 25.20 16.64 -43.48
CA ARG I 58 25.66 17.84 -42.79
C ARG I 58 25.57 17.67 -41.27
N THR I 59 25.60 16.43 -40.79
CA THR I 59 25.63 16.14 -39.37
C THR I 59 27.07 16.03 -38.90
N PRO I 60 27.51 16.80 -37.90
CA PRO I 60 28.91 16.71 -37.46
C PRO I 60 29.28 15.30 -37.05
N ARG I 61 30.50 14.91 -37.36
CA ARG I 61 30.89 13.52 -37.18
C ARG I 61 32.41 13.42 -37.02
N CYS I 62 32.90 12.19 -37.06
CA CYS I 62 34.31 11.86 -36.94
C CYS I 62 34.98 11.95 -38.31
N GLY I 63 36.30 12.00 -38.30
CA GLY I 63 37.05 12.15 -39.52
C GLY I 63 37.43 10.83 -40.18
N VAL I 64 37.78 9.85 -39.35
CA VAL I 64 38.25 8.56 -39.88
C VAL I 64 37.15 7.95 -40.74
N PRO I 65 37.47 7.30 -41.86
CA PRO I 65 36.43 6.76 -42.72
C PRO I 65 35.80 5.51 -42.12
N ASP I 66 34.73 5.07 -42.78
CA ASP I 66 34.12 3.79 -42.45
C ASP I 66 34.67 2.65 -43.31
N LEU I 67 35.36 2.97 -44.40
CA LEU I 67 35.59 2.07 -45.53
C LEU I 67 37.06 1.70 -45.56
N GLY I 68 37.45 0.75 -44.74
CA GLY I 68 38.87 0.50 -44.60
C GLY I 68 39.55 1.77 -44.12
N ARG I 69 40.58 2.20 -44.83
CA ARG I 69 41.55 3.11 -44.23
C ARG I 69 41.63 4.46 -44.92
N PHE I 70 42.20 5.40 -44.17
CA PHE I 70 42.77 6.63 -44.71
C PHE I 70 43.94 6.36 -45.65
N GLN I 71 44.61 5.22 -45.46
CA GLN I 71 45.85 4.93 -46.15
C GLN I 71 46.17 3.44 -46.02
N THR I 72 47.41 3.12 -45.68
CA THR I 72 47.80 1.79 -45.25
C THR I 72 48.61 1.96 -43.96
N PHE I 73 48.40 1.07 -43.00
CA PHE I 73 49.08 1.15 -41.71
C PHE I 73 49.91 -0.09 -41.45
N GLU I 74 50.86 0.04 -40.54
CA GLU I 74 51.87 -1.00 -40.29
C GLU I 74 51.51 -1.81 -39.05
N GLY I 75 51.29 -3.10 -39.24
CA GLY I 75 51.02 -4.01 -38.16
C GLY I 75 49.67 -4.70 -38.32
N ASP I 76 49.35 -5.52 -37.32
CA ASP I 76 48.03 -6.14 -37.26
C ASP I 76 46.97 -5.18 -36.73
N LEU I 77 47.37 -3.98 -36.29
CA LEU I 77 46.47 -2.90 -35.88
C LEU I 77 45.83 -3.20 -34.52
N LYS I 78 46.68 -3.55 -33.57
CA LYS I 78 46.28 -3.87 -32.22
C LYS I 78 47.51 -3.71 -31.34
N TRP I 79 47.30 -3.32 -30.09
CA TRP I 79 48.42 -3.20 -29.17
C TRP I 79 48.84 -4.58 -28.68
N HIS I 80 50.12 -4.70 -28.36
CA HIS I 80 50.68 -5.94 -27.84
C HIS I 80 51.22 -5.80 -26.44
N HIS I 81 51.06 -4.63 -25.83
CA HIS I 81 51.26 -4.45 -24.40
C HIS I 81 49.99 -3.83 -23.84
N HIS I 82 49.81 -3.97 -22.53
CA HIS I 82 48.57 -3.53 -21.88
C HIS I 82 48.76 -2.33 -20.96
N ASN I 83 49.98 -1.88 -20.74
CA ASN I 83 50.24 -0.62 -20.02
C ASN I 83 50.43 0.51 -21.02
N ILE I 84 49.33 0.83 -21.72
CA ILE I 84 49.34 1.88 -22.71
C ILE I 84 49.57 3.23 -22.03
N THR I 85 50.36 4.08 -22.68
CA THR I 85 50.69 5.40 -22.17
C THR I 85 50.14 6.46 -23.11
N TYR I 86 49.89 7.66 -22.59
CA TYR I 86 49.36 8.75 -23.41
C TYR I 86 49.93 10.08 -22.96
N TRP I 87 49.94 11.03 -23.91
CA TRP I 87 50.56 12.35 -23.75
C TRP I 87 49.61 13.40 -24.30
N ILE I 88 49.26 14.38 -23.48
CA ILE I 88 48.48 15.53 -23.93
C ILE I 88 49.45 16.60 -24.35
N GLN I 89 49.58 16.81 -25.67
CA GLN I 89 50.65 17.67 -26.18
C GLN I 89 50.30 19.14 -26.04
N ASN I 90 49.09 19.53 -26.46
CA ASN I 90 48.65 20.91 -26.38
C ASN I 90 47.18 20.93 -26.00
N TYR I 91 46.64 22.14 -25.88
CA TYR I 91 45.31 22.33 -25.31
C TYR I 91 44.52 23.32 -26.16
N SER I 92 43.20 23.26 -25.98
CA SER I 92 42.29 24.31 -26.44
C SER I 92 41.90 25.16 -25.24
N GLU I 93 41.80 26.47 -25.46
CA GLU I 93 41.54 27.40 -24.37
C GLU I 93 40.06 27.54 -24.07
N ASP I 94 39.21 26.66 -24.62
CA ASP I 94 37.79 26.71 -24.30
C ASP I 94 37.51 26.20 -22.89
N LEU I 95 38.39 25.37 -22.34
CA LEU I 95 38.18 24.73 -21.04
C LEU I 95 39.49 24.68 -20.30
N PRO I 96 39.47 24.81 -18.97
CA PRO I 96 40.68 24.73 -18.18
C PRO I 96 41.42 23.43 -18.42
N ARG I 97 42.73 23.46 -18.15
CA ARG I 97 43.58 22.32 -18.47
C ARG I 97 43.27 21.12 -17.59
N ALA I 98 42.80 21.35 -16.36
CA ALA I 98 42.41 20.24 -15.52
C ALA I 98 41.12 19.60 -16.01
N VAL I 99 40.24 20.40 -16.62
CA VAL I 99 38.99 19.86 -17.15
C VAL I 99 39.25 19.11 -18.45
N ILE I 100 40.19 19.59 -19.26
CA ILE I 100 40.58 18.86 -20.47
C ILE I 100 41.28 17.57 -20.10
N ASP I 101 42.16 17.61 -19.10
CA ASP I 101 42.83 16.40 -18.64
C ASP I 101 41.81 15.37 -18.14
N ASP I 102 40.81 15.82 -17.39
CA ASP I 102 39.83 14.89 -16.83
C ASP I 102 39.00 14.23 -17.91
N ALA I 103 38.56 15.00 -18.91
CA ALA I 103 37.74 14.44 -19.98
C ALA I 103 38.47 13.34 -20.73
N PHE I 104 39.80 13.44 -20.82
CA PHE I 104 40.60 12.35 -21.39
C PHE I 104 40.74 11.20 -20.41
N ALA I 105 41.02 11.50 -19.14
CA ALA I 105 41.16 10.45 -18.14
C ALA I 105 39.87 9.68 -17.95
N ARG I 106 38.73 10.36 -18.06
CA ARG I 106 37.43 9.68 -17.98
C ARG I 106 37.17 8.84 -19.22
N ALA I 107 37.47 9.39 -20.41
CA ALA I 107 37.26 8.65 -21.64
C ALA I 107 38.12 7.41 -21.69
N PHE I 108 39.35 7.48 -21.18
CA PHE I 108 40.19 6.29 -21.08
C PHE I 108 39.65 5.30 -20.06
N ALA I 109 39.09 5.81 -18.96
CA ALA I 109 38.53 4.94 -17.92
C ALA I 109 37.32 4.14 -18.40
N LEU I 110 36.65 4.58 -19.47
CA LEU I 110 35.63 3.75 -20.10
C LEU I 110 36.25 2.49 -20.69
N TRP I 111 37.41 2.62 -21.32
CA TRP I 111 38.07 1.52 -22.01
C TRP I 111 38.99 0.72 -21.09
N SER I 112 39.52 1.33 -20.02
CA SER I 112 40.35 0.59 -19.09
C SER I 112 39.55 -0.47 -18.35
N ALA I 113 38.25 -0.24 -18.17
CA ALA I 113 37.43 -1.19 -17.44
C ALA I 113 37.08 -2.42 -18.27
N VAL I 114 36.76 -2.21 -19.56
CA VAL I 114 36.31 -3.33 -20.39
C VAL I 114 37.46 -4.15 -20.95
N THR I 115 38.69 -3.64 -20.90
CA THR I 115 39.83 -4.30 -21.50
C THR I 115 40.87 -4.62 -20.44
N PRO I 116 41.90 -5.41 -20.77
CA PRO I 116 43.03 -5.56 -19.83
C PRO I 116 44.03 -4.41 -19.91
N LEU I 117 43.62 -3.29 -20.51
CA LEU I 117 44.52 -2.16 -20.72
C LEU I 117 44.43 -1.17 -19.58
N THR I 118 45.58 -0.58 -19.25
CA THR I 118 45.67 0.59 -18.37
C THR I 118 46.17 1.78 -19.19
N PHE I 119 46.04 2.98 -18.63
CA PHE I 119 46.42 4.20 -19.33
C PHE I 119 47.15 5.14 -18.39
N THR I 120 48.46 5.24 -18.55
CA THR I 120 49.31 6.11 -17.74
C THR I 120 49.62 7.39 -18.53
N ARG I 121 49.50 8.54 -17.87
CA ARG I 121 49.82 9.80 -18.51
C ARG I 121 51.31 10.07 -18.37
N VAL I 122 51.99 10.28 -19.50
CA VAL I 122 53.42 10.57 -19.51
C VAL I 122 53.63 11.91 -20.23
N TYR I 123 54.82 12.46 -20.06
CA TYR I 123 55.17 13.74 -20.66
C TYR I 123 56.32 13.56 -21.63
N SER I 124 56.09 12.74 -22.66
CA SER I 124 57.08 12.45 -23.68
C SER I 124 56.35 12.31 -25.01
N ARG I 125 57.11 12.24 -26.09
CA ARG I 125 56.52 11.93 -27.37
C ARG I 125 56.71 10.47 -27.76
N ASP I 126 57.37 9.67 -26.92
CA ASP I 126 57.41 8.22 -27.06
C ASP I 126 56.16 7.55 -26.50
N ALA I 127 55.20 8.33 -26.04
CA ALA I 127 53.92 7.81 -25.60
C ALA I 127 53.22 7.07 -26.74
N ASP I 128 52.40 6.08 -26.38
CA ASP I 128 51.69 5.31 -27.38
C ASP I 128 50.58 6.12 -28.02
N ILE I 129 49.85 6.90 -27.22
CA ILE I 129 48.72 7.69 -27.70
C ILE I 129 49.04 9.15 -27.42
N VAL I 130 49.30 9.93 -28.47
CA VAL I 130 49.66 11.34 -28.32
C VAL I 130 48.43 12.19 -28.62
N ILE I 131 48.02 13.00 -27.65
CA ILE I 131 46.84 13.85 -27.77
C ILE I 131 47.27 15.22 -28.28
N GLN I 132 46.60 15.69 -29.33
CA GLN I 132 46.94 16.97 -29.95
C GLN I 132 45.67 17.70 -30.36
N PHE I 133 45.72 19.03 -30.29
CA PHE I 133 44.73 19.90 -30.89
C PHE I 133 45.36 20.58 -32.12
N GLY I 134 44.53 20.83 -33.13
CA GLY I 134 45.06 21.41 -34.36
C GLY I 134 44.00 22.15 -35.14
N VAL I 135 44.45 22.86 -36.16
CA VAL I 135 43.58 23.58 -37.09
C VAL I 135 44.14 23.38 -38.49
N ALA I 136 43.27 23.00 -39.43
CA ALA I 136 43.67 22.64 -40.78
C ALA I 136 44.79 21.60 -40.75
N GLU I 137 45.91 21.90 -41.41
CA GLU I 137 47.04 20.98 -41.41
C GLU I 137 47.83 21.12 -40.11
N HIS I 138 48.31 19.99 -39.58
CA HIS I 138 48.92 20.02 -38.26
C HIS I 138 49.92 18.90 -37.99
N GLY I 139 50.45 18.24 -39.03
CA GLY I 139 51.48 17.24 -38.81
C GLY I 139 51.22 15.89 -39.45
N ASP I 140 50.14 15.79 -40.23
CA ASP I 140 49.84 14.59 -41.01
C ASP I 140 48.85 14.97 -42.10
N GLY I 141 48.87 14.22 -43.19
CA GLY I 141 48.16 14.61 -44.39
C GLY I 141 46.65 14.62 -44.34
N TYR I 142 46.08 15.01 -43.20
CA TYR I 142 44.63 14.95 -42.98
C TYR I 142 44.19 16.21 -42.25
N PRO I 143 43.94 17.29 -42.98
CA PRO I 143 43.57 18.56 -42.36
C PRO I 143 42.10 18.61 -41.98
N PHE I 144 41.67 19.77 -41.48
CA PHE I 144 40.34 20.01 -40.96
C PHE I 144 39.59 20.98 -41.86
N ASP I 145 38.30 21.22 -41.53
CA ASP I 145 37.43 22.02 -42.38
C ASP I 145 36.73 23.14 -41.61
N GLY I 146 37.28 23.57 -40.47
CA GLY I 146 36.68 24.65 -39.73
C GLY I 146 35.57 24.18 -38.81
N LYS I 147 34.62 25.08 -38.56
CA LYS I 147 33.49 24.78 -37.68
C LYS I 147 32.53 23.82 -38.36
N ASP I 148 32.02 22.85 -37.58
CA ASP I 148 31.22 21.73 -38.07
C ASP I 148 32.04 20.77 -38.90
N GLY I 149 31.38 19.97 -39.74
CA GLY I 149 32.09 18.99 -40.54
C GLY I 149 32.52 17.82 -39.69
N LEU I 150 33.74 17.34 -39.92
CA LEU I 150 34.33 16.38 -39.00
C LEU I 150 34.90 17.15 -37.80
N LEU I 151 34.76 16.55 -36.61
CA LEU I 151 35.17 17.23 -35.40
C LEU I 151 36.52 16.76 -34.86
N ALA I 152 37.00 15.60 -35.32
CA ALA I 152 38.28 15.06 -34.87
C ALA I 152 38.57 13.83 -35.74
N HIS I 153 39.70 13.18 -35.45
CA HIS I 153 40.01 11.87 -36.01
C HIS I 153 41.20 11.30 -35.23
N ALA I 154 41.53 10.04 -35.53
CA ALA I 154 42.61 9.32 -34.87
C ALA I 154 43.02 8.15 -35.75
N PHE I 155 44.08 7.46 -35.34
CA PHE I 155 44.64 6.42 -36.18
C PHE I 155 44.81 5.13 -35.40
N PRO I 156 44.72 3.98 -36.07
CA PRO I 156 44.84 2.66 -35.41
C PRO I 156 46.12 2.53 -34.62
N PRO I 157 46.25 1.48 -33.80
CA PRO I 157 47.46 1.31 -32.98
C PRO I 157 48.71 1.08 -33.82
N GLY I 158 49.85 1.34 -33.19
CA GLY I 158 51.14 1.18 -33.81
C GLY I 158 52.10 2.27 -33.41
N PRO I 159 53.34 2.19 -33.88
CA PRO I 159 54.30 3.28 -33.65
C PRO I 159 53.97 4.48 -34.53
N GLY I 160 54.65 5.59 -34.26
CA GLY I 160 54.49 6.79 -35.06
C GLY I 160 53.21 7.55 -34.83
N ILE I 161 52.62 8.08 -35.91
CA ILE I 161 51.33 8.76 -35.79
C ILE I 161 50.23 7.79 -35.38
N GLN I 162 50.46 6.50 -35.54
CA GLN I 162 49.44 5.51 -35.20
C GLN I 162 49.16 5.54 -33.70
N GLY I 163 47.90 5.35 -33.33
CA GLY I 163 47.48 5.45 -31.95
C GLY I 163 47.26 6.86 -31.47
N ASP I 164 47.74 7.87 -32.20
CA ASP I 164 47.50 9.25 -31.81
C ASP I 164 46.04 9.63 -32.05
N ALA I 165 45.54 10.53 -31.22
CA ALA I 165 44.22 11.11 -31.39
C ALA I 165 44.36 12.62 -31.54
N HIS I 166 43.77 13.18 -32.59
CA HIS I 166 43.87 14.60 -32.89
C HIS I 166 42.48 15.22 -32.87
N PHE I 167 42.39 16.44 -32.34
CA PHE I 167 41.13 17.13 -32.13
C PHE I 167 41.15 18.49 -32.82
N ASP I 168 40.07 18.81 -33.52
CA ASP I 168 39.95 20.09 -34.18
C ASP I 168 39.80 21.22 -33.15
N ASP I 169 40.38 22.38 -33.47
CA ASP I 169 40.32 23.54 -32.60
C ASP I 169 39.49 24.66 -33.17
N ASP I 170 38.91 24.48 -34.36
CA ASP I 170 37.92 25.43 -34.87
C ASP I 170 36.57 25.28 -34.20
N GLU I 171 36.40 24.25 -33.38
CA GLU I 171 35.13 23.95 -32.73
C GLU I 171 35.11 24.50 -31.31
N LEU I 172 33.91 24.79 -30.83
CA LEU I 172 33.72 25.10 -29.41
C LEU I 172 33.65 23.78 -28.66
N TRP I 173 34.53 23.63 -27.68
CA TRP I 173 34.61 22.41 -26.89
C TRP I 173 33.99 22.65 -25.52
N SER I 174 32.88 21.98 -25.25
CA SER I 174 32.20 21.96 -23.98
C SER I 174 32.33 20.55 -23.40
N LEU I 175 31.47 20.25 -22.43
CA LEU I 175 31.35 18.88 -21.93
C LEU I 175 29.87 18.54 -21.71
N GLY I 176 29.20 19.27 -20.82
CA GLY I 176 27.76 19.17 -20.73
C GLY I 176 27.10 19.74 -21.96
N LYS I 177 25.81 20.04 -21.89
CA LYS I 177 25.15 20.57 -23.07
C LYS I 177 24.94 22.07 -22.92
N GLY I 178 24.29 22.64 -23.94
CA GLY I 178 24.36 24.06 -24.21
C GLY I 178 25.17 24.25 -25.48
N GLN I 179 26.05 25.23 -25.48
CA GLN I 179 26.88 25.50 -26.65
C GLN I 179 27.98 24.46 -26.80
N GLY I 180 28.32 24.16 -28.04
CA GLY I 180 29.53 23.42 -28.33
C GLY I 180 29.38 21.92 -28.31
N TYR I 181 30.51 21.27 -28.57
CA TYR I 181 30.60 19.82 -28.63
C TYR I 181 31.29 19.28 -27.38
N SER I 182 30.91 18.06 -27.00
CA SER I 182 31.47 17.43 -25.80
C SER I 182 32.86 16.89 -26.09
N LEU I 183 33.87 17.41 -25.39
CA LEU I 183 35.22 16.87 -25.54
C LEU I 183 35.32 15.45 -25.02
N PHE I 184 34.56 15.13 -23.97
CA PHE I 184 34.62 13.79 -23.38
C PHE I 184 34.07 12.74 -24.35
N LEU I 185 32.96 13.04 -25.00
CA LEU I 185 32.35 12.06 -25.89
C LEU I 185 33.16 11.89 -27.17
N VAL I 186 33.75 12.98 -27.68
CA VAL I 186 34.63 12.87 -28.84
C VAL I 186 35.87 12.05 -28.50
N ALA I 187 36.49 12.36 -27.35
CA ALA I 187 37.68 11.63 -26.93
C ALA I 187 37.38 10.14 -26.75
N ALA I 188 36.27 9.81 -26.10
CA ALA I 188 35.92 8.41 -25.87
C ALA I 188 35.75 7.63 -27.16
N HIS I 189 35.43 8.30 -28.26
CA HIS I 189 35.32 7.65 -29.56
C HIS I 189 36.66 7.68 -30.28
N GLU I 190 37.40 8.79 -30.20
CA GLU I 190 38.71 8.83 -30.85
C GLU I 190 39.70 7.88 -30.19
N PHE I 191 39.56 7.63 -28.89
CA PHE I 191 40.39 6.62 -28.25
C PHE I 191 40.01 5.22 -28.69
N GLY I 192 38.78 5.02 -29.14
CA GLY I 192 38.38 3.72 -29.65
C GLY I 192 39.12 3.36 -30.93
N HIS I 193 39.31 4.35 -31.81
CA HIS I 193 40.13 4.13 -33.00
C HIS I 193 41.57 3.87 -32.62
N ALA I 194 42.11 4.64 -31.67
CA ALA I 194 43.47 4.44 -31.19
C ALA I 194 43.63 3.13 -30.41
N LEU I 195 42.54 2.43 -30.11
CA LEU I 195 42.61 1.09 -29.54
C LEU I 195 42.47 -0.01 -30.58
N GLY I 196 41.90 0.29 -31.74
CA GLY I 196 41.83 -0.68 -32.82
C GLY I 196 40.45 -0.90 -33.38
N LEU I 197 39.51 -0.04 -33.03
CA LEU I 197 38.11 -0.21 -33.40
C LEU I 197 37.79 0.58 -34.66
N ASP I 198 37.02 -0.03 -35.56
CA ASP I 198 36.48 0.69 -36.70
C ASP I 198 35.15 1.30 -36.30
N HIS I 199 34.20 1.34 -37.22
CA HIS I 199 32.89 1.93 -36.95
C HIS I 199 31.84 0.85 -36.77
N SER I 200 30.70 1.28 -36.26
CA SER I 200 29.49 0.48 -36.23
C SER I 200 28.38 1.28 -36.90
N SER I 201 27.32 0.58 -37.26
CA SER I 201 26.14 1.20 -37.82
C SER I 201 25.00 1.24 -36.82
N VAL I 202 25.30 0.97 -35.55
CA VAL I 202 24.34 1.07 -34.45
C VAL I 202 24.30 2.54 -34.03
N PRO I 203 23.26 3.29 -34.41
CA PRO I 203 23.28 4.75 -34.17
C PRO I 203 23.36 5.16 -32.71
N GLU I 204 23.21 4.21 -31.78
CA GLU I 204 23.34 4.44 -30.34
C GLU I 204 24.65 3.87 -29.77
N ALA I 205 25.55 3.43 -30.65
CA ALA I 205 26.87 2.96 -30.24
C ALA I 205 27.85 4.13 -30.16
N LEU I 206 28.89 3.95 -29.34
CA LEU I 206 29.90 5.00 -29.19
C LEU I 206 30.74 5.15 -30.45
N MET I 207 31.03 4.03 -31.13
CA MET I 207 31.79 4.06 -32.37
C MET I 207 30.94 4.41 -33.59
N TYR I 208 29.77 4.99 -33.38
CA TYR I 208 28.93 5.40 -34.49
C TYR I 208 29.53 6.64 -35.13
N PRO I 209 29.57 6.72 -36.47
CA PRO I 209 30.25 7.85 -37.11
C PRO I 209 29.87 9.23 -36.58
N MET I 210 28.58 9.53 -36.50
CA MET I 210 28.12 10.89 -36.19
C MET I 210 28.08 11.14 -34.68
N TYR I 211 27.98 12.41 -34.33
CA TYR I 211 28.05 12.88 -32.96
C TYR I 211 26.64 13.00 -32.40
N ARG I 212 26.31 12.12 -31.45
CA ARG I 212 25.07 12.23 -30.67
C ARG I 212 25.42 12.57 -29.24
N PHE I 213 25.00 13.73 -28.77
CA PHE I 213 25.23 14.08 -27.38
C PHE I 213 24.32 13.24 -26.49
N THR I 214 24.86 12.77 -25.38
CA THR I 214 24.07 12.03 -24.41
C THR I 214 24.62 12.29 -23.03
N GLU I 215 23.72 12.41 -22.06
CA GLU I 215 24.10 12.42 -20.66
C GLU I 215 24.07 10.98 -20.16
N GLY I 216 25.14 10.56 -19.51
CA GLY I 216 25.20 9.21 -19.02
C GLY I 216 25.93 8.25 -19.93
N PRO I 217 25.64 6.97 -19.79
CA PRO I 217 26.56 5.90 -20.23
C PRO I 217 26.85 5.98 -21.72
N PRO I 218 28.12 6.18 -22.12
CA PRO I 218 28.47 6.23 -23.54
C PRO I 218 28.58 4.87 -24.20
N LEU I 219 29.19 3.90 -23.52
CA LEU I 219 29.46 2.60 -24.12
C LEU I 219 28.15 1.88 -24.47
N HIS I 220 28.22 1.09 -25.54
CA HIS I 220 27.14 0.25 -26.03
C HIS I 220 27.67 -1.17 -26.13
N LYS I 221 26.78 -2.13 -26.40
CA LYS I 221 27.25 -3.50 -26.53
C LYS I 221 28.12 -3.69 -27.77
N ASP I 222 27.80 -2.98 -28.86
CA ASP I 222 28.53 -3.17 -30.11
C ASP I 222 29.96 -2.65 -30.03
N ASP I 223 30.26 -1.81 -29.05
CA ASP I 223 31.63 -1.35 -28.82
C ASP I 223 32.39 -2.26 -27.87
N VAL I 224 31.69 -2.97 -27.00
CA VAL I 224 32.33 -3.97 -26.15
C VAL I 224 32.43 -5.31 -26.87
N ASN I 225 31.43 -5.66 -27.68
CA ASN I 225 31.55 -6.83 -28.53
C ASN I 225 32.68 -6.68 -29.54
N GLY I 226 33.15 -5.46 -29.79
CA GLY I 226 34.25 -5.24 -30.69
C GLY I 226 35.58 -5.09 -29.97
N ILE I 227 35.55 -4.58 -28.74
CA ILE I 227 36.81 -4.28 -28.05
C ILE I 227 37.38 -5.52 -27.38
N ARG I 228 36.54 -6.47 -26.97
CA ARG I 228 37.06 -7.74 -26.49
C ARG I 228 37.47 -8.64 -27.65
N HIS I 229 36.92 -8.39 -28.84
CA HIS I 229 37.36 -9.10 -30.03
C HIS I 229 38.84 -8.89 -30.30
N LEU I 230 39.42 -7.83 -29.75
CA LEU I 230 40.84 -7.54 -29.86
C LEU I 230 41.62 -7.94 -28.61
N TYR I 231 41.09 -7.71 -27.41
CA TYR I 231 41.84 -8.01 -26.19
C TYR I 231 41.23 -9.12 -25.33
#